data_2D89
#
_entry.id   2D89
#
_entity_poly.entity_id   1
_entity_poly.type   'polypeptide(L)'
_entity_poly.pdbx_seq_one_letter_code
;GSSGSSGPNASQSLLVWCKEVTKNYRGVKITNFTTSWRNGLSFCAILHHFRPDLIDYKSLNPQDIKENNKKAYDGFASIG
ISRLLEPSDMVLLAIPDKLTVMTYLYQIRAHFSSGPSSG
;
_entity_poly.pdbx_strand_id   A
#
# COMPACT_ATOMS: atom_id res chain seq x y z
N GLY A 1 -4.71 25.68 1.32
CA GLY A 1 -3.77 25.91 2.40
C GLY A 1 -2.33 25.69 1.99
N SER A 2 -1.46 26.61 2.36
CA SER A 2 -0.04 26.51 2.02
C SER A 2 0.74 25.82 3.12
N SER A 3 1.74 25.04 2.73
CA SER A 3 2.57 24.31 3.69
C SER A 3 3.99 24.16 3.18
N GLY A 4 4.94 24.82 3.85
CA GLY A 4 6.32 24.74 3.44
C GLY A 4 6.99 23.45 3.87
N SER A 5 6.70 22.37 3.14
CA SER A 5 7.27 21.07 3.45
C SER A 5 7.26 20.82 4.96
N SER A 6 6.16 21.17 5.61
CA SER A 6 6.04 20.99 7.06
C SER A 6 5.13 19.81 7.39
N GLY A 7 5.70 18.60 7.33
CA GLY A 7 4.92 17.41 7.62
C GLY A 7 3.72 17.26 6.72
N PRO A 8 3.97 16.87 5.45
CA PRO A 8 2.91 16.69 4.46
C PRO A 8 2.03 15.47 4.76
N ASN A 9 0.78 15.73 5.16
CA ASN A 9 -0.15 14.67 5.48
C ASN A 9 -1.56 15.01 5.01
N ALA A 10 -2.29 14.00 4.54
CA ALA A 10 -3.65 14.20 4.06
C ALA A 10 -4.31 12.87 3.72
N SER A 11 -5.64 12.89 3.57
CA SER A 11 -6.39 11.68 3.25
C SER A 11 -6.40 11.43 1.75
N GLN A 12 -6.87 12.42 0.99
CA GLN A 12 -6.93 12.29 -0.47
C GLN A 12 -5.55 12.03 -1.05
N SER A 13 -4.57 12.81 -0.60
CA SER A 13 -3.20 12.67 -1.07
C SER A 13 -2.80 11.19 -1.17
N LEU A 14 -3.06 10.46 -0.09
CA LEU A 14 -2.73 9.03 -0.04
C LEU A 14 -3.57 8.24 -1.05
N LEU A 15 -4.86 8.16 -0.78
CA LEU A 15 -5.78 7.44 -1.67
C LEU A 15 -5.40 7.65 -3.13
N VAL A 16 -4.83 8.80 -3.43
CA VAL A 16 -4.41 9.13 -4.79
C VAL A 16 -3.06 8.50 -5.11
N TRP A 17 -2.10 8.70 -4.23
CA TRP A 17 -0.76 8.15 -4.42
C TRP A 17 -0.83 6.68 -4.80
N CYS A 18 -1.67 5.92 -4.12
CA CYS A 18 -1.83 4.50 -4.38
C CYS A 18 -2.55 4.27 -5.71
N LYS A 19 -3.63 5.01 -5.92
CA LYS A 19 -4.41 4.90 -7.15
C LYS A 19 -3.59 5.34 -8.36
N GLU A 20 -2.57 6.15 -8.11
CA GLU A 20 -1.71 6.65 -9.18
C GLU A 20 -0.76 5.55 -9.65
N VAL A 21 0.10 5.08 -8.76
CA VAL A 21 1.06 4.04 -9.09
C VAL A 21 0.35 2.78 -9.59
N THR A 22 -0.94 2.67 -9.29
CA THR A 22 -1.72 1.52 -9.71
C THR A 22 -2.76 1.91 -10.76
N LYS A 23 -2.53 3.05 -11.41
CA LYS A 23 -3.44 3.53 -12.44
C LYS A 23 -3.51 2.56 -13.61
N ASN A 24 -2.37 1.97 -13.95
CA ASN A 24 -2.30 1.02 -15.05
C ASN A 24 -2.24 -0.41 -14.53
N TYR A 25 -3.11 -0.72 -13.57
CA TYR A 25 -3.16 -2.06 -12.98
C TYR A 25 -4.53 -2.69 -13.19
N ARG A 26 -4.64 -3.98 -12.87
CA ARG A 26 -5.89 -4.71 -13.02
C ARG A 26 -6.44 -5.14 -11.67
N GLY A 27 -7.70 -4.81 -11.41
CA GLY A 27 -8.32 -5.18 -10.15
C GLY A 27 -7.81 -4.35 -9.00
N VAL A 28 -7.43 -3.11 -9.28
CA VAL A 28 -6.91 -2.21 -8.25
C VAL A 28 -7.84 -1.02 -8.05
N LYS A 29 -8.79 -1.15 -7.13
CA LYS A 29 -9.75 -0.09 -6.84
C LYS A 29 -9.67 0.32 -5.38
N ILE A 30 -8.77 1.25 -5.08
CA ILE A 30 -8.60 1.73 -3.71
C ILE A 30 -9.84 2.46 -3.23
N THR A 31 -10.90 1.71 -2.95
CA THR A 31 -12.15 2.28 -2.48
C THR A 31 -12.08 2.61 -0.98
N ASN A 32 -11.44 1.74 -0.22
CA ASN A 32 -11.30 1.93 1.22
C ASN A 32 -9.88 1.61 1.68
N PHE A 33 -9.55 2.02 2.89
CA PHE A 33 -8.23 1.78 3.45
C PHE A 33 -8.27 0.62 4.45
N THR A 34 -9.41 -0.04 4.52
CA THR A 34 -9.58 -1.17 5.43
C THR A 34 -9.62 -2.49 4.68
N THR A 35 -10.60 -2.63 3.79
CA THR A 35 -10.74 -3.85 3.00
C THR A 35 -9.81 -3.84 1.80
N SER A 36 -9.88 -2.78 1.00
CA SER A 36 -9.04 -2.65 -0.18
C SER A 36 -7.64 -3.21 0.09
N TRP A 37 -7.19 -3.09 1.33
CA TRP A 37 -5.87 -3.57 1.72
C TRP A 37 -5.99 -4.84 2.57
N ARG A 38 -7.16 -5.04 3.17
CA ARG A 38 -7.39 -6.21 4.01
C ARG A 38 -6.71 -7.45 3.42
N ASN A 39 -6.93 -7.67 2.12
CA ASN A 39 -6.34 -8.81 1.44
C ASN A 39 -4.85 -8.60 1.21
N GLY A 40 -4.50 -7.46 0.64
CA GLY A 40 -3.11 -7.16 0.37
C GLY A 40 -2.81 -6.98 -1.11
N LEU A 41 -3.79 -6.43 -1.84
CA LEU A 41 -3.63 -6.22 -3.27
C LEU A 41 -2.85 -4.93 -3.55
N SER A 42 -3.40 -3.80 -3.11
CA SER A 42 -2.76 -2.52 -3.31
C SER A 42 -1.33 -2.53 -2.79
N PHE A 43 -1.10 -3.29 -1.72
CA PHE A 43 0.23 -3.40 -1.13
C PHE A 43 1.22 -4.00 -2.11
N CYS A 44 0.78 -5.05 -2.81
CA CYS A 44 1.64 -5.72 -3.79
C CYS A 44 1.70 -4.93 -5.09
N ALA A 45 0.59 -4.29 -5.44
CA ALA A 45 0.52 -3.50 -6.66
C ALA A 45 1.53 -2.36 -6.64
N ILE A 46 1.57 -1.64 -5.53
CA ILE A 46 2.49 -0.52 -5.38
C ILE A 46 3.93 -0.97 -5.54
N LEU A 47 4.36 -1.90 -4.70
CA LEU A 47 5.73 -2.41 -4.75
C LEU A 47 6.05 -2.95 -6.15
N HIS A 48 5.02 -3.42 -6.85
CA HIS A 48 5.19 -3.95 -8.20
C HIS A 48 5.44 -2.84 -9.20
N HIS A 49 4.88 -1.65 -8.92
CA HIS A 49 5.04 -0.51 -9.79
C HIS A 49 6.51 -0.15 -9.96
N PHE A 50 7.21 0.01 -8.84
CA PHE A 50 8.63 0.36 -8.87
C PHE A 50 9.48 -0.85 -9.24
N ARG A 51 9.27 -1.96 -8.52
CA ARG A 51 10.02 -3.18 -8.77
C ARG A 51 9.08 -4.36 -8.94
N PRO A 52 8.63 -4.59 -10.19
CA PRO A 52 7.72 -5.69 -10.53
C PRO A 52 8.39 -7.05 -10.42
N ASP A 53 9.69 -7.04 -10.16
CA ASP A 53 10.45 -8.28 -10.03
C ASP A 53 10.71 -8.61 -8.56
N LEU A 54 9.95 -7.97 -7.67
CA LEU A 54 10.10 -8.20 -6.23
C LEU A 54 8.97 -9.08 -5.71
N ILE A 55 7.78 -8.91 -6.27
CA ILE A 55 6.63 -9.70 -5.84
C ILE A 55 6.07 -10.53 -7.00
N ASP A 56 5.00 -11.27 -6.74
CA ASP A 56 4.38 -12.11 -7.76
C ASP A 56 3.00 -11.58 -8.13
N TYR A 57 2.81 -10.28 -7.94
CA TYR A 57 1.53 -9.64 -8.25
C TYR A 57 1.07 -10.01 -9.66
N LYS A 58 2.02 -10.43 -10.49
CA LYS A 58 1.72 -10.82 -11.87
C LYS A 58 0.73 -11.97 -11.90
N SER A 59 0.81 -12.85 -10.90
CA SER A 59 -0.08 -14.01 -10.83
C SER A 59 -0.73 -14.09 -9.45
N LEU A 60 -1.01 -12.94 -8.86
CA LEU A 60 -1.64 -12.88 -7.54
C LEU A 60 -3.15 -12.81 -7.67
N ASN A 61 -3.82 -12.65 -6.53
CA ASN A 61 -5.28 -12.57 -6.52
C ASN A 61 -5.78 -12.23 -5.11
N PRO A 62 -7.03 -11.72 -5.04
CA PRO A 62 -7.66 -11.34 -3.77
C PRO A 62 -8.00 -12.55 -2.92
N GLN A 63 -7.63 -13.74 -3.39
CA GLN A 63 -7.90 -14.97 -2.67
C GLN A 63 -6.88 -15.20 -1.57
N ASP A 64 -5.85 -14.36 -1.55
CA ASP A 64 -4.79 -14.45 -0.54
C ASP A 64 -4.75 -13.20 0.33
N ILE A 65 -5.08 -13.36 1.60
CA ILE A 65 -5.08 -12.24 2.54
C ILE A 65 -3.76 -12.18 3.32
N LYS A 66 -3.36 -13.33 3.87
CA LYS A 66 -2.13 -13.41 4.64
C LYS A 66 -0.91 -13.25 3.74
N GLU A 67 -0.81 -14.09 2.72
CA GLU A 67 0.30 -14.04 1.79
C GLU A 67 0.46 -12.64 1.20
N ASN A 68 -0.51 -12.25 0.38
CA ASN A 68 -0.48 -10.93 -0.26
C ASN A 68 0.14 -9.89 0.68
N ASN A 69 -0.22 -9.96 1.96
CA ASN A 69 0.31 -9.03 2.95
C ASN A 69 1.77 -9.34 3.27
N LYS A 70 2.03 -10.60 3.62
CA LYS A 70 3.39 -11.03 3.96
C LYS A 70 4.37 -10.63 2.84
N LYS A 71 4.00 -10.95 1.61
CA LYS A 71 4.84 -10.63 0.46
C LYS A 71 5.28 -9.17 0.49
N ALA A 72 4.34 -8.28 0.77
CA ALA A 72 4.63 -6.86 0.83
C ALA A 72 5.65 -6.55 1.92
N TYR A 73 5.26 -6.75 3.17
CA TYR A 73 6.13 -6.50 4.30
C TYR A 73 7.55 -7.03 4.03
N ASP A 74 7.62 -8.11 3.27
CA ASP A 74 8.91 -8.72 2.94
C ASP A 74 9.71 -7.81 2.01
N GLY A 75 9.03 -7.22 1.03
CA GLY A 75 9.70 -6.34 0.09
C GLY A 75 9.92 -4.96 0.66
N PHE A 76 8.83 -4.32 1.11
CA PHE A 76 8.90 -2.98 1.67
C PHE A 76 9.96 -2.91 2.77
N ALA A 77 9.85 -3.81 3.74
CA ALA A 77 10.81 -3.85 4.85
C ALA A 77 12.20 -4.24 4.37
N SER A 78 12.29 -4.63 3.09
CA SER A 78 13.56 -5.03 2.52
C SER A 78 14.46 -3.82 2.29
N ILE A 79 13.85 -2.69 1.93
CA ILE A 79 14.60 -1.47 1.67
C ILE A 79 14.84 -0.70 2.97
N GLY A 80 14.00 -0.95 3.97
CA GLY A 80 14.15 -0.29 5.25
C GLY A 80 12.84 0.29 5.76
N ILE A 81 11.74 -0.33 5.36
CA ILE A 81 10.41 0.12 5.79
C ILE A 81 9.89 -0.72 6.94
N SER A 82 10.08 -0.24 8.16
CA SER A 82 9.63 -0.95 9.35
C SER A 82 8.21 -1.49 9.15
N ARG A 83 7.98 -2.71 9.61
CA ARG A 83 6.67 -3.33 9.49
C ARG A 83 5.79 -2.98 10.68
N LEU A 84 4.58 -2.51 10.39
CA LEU A 84 3.63 -2.13 11.43
C LEU A 84 2.42 -3.05 11.44
N LEU A 85 1.94 -3.40 10.24
CA LEU A 85 0.79 -4.28 10.10
C LEU A 85 1.24 -5.72 9.87
N GLU A 86 0.42 -6.67 10.31
CA GLU A 86 0.72 -8.09 10.15
C GLU A 86 -0.22 -8.73 9.15
N PRO A 87 0.30 -9.72 8.39
CA PRO A 87 -0.48 -10.44 7.38
C PRO A 87 -1.53 -11.35 8.01
N SER A 88 -1.16 -12.06 9.06
CA SER A 88 -2.07 -12.96 9.74
C SER A 88 -3.26 -12.20 10.32
N ASP A 89 -2.97 -11.16 11.10
CA ASP A 89 -4.01 -10.35 11.72
C ASP A 89 -5.20 -10.17 10.76
N MET A 90 -4.90 -9.66 9.57
CA MET A 90 -5.94 -9.43 8.57
C MET A 90 -6.91 -10.62 8.50
N VAL A 91 -6.35 -11.82 8.58
CA VAL A 91 -7.16 -13.03 8.53
C VAL A 91 -7.82 -13.31 9.89
N LEU A 92 -7.06 -13.12 10.96
CA LEU A 92 -7.57 -13.34 12.31
C LEU A 92 -8.86 -12.57 12.55
N LEU A 93 -9.02 -11.47 11.83
CA LEU A 93 -10.21 -10.64 11.96
C LEU A 93 -10.85 -10.38 10.59
N ALA A 94 -11.88 -9.55 10.57
CA ALA A 94 -12.58 -9.23 9.33
C ALA A 94 -12.06 -7.92 8.75
N ILE A 95 -12.31 -6.81 9.45
CA ILE A 95 -11.88 -5.51 8.99
C ILE A 95 -10.71 -4.99 9.84
N PRO A 96 -9.62 -4.59 9.16
CA PRO A 96 -8.42 -4.07 9.83
C PRO A 96 -8.66 -2.70 10.47
N ASP A 97 -7.62 -2.15 11.07
CA ASP A 97 -7.71 -0.85 11.72
C ASP A 97 -7.32 0.28 10.75
N LYS A 98 -8.31 1.03 10.30
CA LYS A 98 -8.07 2.13 9.37
C LYS A 98 -6.92 3.01 9.86
N LEU A 99 -6.92 3.32 11.16
CA LEU A 99 -5.88 4.15 11.74
C LEU A 99 -4.50 3.51 11.55
N THR A 100 -4.40 2.22 11.90
CA THR A 100 -3.14 1.50 11.76
C THR A 100 -2.69 1.44 10.31
N VAL A 101 -3.50 0.79 9.47
CA VAL A 101 -3.18 0.66 8.05
C VAL A 101 -2.65 1.98 7.48
N MET A 102 -3.48 3.02 7.52
CA MET A 102 -3.09 4.33 7.02
C MET A 102 -1.68 4.69 7.48
N THR A 103 -1.43 4.50 8.78
CA THR A 103 -0.13 4.81 9.36
C THR A 103 1.00 4.15 8.57
N TYR A 104 0.89 2.84 8.39
CA TYR A 104 1.90 2.08 7.67
C TYR A 104 2.04 2.59 6.24
N LEU A 105 0.91 2.81 5.58
CA LEU A 105 0.91 3.30 4.20
C LEU A 105 1.75 4.56 4.07
N TYR A 106 1.42 5.57 4.87
CA TYR A 106 2.14 6.84 4.84
C TYR A 106 3.65 6.60 4.74
N GLN A 107 4.13 5.63 5.51
CA GLN A 107 5.55 5.30 5.51
C GLN A 107 6.05 5.01 4.09
N ILE A 108 5.46 4.01 3.45
CA ILE A 108 5.83 3.64 2.10
C ILE A 108 5.83 4.85 1.18
N ARG A 109 4.70 5.54 1.12
CA ARG A 109 4.56 6.72 0.27
C ARG A 109 5.65 7.73 0.58
N ALA A 110 6.05 7.80 1.85
CA ALA A 110 7.09 8.74 2.27
C ALA A 110 8.45 8.32 1.75
N HIS A 111 8.77 7.03 1.88
CA HIS A 111 10.04 6.50 1.42
C HIS A 111 10.32 6.93 -0.01
N PHE A 112 9.46 6.52 -0.93
CA PHE A 112 9.62 6.87 -2.33
C PHE A 112 9.57 8.38 -2.53
N SER A 113 8.61 9.02 -1.88
CA SER A 113 8.44 10.47 -1.98
C SER A 113 8.73 11.14 -0.65
N SER A 114 9.97 11.60 -0.48
CA SER A 114 10.37 12.27 0.75
C SER A 114 9.29 13.23 1.23
N GLY A 115 9.26 13.47 2.54
CA GLY A 115 8.27 14.37 3.10
C GLY A 115 8.35 14.45 4.61
N PRO A 116 7.64 13.53 5.30
CA PRO A 116 7.62 13.48 6.76
C PRO A 116 8.95 13.02 7.35
N SER A 117 9.38 13.69 8.41
CA SER A 117 10.64 13.36 9.06
C SER A 117 10.43 13.10 10.55
N SER A 118 10.05 11.88 10.89
CA SER A 118 9.82 11.51 12.29
C SER A 118 11.13 11.21 13.00
N GLY A 119 11.24 11.65 14.25
CA GLY A 119 12.45 11.42 15.02
C GLY A 119 13.49 12.50 14.80
N GLY A 1 -7.75 8.38 -14.58
CA GLY A 1 -6.99 9.59 -14.86
C GLY A 1 -6.44 10.22 -13.59
N SER A 2 -5.19 10.67 -13.67
CA SER A 2 -4.53 11.30 -12.52
C SER A 2 -4.12 12.73 -12.84
N SER A 3 -4.84 13.69 -12.28
CA SER A 3 -4.55 15.11 -12.50
C SER A 3 -3.04 15.36 -12.51
N GLY A 4 -2.38 14.99 -11.43
CA GLY A 4 -0.95 15.19 -11.33
C GLY A 4 -0.45 15.13 -9.90
N SER A 5 0.70 15.74 -9.65
CA SER A 5 1.29 15.76 -8.32
C SER A 5 1.09 17.11 -7.65
N SER A 6 0.07 17.21 -6.81
CA SER A 6 -0.23 18.46 -6.11
C SER A 6 0.54 18.54 -4.78
N GLY A 7 0.49 17.45 -4.01
CA GLY A 7 1.19 17.43 -2.75
C GLY A 7 0.37 16.78 -1.65
N PRO A 8 0.78 16.99 -0.39
CA PRO A 8 0.09 16.43 0.77
C PRO A 8 -1.26 17.08 1.02
N ASN A 9 -2.31 16.48 0.45
CA ASN A 9 -3.67 17.00 0.61
C ASN A 9 -4.38 16.33 1.79
N ALA A 10 -5.41 17.00 2.30
CA ALA A 10 -6.18 16.47 3.41
C ALA A 10 -6.58 15.01 3.16
N SER A 11 -5.76 14.09 3.65
CA SER A 11 -6.02 12.67 3.48
C SER A 11 -6.59 12.37 2.09
N GLN A 12 -6.00 13.01 1.08
CA GLN A 12 -6.44 12.82 -0.29
C GLN A 12 -5.28 12.35 -1.18
N SER A 13 -4.09 12.81 -0.86
CA SER A 13 -2.89 12.43 -1.63
C SER A 13 -2.63 10.94 -1.52
N LEU A 14 -2.82 10.39 -0.32
CA LEU A 14 -2.60 8.97 -0.08
C LEU A 14 -3.46 8.12 -1.01
N LEU A 15 -4.78 8.28 -0.89
CA LEU A 15 -5.72 7.53 -1.71
C LEU A 15 -5.40 7.70 -3.20
N VAL A 16 -4.68 8.79 -3.52
CA VAL A 16 -4.30 9.07 -4.90
C VAL A 16 -2.96 8.45 -5.24
N TRP A 17 -2.08 8.37 -4.25
CA TRP A 17 -0.75 7.79 -4.45
C TRP A 17 -0.85 6.30 -4.78
N CYS A 18 -1.69 5.58 -4.04
CA CYS A 18 -1.87 4.16 -4.27
C CYS A 18 -2.66 3.90 -5.55
N LYS A 19 -3.55 4.82 -5.88
CA LYS A 19 -4.36 4.70 -7.09
C LYS A 19 -3.59 5.15 -8.32
N GLU A 20 -2.67 6.08 -8.12
CA GLU A 20 -1.85 6.59 -9.22
C GLU A 20 -0.87 5.53 -9.72
N VAL A 21 -0.16 4.91 -8.79
CA VAL A 21 0.82 3.87 -9.13
C VAL A 21 0.12 2.62 -9.64
N THR A 22 -1.14 2.44 -9.23
CA THR A 22 -1.92 1.28 -9.66
C THR A 22 -2.99 1.68 -10.65
N LYS A 23 -2.80 2.81 -11.32
CA LYS A 23 -3.75 3.30 -12.30
C LYS A 23 -3.89 2.32 -13.46
N ASN A 24 -2.79 1.67 -13.82
CA ASN A 24 -2.79 0.70 -14.91
C ASN A 24 -2.71 -0.73 -14.37
N TYR A 25 -3.54 -1.03 -13.37
CA TYR A 25 -3.55 -2.36 -12.77
C TYR A 25 -4.93 -3.00 -12.91
N ARG A 26 -5.06 -4.22 -12.41
CA ARG A 26 -6.31 -4.95 -12.49
C ARG A 26 -6.79 -5.34 -11.09
N GLY A 27 -8.04 -4.98 -10.78
CA GLY A 27 -8.60 -5.30 -9.48
C GLY A 27 -8.02 -4.46 -8.37
N VAL A 28 -7.66 -3.21 -8.69
CA VAL A 28 -7.09 -2.31 -7.72
C VAL A 28 -7.96 -1.07 -7.55
N LYS A 29 -8.93 -1.16 -6.64
CA LYS A 29 -9.83 -0.04 -6.37
C LYS A 29 -9.73 0.41 -4.92
N ILE A 30 -8.77 1.29 -4.64
CA ILE A 30 -8.57 1.80 -3.29
C ILE A 30 -9.72 2.70 -2.87
N THR A 31 -10.87 2.08 -2.56
CA THR A 31 -12.05 2.83 -2.13
C THR A 31 -11.97 3.18 -0.66
N ASN A 32 -11.32 2.33 0.12
CA ASN A 32 -11.16 2.56 1.55
C ASN A 32 -9.75 2.24 2.02
N PHE A 33 -9.50 2.39 3.30
CA PHE A 33 -8.18 2.12 3.88
C PHE A 33 -8.26 0.99 4.90
N THR A 34 -9.27 0.13 4.76
CA THR A 34 -9.45 -0.99 5.66
C THR A 34 -9.51 -2.31 4.90
N THR A 35 -10.62 -2.53 4.18
CA THR A 35 -10.79 -3.75 3.41
C THR A 35 -9.94 -3.73 2.15
N SER A 36 -10.00 -2.62 1.42
CA SER A 36 -9.24 -2.48 0.18
C SER A 36 -7.80 -2.97 0.37
N TRP A 37 -7.34 -2.98 1.61
CA TRP A 37 -6.00 -3.43 1.92
C TRP A 37 -6.02 -4.75 2.68
N ARG A 38 -7.13 -5.02 3.37
CA ARG A 38 -7.28 -6.24 4.14
C ARG A 38 -6.64 -7.42 3.41
N ASN A 39 -6.98 -7.56 2.13
CA ASN A 39 -6.43 -8.65 1.31
C ASN A 39 -4.93 -8.49 1.10
N GLY A 40 -4.52 -7.26 0.76
CA GLY A 40 -3.11 -7.01 0.55
C GLY A 40 -2.77 -6.86 -0.92
N LEU A 41 -3.73 -6.38 -1.71
CA LEU A 41 -3.53 -6.19 -3.14
C LEU A 41 -2.75 -4.92 -3.42
N SER A 42 -3.31 -3.78 -3.01
CA SER A 42 -2.67 -2.49 -3.22
C SER A 42 -1.23 -2.52 -2.71
N PHE A 43 -1.00 -3.29 -1.65
CA PHE A 43 0.33 -3.40 -1.07
C PHE A 43 1.31 -4.03 -2.05
N CYS A 44 0.89 -5.12 -2.69
CA CYS A 44 1.72 -5.82 -3.66
C CYS A 44 1.80 -5.04 -4.98
N ALA A 45 0.69 -4.43 -5.36
CA ALA A 45 0.62 -3.66 -6.59
C ALA A 45 1.62 -2.51 -6.57
N ILE A 46 1.64 -1.77 -5.47
CA ILE A 46 2.53 -0.63 -5.32
C ILE A 46 3.99 -1.07 -5.48
N LEU A 47 4.43 -1.99 -4.62
CA LEU A 47 5.79 -2.50 -4.67
C LEU A 47 6.11 -3.10 -6.02
N HIS A 48 5.07 -3.56 -6.72
CA HIS A 48 5.23 -4.16 -8.04
C HIS A 48 5.33 -3.09 -9.12
N HIS A 49 4.84 -1.90 -8.80
CA HIS A 49 4.88 -0.78 -9.75
C HIS A 49 6.31 -0.34 -10.02
N PHE A 50 7.01 0.06 -8.96
CA PHE A 50 8.39 0.50 -9.09
C PHE A 50 9.32 -0.67 -9.37
N ARG A 51 9.08 -1.78 -8.67
CA ARG A 51 9.90 -2.99 -8.84
C ARG A 51 9.02 -4.22 -8.95
N PRO A 52 8.53 -4.49 -10.17
CA PRO A 52 7.66 -5.65 -10.43
C PRO A 52 8.43 -6.97 -10.35
N ASP A 53 9.72 -6.88 -10.06
CA ASP A 53 10.56 -8.07 -9.96
C ASP A 53 10.79 -8.43 -8.49
N LEU A 54 10.00 -7.84 -7.61
CA LEU A 54 10.12 -8.10 -6.18
C LEU A 54 8.98 -8.99 -5.68
N ILE A 55 7.84 -8.90 -6.37
CA ILE A 55 6.68 -9.69 -6.00
C ILE A 55 6.14 -10.47 -7.20
N ASP A 56 5.02 -11.16 -7.00
CA ASP A 56 4.41 -11.95 -8.06
C ASP A 56 3.02 -11.42 -8.39
N TYR A 57 2.80 -10.14 -8.14
CA TYR A 57 1.51 -9.51 -8.40
C TYR A 57 1.04 -9.80 -9.82
N LYS A 58 1.98 -10.17 -10.68
CA LYS A 58 1.68 -10.47 -12.07
C LYS A 58 0.71 -11.65 -12.17
N SER A 59 0.81 -12.56 -11.21
CA SER A 59 -0.05 -13.74 -11.18
C SER A 59 -0.69 -13.92 -9.81
N LEU A 60 -0.98 -12.81 -9.15
CA LEU A 60 -1.59 -12.84 -7.83
C LEU A 60 -3.11 -12.81 -7.93
N ASN A 61 -3.78 -12.80 -6.77
CA ASN A 61 -5.23 -12.75 -6.74
C ASN A 61 -5.73 -12.42 -5.33
N PRO A 62 -6.99 -11.95 -5.25
CA PRO A 62 -7.61 -11.57 -3.98
C PRO A 62 -7.90 -12.78 -3.10
N GLN A 63 -7.48 -13.96 -3.56
CA GLN A 63 -7.69 -15.19 -2.80
C GLN A 63 -6.64 -15.34 -1.71
N ASP A 64 -5.61 -14.51 -1.77
CA ASP A 64 -4.53 -14.56 -0.78
C ASP A 64 -4.54 -13.30 0.09
N ILE A 65 -4.84 -13.47 1.36
CA ILE A 65 -4.89 -12.36 2.30
C ILE A 65 -3.63 -12.32 3.16
N LYS A 66 -3.33 -13.43 3.83
CA LYS A 66 -2.15 -13.53 4.69
C LYS A 66 -0.88 -13.58 3.85
N GLU A 67 -0.97 -14.21 2.68
CA GLU A 67 0.19 -14.33 1.80
C GLU A 67 0.49 -13.00 1.12
N ASN A 68 -0.46 -12.50 0.34
CA ASN A 68 -0.29 -11.23 -0.37
C ASN A 68 0.40 -10.21 0.52
N ASN A 69 -0.12 -10.03 1.73
CA ASN A 69 0.44 -9.08 2.68
C ASN A 69 1.88 -9.45 3.04
N LYS A 70 2.07 -10.66 3.55
CA LYS A 70 3.39 -11.13 3.92
C LYS A 70 4.42 -10.78 2.86
N LYS A 71 4.08 -11.03 1.61
CA LYS A 71 4.97 -10.73 0.48
C LYS A 71 5.46 -9.29 0.56
N ALA A 72 4.52 -8.35 0.56
CA ALA A 72 4.85 -6.93 0.62
C ALA A 72 5.79 -6.64 1.79
N TYR A 73 5.31 -6.87 3.00
CA TYR A 73 6.10 -6.63 4.20
C TYR A 73 7.56 -7.02 3.98
N ASP A 74 7.77 -8.01 3.10
CA ASP A 74 9.12 -8.48 2.80
C ASP A 74 9.83 -7.51 1.86
N GLY A 75 9.12 -7.05 0.83
CA GLY A 75 9.72 -6.13 -0.12
C GLY A 75 9.90 -4.74 0.47
N PHE A 76 8.93 -4.30 1.25
CA PHE A 76 8.98 -2.98 1.87
C PHE A 76 9.98 -2.96 3.03
N ALA A 77 9.91 -3.98 3.88
CA ALA A 77 10.80 -4.09 5.02
C ALA A 77 12.23 -4.36 4.57
N SER A 78 12.38 -4.92 3.38
CA SER A 78 13.70 -5.24 2.84
C SER A 78 14.56 -3.99 2.74
N ILE A 79 13.97 -2.90 2.25
CA ILE A 79 14.68 -1.64 2.11
C ILE A 79 14.92 -0.98 3.46
N GLY A 80 13.94 -1.13 4.36
CA GLY A 80 14.06 -0.55 5.68
C GLY A 80 12.77 0.09 6.16
N ILE A 81 11.65 -0.56 5.87
CA ILE A 81 10.34 -0.04 6.25
C ILE A 81 9.72 -0.91 7.34
N SER A 82 9.92 -0.53 8.60
CA SER A 82 9.37 -1.29 9.71
C SER A 82 7.98 -1.82 9.39
N ARG A 83 7.74 -3.08 9.74
CA ARG A 83 6.46 -3.71 9.48
C ARG A 83 5.47 -3.44 10.62
N LEU A 84 4.53 -2.54 10.37
CA LEU A 84 3.52 -2.19 11.37
C LEU A 84 2.35 -3.16 11.34
N LEU A 85 1.77 -3.33 10.16
CA LEU A 85 0.63 -4.23 9.99
C LEU A 85 1.10 -5.66 9.77
N GLU A 86 0.31 -6.61 10.25
CA GLU A 86 0.65 -8.03 10.12
C GLU A 86 -0.27 -8.71 9.11
N PRO A 87 0.26 -9.72 8.41
CA PRO A 87 -0.49 -10.48 7.41
C PRO A 87 -1.57 -11.36 8.04
N SER A 88 -1.20 -12.09 9.08
CA SER A 88 -2.13 -12.97 9.78
C SER A 88 -3.27 -12.17 10.41
N ASP A 89 -2.91 -11.27 11.33
CA ASP A 89 -3.89 -10.44 12.01
C ASP A 89 -5.05 -10.09 11.08
N MET A 90 -4.71 -9.67 9.86
CA MET A 90 -5.73 -9.30 8.88
C MET A 90 -6.77 -10.42 8.72
N VAL A 91 -6.29 -11.65 8.61
CA VAL A 91 -7.17 -12.80 8.46
C VAL A 91 -7.98 -13.05 9.73
N LEU A 92 -7.29 -13.02 10.87
CA LEU A 92 -7.94 -13.24 12.16
C LEU A 92 -9.20 -12.39 12.29
N LEU A 93 -9.02 -11.07 12.28
CA LEU A 93 -10.15 -10.15 12.40
C LEU A 93 -10.85 -9.99 11.06
N ALA A 94 -11.96 -9.26 11.07
CA ALA A 94 -12.73 -9.02 9.85
C ALA A 94 -12.21 -7.78 9.11
N ILE A 95 -12.33 -6.63 9.74
CA ILE A 95 -11.88 -5.37 9.15
C ILE A 95 -10.72 -4.78 9.93
N PRO A 96 -9.64 -4.44 9.21
CA PRO A 96 -8.43 -3.86 9.82
C PRO A 96 -8.67 -2.44 10.31
N ASP A 97 -7.91 -2.03 11.33
CA ASP A 97 -8.03 -0.69 11.89
C ASP A 97 -7.52 0.35 10.91
N LYS A 98 -8.45 1.00 10.20
CA LYS A 98 -8.09 2.02 9.23
C LYS A 98 -6.94 2.89 9.75
N LEU A 99 -7.05 3.34 11.00
CA LEU A 99 -6.03 4.17 11.61
C LEU A 99 -4.65 3.53 11.46
N THR A 100 -4.54 2.26 11.83
CA THR A 100 -3.28 1.54 11.74
C THR A 100 -2.78 1.50 10.30
N VAL A 101 -3.44 0.71 9.47
CA VAL A 101 -3.06 0.59 8.06
C VAL A 101 -2.58 1.93 7.51
N MET A 102 -3.45 2.93 7.57
CA MET A 102 -3.12 4.26 7.08
C MET A 102 -1.74 4.70 7.56
N THR A 103 -1.51 4.56 8.86
CA THR A 103 -0.23 4.93 9.45
C THR A 103 0.93 4.25 8.75
N TYR A 104 0.70 3.03 8.27
CA TYR A 104 1.72 2.26 7.57
C TYR A 104 1.91 2.78 6.14
N LEU A 105 0.79 3.02 5.47
CA LEU A 105 0.82 3.51 4.09
C LEU A 105 1.67 4.77 3.98
N TYR A 106 1.40 5.74 4.84
CA TYR A 106 2.14 6.99 4.84
C TYR A 106 3.65 6.74 4.79
N GLN A 107 4.08 5.68 5.47
CA GLN A 107 5.49 5.33 5.50
C GLN A 107 6.00 5.00 4.10
N ILE A 108 5.42 3.96 3.50
CA ILE A 108 5.82 3.54 2.16
C ILE A 108 5.76 4.71 1.17
N ARG A 109 4.58 5.33 1.06
CA ARG A 109 4.39 6.45 0.15
C ARG A 109 5.42 7.54 0.42
N ALA A 110 5.80 7.71 1.69
CA ALA A 110 6.77 8.71 2.07
C ALA A 110 8.16 8.36 1.55
N HIS A 111 8.63 7.16 1.90
CA HIS A 111 9.95 6.71 1.46
C HIS A 111 10.05 6.72 -0.06
N PHE A 112 9.08 6.09 -0.72
CA PHE A 112 9.06 6.03 -2.18
C PHE A 112 8.93 7.43 -2.78
N SER A 113 8.07 8.25 -2.18
CA SER A 113 7.85 9.61 -2.66
C SER A 113 7.73 10.58 -1.49
N SER A 114 8.36 11.75 -1.64
CA SER A 114 8.32 12.76 -0.60
C SER A 114 7.25 13.81 -0.88
N GLY A 115 7.02 14.69 0.08
CA GLY A 115 6.02 15.73 -0.08
C GLY A 115 6.55 16.94 -0.82
N PRO A 116 6.75 18.04 -0.08
CA PRO A 116 7.27 19.30 -0.65
C PRO A 116 8.73 19.19 -1.08
N SER A 117 9.13 20.01 -2.03
CA SER A 117 10.50 20.01 -2.53
C SER A 117 11.44 20.67 -1.52
N SER A 118 11.90 19.88 -0.54
CA SER A 118 12.80 20.39 0.49
C SER A 118 14.23 20.47 -0.04
N GLY A 119 14.39 21.06 -1.22
CA GLY A 119 15.71 21.19 -1.81
C GLY A 119 16.40 22.47 -1.41
N GLY A 1 -11.05 21.50 -6.37
CA GLY A 1 -9.61 21.66 -6.16
C GLY A 1 -8.93 20.35 -5.82
N SER A 2 -7.63 20.31 -6.04
CA SER A 2 -6.84 19.10 -5.76
C SER A 2 -5.94 19.31 -4.55
N SER A 3 -5.92 18.35 -3.65
CA SER A 3 -5.09 18.43 -2.45
C SER A 3 -3.65 18.79 -2.81
N GLY A 4 -3.13 18.14 -3.85
CA GLY A 4 -1.76 18.41 -4.27
C GLY A 4 -0.86 17.21 -4.10
N SER A 5 0.17 17.12 -4.94
CA SER A 5 1.11 16.01 -4.88
C SER A 5 2.05 16.15 -3.69
N SER A 6 2.56 17.36 -3.49
CA SER A 6 3.49 17.63 -2.38
C SER A 6 2.73 18.20 -1.19
N GLY A 7 2.21 17.30 -0.35
CA GLY A 7 1.48 17.74 0.83
C GLY A 7 0.82 16.58 1.55
N PRO A 8 1.58 15.89 2.41
CA PRO A 8 1.08 14.75 3.18
C PRO A 8 0.09 15.17 4.25
N ASN A 9 -0.13 16.47 4.38
CA ASN A 9 -1.05 17.00 5.38
C ASN A 9 -2.45 16.41 5.18
N ALA A 10 -3.01 16.63 3.99
CA ALA A 10 -4.33 16.13 3.67
C ALA A 10 -4.32 14.61 3.51
N SER A 11 -5.40 13.96 3.95
CA SER A 11 -5.51 12.51 3.86
C SER A 11 -5.95 12.08 2.46
N GLN A 12 -6.02 13.05 1.55
CA GLN A 12 -6.43 12.78 0.18
C GLN A 12 -5.24 12.39 -0.69
N SER A 13 -4.16 13.16 -0.57
CA SER A 13 -2.95 12.90 -1.34
C SER A 13 -2.60 11.42 -1.32
N LEU A 14 -2.80 10.79 -0.17
CA LEU A 14 -2.51 9.37 -0.01
C LEU A 14 -3.34 8.53 -0.98
N LEU A 15 -4.65 8.51 -0.77
CA LEU A 15 -5.56 7.75 -1.62
C LEU A 15 -5.18 7.91 -3.08
N VAL A 16 -4.85 9.13 -3.49
CA VAL A 16 -4.46 9.41 -4.86
C VAL A 16 -3.11 8.78 -5.20
N TRP A 17 -2.14 9.00 -4.32
CA TRP A 17 -0.80 8.45 -4.52
C TRP A 17 -0.87 6.99 -4.94
N CYS A 18 -1.65 6.21 -4.21
CA CYS A 18 -1.80 4.79 -4.50
C CYS A 18 -2.46 4.58 -5.87
N LYS A 19 -3.73 4.96 -5.97
CA LYS A 19 -4.48 4.81 -7.21
C LYS A 19 -3.64 5.25 -8.40
N GLU A 20 -2.65 6.11 -8.14
CA GLU A 20 -1.78 6.60 -9.20
C GLU A 20 -0.80 5.51 -9.65
N VAL A 21 -0.02 4.99 -8.70
CA VAL A 21 0.96 3.94 -9.00
C VAL A 21 0.27 2.70 -9.53
N THR A 22 -1.00 2.52 -9.18
CA THR A 22 -1.77 1.37 -9.63
C THR A 22 -2.84 1.78 -10.63
N LYS A 23 -2.63 2.91 -11.28
CA LYS A 23 -3.58 3.41 -12.28
C LYS A 23 -3.65 2.48 -13.48
N ASN A 24 -2.54 1.80 -13.76
CA ASN A 24 -2.48 0.88 -14.89
C ASN A 24 -2.41 -0.57 -14.41
N TYR A 25 -3.26 -0.91 -13.45
CA TYR A 25 -3.29 -2.26 -12.90
C TYR A 25 -4.66 -2.91 -13.13
N ARG A 26 -4.79 -4.17 -12.71
CA ARG A 26 -6.04 -4.90 -12.87
C ARG A 26 -6.62 -5.29 -11.50
N GLY A 27 -7.87 -4.92 -11.27
CA GLY A 27 -8.52 -5.24 -10.01
C GLY A 27 -7.92 -4.48 -8.85
N VAL A 28 -7.44 -3.26 -9.12
CA VAL A 28 -6.84 -2.43 -8.08
C VAL A 28 -7.69 -1.19 -7.81
N LYS A 29 -8.62 -1.32 -6.88
CA LYS A 29 -9.50 -0.21 -6.52
C LYS A 29 -9.37 0.13 -5.03
N ILE A 30 -8.76 1.27 -4.73
CA ILE A 30 -8.57 1.70 -3.36
C ILE A 30 -9.70 2.62 -2.91
N THR A 31 -10.87 2.04 -2.66
CA THR A 31 -12.03 2.81 -2.23
C THR A 31 -11.95 3.15 -0.75
N ASN A 32 -11.29 2.28 0.01
CA ASN A 32 -11.14 2.49 1.45
C ASN A 32 -9.74 2.11 1.91
N PHE A 33 -9.48 2.26 3.20
CA PHE A 33 -8.18 1.94 3.78
C PHE A 33 -8.31 0.83 4.82
N THR A 34 -9.37 0.05 4.71
CA THR A 34 -9.61 -1.05 5.65
C THR A 34 -9.60 -2.39 4.94
N THR A 35 -10.66 -2.66 4.18
CA THR A 35 -10.78 -3.92 3.44
C THR A 35 -9.98 -3.86 2.15
N SER A 36 -10.03 -2.72 1.47
CA SER A 36 -9.31 -2.55 0.21
C SER A 36 -7.89 -3.07 0.32
N TRP A 37 -7.35 -3.07 1.54
CA TRP A 37 -6.00 -3.55 1.78
C TRP A 37 -6.00 -4.86 2.55
N ARG A 38 -7.11 -5.12 3.25
CA ARG A 38 -7.25 -6.34 4.03
C ARG A 38 -6.65 -7.53 3.30
N ASN A 39 -6.94 -7.64 2.01
CA ASN A 39 -6.44 -8.74 1.20
C ASN A 39 -4.93 -8.60 0.98
N GLY A 40 -4.50 -7.44 0.53
CA GLY A 40 -3.09 -7.20 0.30
C GLY A 40 -2.77 -7.03 -1.17
N LEU A 41 -3.71 -6.49 -1.93
CA LEU A 41 -3.52 -6.28 -3.36
C LEU A 41 -2.74 -4.99 -3.62
N SER A 42 -3.36 -3.86 -3.28
CA SER A 42 -2.73 -2.57 -3.48
C SER A 42 -1.29 -2.58 -2.97
N PHE A 43 -1.07 -3.24 -1.84
CA PHE A 43 0.26 -3.33 -1.25
C PHE A 43 1.26 -3.93 -2.23
N CYS A 44 0.94 -5.12 -2.73
CA CYS A 44 1.80 -5.82 -3.67
C CYS A 44 1.88 -5.05 -4.99
N ALA A 45 0.76 -4.46 -5.40
CA ALA A 45 0.71 -3.69 -6.64
C ALA A 45 1.68 -2.52 -6.60
N ILE A 46 1.65 -1.77 -5.50
CA ILE A 46 2.52 -0.62 -5.35
C ILE A 46 3.98 -1.00 -5.52
N LEU A 47 4.44 -1.92 -4.67
CA LEU A 47 5.83 -2.37 -4.73
C LEU A 47 6.19 -2.86 -6.14
N HIS A 48 5.19 -3.39 -6.85
CA HIS A 48 5.40 -3.88 -8.20
C HIS A 48 5.53 -2.73 -9.19
N HIS A 49 4.80 -1.65 -8.92
CA HIS A 49 4.84 -0.47 -9.79
C HIS A 49 6.27 0.01 -9.99
N PHE A 50 7.02 0.12 -8.89
CA PHE A 50 8.40 0.57 -8.94
C PHE A 50 9.32 -0.55 -9.44
N ARG A 51 9.11 -1.74 -8.92
CA ARG A 51 9.92 -2.89 -9.30
C ARG A 51 9.04 -4.11 -9.59
N PRO A 52 8.74 -4.33 -10.87
CA PRO A 52 7.90 -5.46 -11.31
C PRO A 52 8.60 -6.79 -11.13
N ASP A 53 9.80 -6.77 -10.57
CA ASP A 53 10.57 -7.98 -10.35
C ASP A 53 10.88 -8.17 -8.87
N LEU A 54 10.00 -7.65 -8.02
CA LEU A 54 10.18 -7.76 -6.57
C LEU A 54 9.14 -8.71 -5.97
N ILE A 55 7.93 -8.66 -6.50
CA ILE A 55 6.85 -9.52 -6.02
C ILE A 55 6.29 -10.38 -7.14
N ASP A 56 5.26 -11.16 -6.82
CA ASP A 56 4.63 -12.04 -7.80
C ASP A 56 3.20 -11.59 -8.08
N TYR A 57 2.96 -10.29 -7.96
CA TYR A 57 1.64 -9.74 -8.20
C TYR A 57 1.12 -10.13 -9.59
N LYS A 58 2.05 -10.39 -10.50
CA LYS A 58 1.70 -10.78 -11.86
C LYS A 58 0.92 -12.08 -11.87
N SER A 59 1.05 -12.85 -10.79
CA SER A 59 0.34 -14.12 -10.67
C SER A 59 -0.35 -14.25 -9.32
N LEU A 60 -0.70 -13.10 -8.74
CA LEU A 60 -1.37 -13.07 -7.45
C LEU A 60 -2.88 -13.05 -7.62
N ASN A 61 -3.61 -12.92 -6.51
CA ASN A 61 -5.06 -12.89 -6.54
C ASN A 61 -5.62 -12.53 -5.17
N PRO A 62 -6.88 -12.06 -5.15
CA PRO A 62 -7.56 -11.66 -3.91
C PRO A 62 -7.90 -12.87 -3.03
N GLN A 63 -7.48 -14.05 -3.47
CA GLN A 63 -7.74 -15.28 -2.73
C GLN A 63 -6.75 -15.44 -1.58
N ASP A 64 -5.74 -14.57 -1.55
CA ASP A 64 -4.72 -14.61 -0.50
C ASP A 64 -4.75 -13.34 0.33
N ILE A 65 -5.14 -13.48 1.59
CA ILE A 65 -5.22 -12.34 2.51
C ILE A 65 -3.94 -12.22 3.34
N LYS A 66 -3.52 -13.34 3.92
CA LYS A 66 -2.32 -13.36 4.75
C LYS A 66 -1.06 -13.32 3.88
N GLU A 67 -1.02 -14.19 2.89
CA GLU A 67 0.13 -14.26 1.98
C GLU A 67 0.34 -12.92 1.28
N ASN A 68 -0.62 -12.53 0.46
CA ASN A 68 -0.54 -11.28 -0.28
C ASN A 68 0.16 -10.20 0.55
N ASN A 69 -0.39 -9.94 1.73
CA ASN A 69 0.17 -8.93 2.63
C ASN A 69 1.61 -9.29 3.00
N LYS A 70 1.82 -10.53 3.40
CA LYS A 70 3.15 -11.00 3.78
C LYS A 70 4.17 -10.69 2.69
N LYS A 71 3.80 -10.96 1.45
CA LYS A 71 4.68 -10.71 0.32
C LYS A 71 5.29 -9.31 0.40
N ALA A 72 4.43 -8.30 0.49
CA ALA A 72 4.89 -6.92 0.58
C ALA A 72 5.81 -6.72 1.80
N TYR A 73 5.24 -6.88 2.99
CA TYR A 73 6.01 -6.72 4.22
C TYR A 73 7.44 -7.20 4.03
N ASP A 74 7.60 -8.40 3.47
CA ASP A 74 8.92 -8.97 3.24
C ASP A 74 9.77 -8.04 2.36
N GLY A 75 9.16 -7.55 1.28
CA GLY A 75 9.88 -6.66 0.38
C GLY A 75 10.08 -5.27 0.97
N PHE A 76 8.99 -4.64 1.36
CA PHE A 76 9.05 -3.30 1.93
C PHE A 76 10.08 -3.23 3.06
N ALA A 77 9.97 -4.16 4.01
CA ALA A 77 10.89 -4.21 5.14
C ALA A 77 12.29 -4.60 4.68
N SER A 78 12.41 -4.98 3.41
CA SER A 78 13.70 -5.39 2.85
C SER A 78 14.60 -4.18 2.63
N ILE A 79 13.99 -3.08 2.19
CA ILE A 79 14.74 -1.85 1.94
C ILE A 79 14.94 -1.05 3.22
N GLY A 80 14.00 -1.19 4.14
CA GLY A 80 14.10 -0.48 5.41
C GLY A 80 12.76 0.08 5.87
N ILE A 81 11.69 -0.63 5.53
CA ILE A 81 10.35 -0.20 5.91
C ILE A 81 9.80 -1.07 7.04
N SER A 82 9.83 -0.52 8.26
CA SER A 82 9.34 -1.24 9.43
C SER A 82 7.88 -1.66 9.23
N ARG A 83 7.66 -2.96 9.10
CA ARG A 83 6.31 -3.49 8.90
C ARG A 83 5.46 -3.30 10.16
N LEU A 84 4.60 -2.30 10.13
CA LEU A 84 3.72 -2.01 11.27
C LEU A 84 2.55 -2.98 11.32
N LEU A 85 1.90 -3.16 10.18
CA LEU A 85 0.75 -4.06 10.09
C LEU A 85 1.21 -5.50 9.88
N GLU A 86 0.36 -6.45 10.30
CA GLU A 86 0.69 -7.86 10.15
C GLU A 86 -0.24 -8.54 9.14
N PRO A 87 0.30 -9.50 8.38
CA PRO A 87 -0.46 -10.23 7.37
C PRO A 87 -1.50 -11.17 7.99
N SER A 88 -1.07 -11.92 9.00
CA SER A 88 -1.96 -12.86 9.67
C SER A 88 -3.15 -12.13 10.30
N ASP A 89 -2.87 -11.05 11.02
CA ASP A 89 -3.91 -10.27 11.67
C ASP A 89 -5.09 -10.06 10.73
N MET A 90 -4.81 -9.61 9.51
CA MET A 90 -5.85 -9.38 8.52
C MET A 90 -6.81 -10.55 8.45
N VAL A 91 -6.27 -11.77 8.58
CA VAL A 91 -7.09 -12.97 8.54
C VAL A 91 -7.78 -13.22 9.87
N LEU A 92 -7.02 -13.10 10.95
CA LEU A 92 -7.56 -13.30 12.29
C LEU A 92 -8.85 -12.53 12.49
N LEU A 93 -8.77 -11.21 12.36
CA LEU A 93 -9.94 -10.35 12.52
C LEU A 93 -10.68 -10.19 11.19
N ALA A 94 -11.75 -9.40 11.22
CA ALA A 94 -12.55 -9.16 10.01
C ALA A 94 -12.14 -7.86 9.34
N ILE A 95 -12.36 -6.74 10.02
CA ILE A 95 -12.02 -5.43 9.48
C ILE A 95 -10.83 -4.82 10.24
N PRO A 96 -9.78 -4.46 9.50
CA PRO A 96 -8.57 -3.86 10.07
C PRO A 96 -8.82 -2.45 10.59
N ASP A 97 -7.95 -1.99 11.49
CA ASP A 97 -8.07 -0.66 12.07
C ASP A 97 -7.53 0.39 11.12
N LYS A 98 -8.42 1.04 10.38
CA LYS A 98 -8.03 2.07 9.44
C LYS A 98 -6.85 2.88 9.96
N LEU A 99 -7.01 3.43 11.17
CA LEU A 99 -5.95 4.21 11.79
C LEU A 99 -4.59 3.54 11.63
N THR A 100 -4.54 2.25 11.94
CA THR A 100 -3.31 1.49 11.84
C THR A 100 -2.83 1.42 10.39
N VAL A 101 -3.65 0.81 9.53
CA VAL A 101 -3.31 0.68 8.12
C VAL A 101 -2.83 2.00 7.54
N MET A 102 -3.70 3.00 7.57
CA MET A 102 -3.37 4.33 7.04
C MET A 102 -1.96 4.74 7.47
N THR A 103 -1.66 4.57 8.75
CA THR A 103 -0.36 4.92 9.29
C THR A 103 0.76 4.24 8.50
N TYR A 104 0.68 2.91 8.39
CA TYR A 104 1.68 2.14 7.67
C TYR A 104 1.87 2.68 6.25
N LEU A 105 0.77 2.77 5.51
CA LEU A 105 0.82 3.27 4.15
C LEU A 105 1.72 4.49 4.03
N TYR A 106 1.37 5.54 4.77
CA TYR A 106 2.16 6.78 4.76
C TYR A 106 3.65 6.47 4.69
N GLN A 107 4.06 5.41 5.38
CA GLN A 107 5.46 5.01 5.39
C GLN A 107 5.96 4.70 3.99
N ILE A 108 5.26 3.79 3.31
CA ILE A 108 5.64 3.39 1.96
C ILE A 108 5.64 4.59 1.02
N ARG A 109 4.49 5.26 0.91
CA ARG A 109 4.37 6.43 0.05
C ARG A 109 5.43 7.46 0.38
N ALA A 110 5.69 7.66 1.66
CA ALA A 110 6.70 8.61 2.10
C ALA A 110 8.10 8.19 1.68
N HIS A 111 8.41 6.91 1.88
CA HIS A 111 9.72 6.37 1.52
C HIS A 111 10.10 6.80 0.11
N PHE A 112 9.29 6.41 -0.87
CA PHE A 112 9.55 6.74 -2.26
C PHE A 112 9.34 8.24 -2.50
N SER A 113 8.20 8.76 -2.05
CA SER A 113 7.88 10.16 -2.21
C SER A 113 8.12 10.94 -0.92
N SER A 114 9.22 11.68 -0.88
CA SER A 114 9.57 12.47 0.30
C SER A 114 8.44 13.42 0.67
N GLY A 115 8.51 13.96 1.88
CA GLY A 115 7.48 14.88 2.33
C GLY A 115 7.52 16.20 1.59
N PRO A 116 6.96 17.26 2.21
CA PRO A 116 6.92 18.59 1.63
C PRO A 116 8.30 19.24 1.55
N SER A 117 8.71 19.58 0.33
CA SER A 117 10.02 20.21 0.13
C SER A 117 9.87 21.70 -0.10
N SER A 118 10.72 22.48 0.56
CA SER A 118 10.69 23.93 0.45
C SER A 118 11.71 24.41 -0.58
N GLY A 119 11.24 24.65 -1.81
CA GLY A 119 12.13 25.12 -2.86
C GLY A 119 11.60 26.36 -3.55
N GLY A 1 -4.35 13.77 -13.39
CA GLY A 1 -4.94 14.08 -12.11
C GLY A 1 -4.24 15.23 -11.41
N SER A 2 -4.97 16.31 -11.16
CA SER A 2 -4.40 17.47 -10.49
C SER A 2 -4.81 17.51 -9.02
N SER A 3 -3.84 17.25 -8.14
CA SER A 3 -4.09 17.25 -6.71
C SER A 3 -4.27 18.67 -6.18
N GLY A 4 -3.37 19.56 -6.57
CA GLY A 4 -3.44 20.94 -6.13
C GLY A 4 -2.16 21.40 -5.46
N SER A 5 -2.20 21.55 -4.14
CA SER A 5 -1.06 21.99 -3.37
C SER A 5 -0.26 20.80 -2.83
N SER A 6 1.03 20.77 -3.11
CA SER A 6 1.89 19.69 -2.65
C SER A 6 1.90 19.61 -1.13
N GLY A 7 1.68 18.40 -0.61
CA GLY A 7 1.67 18.22 0.84
C GLY A 7 0.61 17.22 1.28
N PRO A 8 1.02 16.26 2.12
CA PRO A 8 0.12 15.23 2.64
C PRO A 8 -0.92 15.79 3.62
N ASN A 9 -0.83 17.10 3.86
CA ASN A 9 -1.76 17.76 4.78
C ASN A 9 -3.15 17.13 4.69
N ALA A 10 -3.63 16.92 3.47
CA ALA A 10 -4.94 16.33 3.26
C ALA A 10 -4.83 14.83 3.00
N SER A 11 -5.71 14.05 3.63
CA SER A 11 -5.70 12.61 3.47
C SER A 11 -5.77 12.22 2.00
N GLN A 12 -6.76 12.76 1.29
CA GLN A 12 -6.94 12.47 -0.12
C GLN A 12 -5.59 12.28 -0.81
N SER A 13 -4.63 13.14 -0.47
CA SER A 13 -3.29 13.08 -1.05
C SER A 13 -2.83 11.63 -1.16
N LEU A 14 -2.92 10.89 -0.06
CA LEU A 14 -2.50 9.50 -0.03
C LEU A 14 -3.39 8.64 -0.94
N LEU A 15 -4.68 8.63 -0.64
CA LEU A 15 -5.64 7.86 -1.43
C LEU A 15 -5.30 7.93 -2.92
N VAL A 16 -4.93 9.12 -3.37
CA VAL A 16 -4.59 9.32 -4.77
C VAL A 16 -3.28 8.62 -5.13
N TRP A 17 -2.22 8.95 -4.39
CA TRP A 17 -0.91 8.34 -4.63
C TRP A 17 -1.05 6.84 -4.88
N CYS A 18 -1.79 6.16 -4.01
CA CYS A 18 -1.99 4.72 -4.16
C CYS A 18 -2.68 4.39 -5.47
N LYS A 19 -3.77 5.10 -5.76
CA LYS A 19 -4.53 4.89 -6.98
C LYS A 19 -3.69 5.25 -8.21
N GLU A 20 -2.72 6.13 -8.01
CA GLU A 20 -1.85 6.57 -9.10
C GLU A 20 -0.88 5.46 -9.50
N VAL A 21 -0.05 5.03 -8.55
CA VAL A 21 0.92 3.97 -8.80
C VAL A 21 0.23 2.69 -9.26
N THR A 22 -1.07 2.60 -9.01
CA THR A 22 -1.84 1.42 -9.40
C THR A 22 -2.88 1.78 -10.46
N LYS A 23 -2.67 2.90 -11.14
CA LYS A 23 -3.58 3.35 -12.18
C LYS A 23 -3.58 2.39 -13.37
N ASN A 24 -2.45 1.72 -13.57
CA ASN A 24 -2.32 0.76 -14.67
C ASN A 24 -2.31 -0.67 -14.14
N TYR A 25 -3.15 -0.95 -13.16
CA TYR A 25 -3.24 -2.27 -12.57
C TYR A 25 -4.63 -2.87 -12.77
N ARG A 26 -4.83 -4.08 -12.26
CA ARG A 26 -6.12 -4.75 -12.38
C ARG A 26 -6.68 -5.10 -11.00
N GLY A 27 -7.96 -4.82 -10.79
CA GLY A 27 -8.59 -5.12 -9.52
C GLY A 27 -7.97 -4.34 -8.38
N VAL A 28 -7.61 -3.09 -8.64
CA VAL A 28 -7.00 -2.24 -7.63
C VAL A 28 -7.86 -1.00 -7.35
N LYS A 29 -8.82 -1.14 -6.45
CA LYS A 29 -9.70 -0.05 -6.10
C LYS A 29 -9.53 0.35 -4.63
N ILE A 30 -8.83 1.45 -4.39
CA ILE A 30 -8.60 1.93 -3.04
C ILE A 30 -9.78 2.78 -2.56
N THR A 31 -10.97 2.19 -2.54
CA THR A 31 -12.16 2.89 -2.09
C THR A 31 -12.14 3.12 -0.59
N ASN A 32 -11.45 2.23 0.13
CA ASN A 32 -11.35 2.33 1.58
C ASN A 32 -9.94 1.99 2.05
N PHE A 33 -9.68 2.22 3.33
CA PHE A 33 -8.38 1.94 3.91
C PHE A 33 -8.47 0.82 4.95
N THR A 34 -9.36 -0.14 4.70
CA THR A 34 -9.55 -1.26 5.62
C THR A 34 -9.54 -2.58 4.86
N THR A 35 -10.56 -2.79 4.03
CA THR A 35 -10.67 -4.02 3.26
C THR A 35 -9.79 -3.97 2.01
N SER A 36 -9.89 -2.88 1.27
CA SER A 36 -9.10 -2.70 0.05
C SER A 36 -7.69 -3.24 0.24
N TRP A 37 -7.21 -3.23 1.48
CA TRP A 37 -5.88 -3.72 1.80
C TRP A 37 -5.95 -5.05 2.53
N ARG A 38 -7.05 -5.28 3.24
CA ARG A 38 -7.23 -6.52 3.98
C ARG A 38 -6.63 -7.70 3.24
N ASN A 39 -6.95 -7.82 1.96
CA ASN A 39 -6.43 -8.91 1.14
C ASN A 39 -4.93 -8.78 0.94
N GLY A 40 -4.48 -7.57 0.61
CA GLY A 40 -3.06 -7.33 0.41
C GLY A 40 -2.72 -7.10 -1.06
N LEU A 41 -3.67 -6.57 -1.81
CA LEU A 41 -3.46 -6.31 -3.23
C LEU A 41 -2.69 -5.00 -3.44
N SER A 42 -3.33 -3.88 -3.12
CA SER A 42 -2.71 -2.58 -3.27
C SER A 42 -1.28 -2.60 -2.77
N PHE A 43 -1.06 -3.33 -1.68
CA PHE A 43 0.28 -3.43 -1.08
C PHE A 43 1.27 -4.01 -2.09
N CYS A 44 0.95 -5.18 -2.63
CA CYS A 44 1.81 -5.83 -3.59
C CYS A 44 1.89 -5.03 -4.90
N ALA A 45 0.77 -4.42 -5.27
CA ALA A 45 0.71 -3.63 -6.49
C ALA A 45 1.67 -2.44 -6.42
N ILE A 46 1.60 -1.70 -5.32
CA ILE A 46 2.45 -0.54 -5.13
C ILE A 46 3.93 -0.91 -5.27
N LEU A 47 4.36 -1.90 -4.49
CA LEU A 47 5.74 -2.36 -4.52
C LEU A 47 6.10 -2.91 -5.90
N HIS A 48 5.08 -3.36 -6.63
CA HIS A 48 5.29 -3.92 -7.96
C HIS A 48 5.44 -2.81 -9.00
N HIS A 49 4.78 -1.68 -8.74
CA HIS A 49 4.85 -0.53 -9.65
C HIS A 49 6.29 -0.12 -9.90
N PHE A 50 6.98 0.29 -8.84
CA PHE A 50 8.37 0.72 -8.95
C PHE A 50 9.25 -0.42 -9.45
N ARG A 51 9.15 -1.57 -8.79
CA ARG A 51 9.94 -2.73 -9.17
C ARG A 51 9.05 -3.97 -9.32
N PRO A 52 8.59 -4.22 -10.57
CA PRO A 52 7.73 -5.36 -10.87
C PRO A 52 8.47 -6.69 -10.77
N ASP A 53 9.73 -6.63 -10.37
CA ASP A 53 10.55 -7.83 -10.23
C ASP A 53 10.89 -8.09 -8.76
N LEU A 54 10.01 -7.65 -7.87
CA LEU A 54 10.22 -7.82 -6.44
C LEU A 54 9.18 -8.76 -5.85
N ILE A 55 7.96 -8.70 -6.39
CA ILE A 55 6.87 -9.55 -5.92
C ILE A 55 6.29 -10.38 -7.06
N ASP A 56 5.24 -11.13 -6.76
CA ASP A 56 4.59 -11.98 -7.75
C ASP A 56 3.19 -11.47 -8.06
N TYR A 57 2.99 -10.16 -7.91
CA TYR A 57 1.69 -9.56 -8.17
C TYR A 57 1.21 -9.87 -9.59
N LYS A 58 2.14 -10.28 -10.44
CA LYS A 58 1.81 -10.62 -11.83
C LYS A 58 0.98 -11.89 -11.89
N SER A 59 1.05 -12.69 -10.83
CA SER A 59 0.31 -13.94 -10.77
C SER A 59 -0.42 -14.08 -9.44
N LEU A 60 -0.67 -12.95 -8.78
CA LEU A 60 -1.36 -12.94 -7.49
C LEU A 60 -2.87 -12.93 -7.68
N ASN A 61 -3.59 -12.81 -6.57
CA ASN A 61 -5.05 -12.79 -6.61
C ASN A 61 -5.63 -12.44 -5.24
N PRO A 62 -6.88 -11.97 -5.22
CA PRO A 62 -7.58 -11.60 -3.98
C PRO A 62 -7.91 -12.82 -3.13
N GLN A 63 -7.47 -13.99 -3.57
CA GLN A 63 -7.73 -15.22 -2.83
C GLN A 63 -6.75 -15.39 -1.68
N ASP A 64 -5.71 -14.56 -1.67
CA ASP A 64 -4.69 -14.60 -0.63
C ASP A 64 -4.75 -13.35 0.25
N ILE A 65 -5.11 -13.55 1.51
CA ILE A 65 -5.21 -12.43 2.45
C ILE A 65 -3.98 -12.36 3.34
N LYS A 66 -3.54 -13.51 3.84
CA LYS A 66 -2.36 -13.58 4.71
C LYS A 66 -1.08 -13.52 3.88
N GLU A 67 -1.06 -14.25 2.78
CA GLU A 67 0.11 -14.27 1.90
C GLU A 67 0.33 -12.91 1.25
N ASN A 68 -0.62 -12.50 0.43
CA ASN A 68 -0.52 -11.21 -0.26
C ASN A 68 0.15 -10.16 0.63
N ASN A 69 -0.39 -9.99 1.84
CA ASN A 69 0.16 -9.03 2.78
C ASN A 69 1.59 -9.38 3.16
N LYS A 70 1.81 -10.65 3.49
CA LYS A 70 3.13 -11.13 3.87
C LYS A 70 4.17 -10.77 2.81
N LYS A 71 3.84 -11.03 1.55
CA LYS A 71 4.73 -10.72 0.44
C LYS A 71 5.28 -9.30 0.56
N ALA A 72 4.38 -8.32 0.57
CA ALA A 72 4.78 -6.93 0.68
C ALA A 72 5.77 -6.72 1.82
N TYR A 73 5.29 -6.83 3.05
CA TYR A 73 6.13 -6.66 4.22
C TYR A 73 7.54 -7.18 3.97
N ASP A 74 7.63 -8.41 3.48
CA ASP A 74 8.91 -9.03 3.18
C ASP A 74 9.76 -8.12 2.30
N GLY A 75 9.14 -7.58 1.26
CA GLY A 75 9.86 -6.70 0.35
C GLY A 75 10.06 -5.31 0.92
N PHE A 76 8.96 -4.68 1.33
CA PHE A 76 9.02 -3.34 1.90
C PHE A 76 10.08 -3.26 3.00
N ALA A 77 9.97 -4.12 3.99
CA ALA A 77 10.91 -4.15 5.10
C ALA A 77 12.30 -4.54 4.62
N SER A 78 12.39 -4.95 3.36
CA SER A 78 13.67 -5.35 2.78
C SER A 78 14.55 -4.15 2.49
N ILE A 79 13.91 -3.06 2.05
CA ILE A 79 14.64 -1.83 1.74
C ILE A 79 14.88 -1.00 2.99
N GLY A 80 13.95 -1.09 3.94
CA GLY A 80 14.08 -0.34 5.18
C GLY A 80 12.76 0.24 5.65
N ILE A 81 11.68 -0.51 5.43
CA ILE A 81 10.35 -0.06 5.84
C ILE A 81 9.83 -0.89 7.00
N SER A 82 10.05 -0.39 8.21
CA SER A 82 9.61 -1.09 9.42
C SER A 82 8.19 -1.60 9.26
N ARG A 83 7.98 -2.87 9.57
CA ARG A 83 6.66 -3.48 9.45
C ARG A 83 5.78 -3.10 10.63
N LEU A 84 4.61 -2.54 10.34
CA LEU A 84 3.68 -2.12 11.37
C LEU A 84 2.47 -3.06 11.42
N LEU A 85 1.86 -3.29 10.26
CA LEU A 85 0.69 -4.16 10.18
C LEU A 85 1.11 -5.60 9.91
N GLU A 86 0.35 -6.54 10.44
CA GLU A 86 0.64 -7.96 10.25
C GLU A 86 -0.27 -8.57 9.19
N PRO A 87 0.27 -9.54 8.42
CA PRO A 87 -0.48 -10.22 7.37
C PRO A 87 -1.57 -11.13 7.92
N SER A 88 -1.23 -11.88 8.96
CA SER A 88 -2.18 -12.80 9.59
C SER A 88 -3.32 -12.03 10.26
N ASP A 89 -2.95 -11.06 11.09
CA ASP A 89 -3.94 -10.25 11.79
C ASP A 89 -5.16 -9.99 10.92
N MET A 90 -4.91 -9.58 9.68
CA MET A 90 -5.99 -9.31 8.74
C MET A 90 -7.00 -10.46 8.70
N VAL A 91 -6.48 -11.67 8.57
CA VAL A 91 -7.33 -12.86 8.52
C VAL A 91 -8.01 -13.10 9.87
N LEU A 92 -7.23 -13.08 10.94
CA LEU A 92 -7.76 -13.29 12.28
C LEU A 92 -9.09 -12.55 12.47
N LEU A 93 -9.04 -11.23 12.31
CA LEU A 93 -10.24 -10.41 12.45
C LEU A 93 -10.91 -10.16 11.10
N ALA A 94 -12.00 -9.42 11.12
CA ALA A 94 -12.73 -9.11 9.90
C ALA A 94 -12.19 -7.84 9.24
N ILE A 95 -12.38 -6.71 9.90
CA ILE A 95 -11.90 -5.43 9.38
C ILE A 95 -10.75 -4.89 10.22
N PRO A 96 -9.67 -4.49 9.56
CA PRO A 96 -8.48 -3.94 10.23
C PRO A 96 -8.73 -2.56 10.82
N ASP A 97 -7.67 -1.91 11.26
CA ASP A 97 -7.79 -0.57 11.85
C ASP A 97 -7.40 0.50 10.84
N LYS A 98 -8.40 1.09 10.21
CA LYS A 98 -8.17 2.14 9.21
C LYS A 98 -6.96 2.98 9.58
N LEU A 99 -6.97 3.53 10.79
CA LEU A 99 -5.86 4.36 11.27
C LEU A 99 -4.53 3.65 11.08
N THR A 100 -4.44 2.44 11.62
CA THR A 100 -3.21 1.65 11.52
C THR A 100 -2.77 1.51 10.07
N VAL A 101 -3.60 0.84 9.27
CA VAL A 101 -3.30 0.64 7.86
C VAL A 101 -2.75 1.92 7.22
N MET A 102 -3.56 2.97 7.23
CA MET A 102 -3.17 4.25 6.66
C MET A 102 -1.77 4.65 7.14
N THR A 103 -1.54 4.54 8.44
CA THR A 103 -0.26 4.88 9.03
C THR A 103 0.89 4.20 8.29
N TYR A 104 0.78 2.89 8.12
CA TYR A 104 1.81 2.11 7.43
C TYR A 104 1.98 2.60 6.00
N LEU A 105 0.88 2.73 5.28
CA LEU A 105 0.90 3.17 3.90
C LEU A 105 1.78 4.42 3.75
N TYR A 106 1.41 5.48 4.47
CA TYR A 106 2.17 6.73 4.42
C TYR A 106 3.66 6.47 4.33
N GLN A 107 4.13 5.51 5.12
CA GLN A 107 5.55 5.16 5.12
C GLN A 107 6.04 4.83 3.72
N ILE A 108 5.43 3.80 3.12
CA ILE A 108 5.81 3.39 1.77
C ILE A 108 5.87 4.57 0.82
N ARG A 109 4.79 5.34 0.77
CA ARG A 109 4.72 6.52 -0.09
C ARG A 109 5.81 7.53 0.28
N ALA A 110 6.08 7.65 1.57
CA ALA A 110 7.09 8.58 2.06
C ALA A 110 8.48 8.20 1.56
N HIS A 111 8.80 6.91 1.68
CA HIS A 111 10.10 6.41 1.23
C HIS A 111 10.37 6.81 -0.22
N PHE A 112 9.53 6.35 -1.12
CA PHE A 112 9.68 6.67 -2.54
C PHE A 112 9.46 8.16 -2.80
N SER A 113 8.28 8.65 -2.45
CA SER A 113 7.94 10.05 -2.63
C SER A 113 8.32 10.87 -1.41
N SER A 114 9.12 11.91 -1.63
CA SER A 114 9.56 12.77 -0.54
C SER A 114 8.50 13.81 -0.20
N GLY A 115 7.65 13.49 0.77
CA GLY A 115 6.59 14.40 1.16
C GLY A 115 6.99 15.26 2.35
N PRO A 116 6.81 14.73 3.56
CA PRO A 116 7.15 15.44 4.80
C PRO A 116 8.66 15.61 4.98
N SER A 117 9.05 16.67 5.69
CA SER A 117 10.46 16.93 5.93
C SER A 117 10.88 16.41 7.30
N SER A 118 12.17 16.12 7.44
CA SER A 118 12.70 15.61 8.70
C SER A 118 13.48 16.69 9.45
N GLY A 119 14.48 17.27 8.78
CA GLY A 119 15.28 18.31 9.39
C GLY A 119 14.48 19.56 9.66
N GLY A 1 -7.16 25.78 -4.75
CA GLY A 1 -5.88 26.45 -4.85
C GLY A 1 -4.72 25.48 -4.92
N SER A 2 -3.50 26.01 -4.82
CA SER A 2 -2.30 25.19 -4.87
C SER A 2 -2.40 24.02 -3.89
N SER A 3 -1.63 22.97 -4.16
CA SER A 3 -1.63 21.79 -3.30
C SER A 3 -0.22 21.47 -2.82
N GLY A 4 0.75 22.24 -3.30
CA GLY A 4 2.13 22.02 -2.91
C GLY A 4 2.72 20.75 -3.49
N SER A 5 3.87 20.86 -4.14
CA SER A 5 4.52 19.72 -4.76
C SER A 5 4.50 18.52 -3.81
N SER A 6 4.82 18.77 -2.54
CA SER A 6 4.85 17.71 -1.54
C SER A 6 3.93 18.05 -0.37
N GLY A 7 3.50 17.02 0.35
CA GLY A 7 2.61 17.22 1.49
C GLY A 7 1.58 16.12 1.61
N PRO A 8 2.01 14.96 2.17
CA PRO A 8 1.12 13.81 2.36
C PRO A 8 0.07 14.05 3.44
N ASN A 9 0.12 15.23 4.05
CA ASN A 9 -0.82 15.60 5.10
C ASN A 9 -2.22 15.83 4.51
N ALA A 10 -2.84 14.77 4.03
CA ALA A 10 -4.18 14.86 3.45
C ALA A 10 -4.71 13.48 3.09
N SER A 11 -5.91 13.17 3.57
CA SER A 11 -6.54 11.88 3.30
C SER A 11 -6.56 11.58 1.81
N GLN A 12 -6.92 12.60 1.02
CA GLN A 12 -6.98 12.45 -0.43
C GLN A 12 -5.60 12.13 -1.01
N SER A 13 -4.62 12.97 -0.70
CA SER A 13 -3.27 12.79 -1.19
C SER A 13 -2.91 11.30 -1.24
N LEU A 14 -2.76 10.69 -0.06
CA LEU A 14 -2.41 9.28 0.04
C LEU A 14 -3.25 8.45 -0.93
N LEU A 15 -4.56 8.61 -0.85
CA LEU A 15 -5.48 7.88 -1.72
C LEU A 15 -5.08 8.04 -3.18
N VAL A 16 -4.55 9.20 -3.52
CA VAL A 16 -4.12 9.49 -4.89
C VAL A 16 -2.80 8.80 -5.21
N TRP A 17 -1.84 8.91 -4.30
CA TRP A 17 -0.54 8.29 -4.48
C TRP A 17 -0.68 6.84 -4.91
N CYS A 18 -1.56 6.10 -4.23
CA CYS A 18 -1.78 4.70 -4.53
C CYS A 18 -2.53 4.54 -5.86
N LYS A 19 -3.73 5.08 -5.93
CA LYS A 19 -4.55 5.01 -7.14
C LYS A 19 -3.73 5.42 -8.35
N GLU A 20 -2.72 6.25 -8.14
CA GLU A 20 -1.88 6.73 -9.22
C GLU A 20 -0.94 5.61 -9.71
N VAL A 21 -0.16 5.07 -8.79
CA VAL A 21 0.78 4.00 -9.13
C VAL A 21 0.04 2.77 -9.62
N THR A 22 -1.22 2.65 -9.23
CA THR A 22 -2.04 1.51 -9.64
C THR A 22 -3.11 1.92 -10.64
N LYS A 23 -2.85 3.02 -11.34
CA LYS A 23 -3.79 3.53 -12.34
C LYS A 23 -3.95 2.54 -13.49
N ASN A 24 -2.88 1.83 -13.81
CA ASN A 24 -2.90 0.85 -14.89
C ASN A 24 -2.69 -0.56 -14.36
N TYR A 25 -3.55 -0.96 -13.43
CA TYR A 25 -3.46 -2.29 -12.83
C TYR A 25 -4.76 -3.08 -13.04
N ARG A 26 -4.74 -4.34 -12.64
CA ARG A 26 -5.91 -5.20 -12.79
C ARG A 26 -6.49 -5.56 -11.43
N GLY A 27 -7.68 -5.04 -11.13
CA GLY A 27 -8.32 -5.32 -9.87
C GLY A 27 -7.72 -4.53 -8.73
N VAL A 28 -7.55 -3.23 -8.94
CA VAL A 28 -6.99 -2.36 -7.92
C VAL A 28 -7.85 -1.11 -7.71
N LYS A 29 -8.83 -1.22 -6.82
CA LYS A 29 -9.72 -0.10 -6.53
C LYS A 29 -9.62 0.31 -5.07
N ILE A 30 -8.76 1.29 -4.79
CA ILE A 30 -8.57 1.78 -3.42
C ILE A 30 -9.76 2.62 -2.98
N THR A 31 -10.91 1.96 -2.81
CA THR A 31 -12.12 2.65 -2.38
C THR A 31 -12.13 2.85 -0.87
N ASN A 32 -11.30 2.09 -0.17
CA ASN A 32 -11.21 2.18 1.28
C ASN A 32 -9.78 1.98 1.75
N PHE A 33 -9.57 2.04 3.07
CA PHE A 33 -8.25 1.88 3.65
C PHE A 33 -8.25 0.77 4.69
N THR A 34 -9.23 -0.13 4.60
CA THR A 34 -9.35 -1.23 5.54
C THR A 34 -9.43 -2.57 4.81
N THR A 35 -10.56 -2.81 4.15
CA THR A 35 -10.77 -4.05 3.41
C THR A 35 -9.97 -4.05 2.11
N SER A 36 -10.05 -2.94 1.37
CA SER A 36 -9.33 -2.82 0.11
C SER A 36 -7.90 -3.32 0.24
N TRP A 37 -7.37 -3.29 1.45
CA TRP A 37 -6.01 -3.74 1.71
C TRP A 37 -6.01 -5.08 2.44
N ARG A 38 -7.10 -5.36 3.16
CA ARG A 38 -7.22 -6.60 3.90
C ARG A 38 -6.59 -7.76 3.14
N ASN A 39 -7.01 -7.93 1.88
CA ASN A 39 -6.49 -9.00 1.05
C ASN A 39 -4.99 -8.84 0.84
N GLY A 40 -4.55 -7.61 0.60
CA GLY A 40 -3.15 -7.34 0.38
C GLY A 40 -2.80 -7.12 -1.09
N LEU A 41 -3.74 -6.54 -1.82
CA LEU A 41 -3.54 -6.27 -3.23
C LEU A 41 -2.84 -4.92 -3.45
N SER A 42 -3.54 -3.84 -3.09
CA SER A 42 -2.99 -2.50 -3.24
C SER A 42 -1.59 -2.42 -2.64
N PHE A 43 -1.32 -3.27 -1.66
CA PHE A 43 -0.01 -3.29 -1.00
C PHE A 43 1.06 -3.83 -1.95
N CYS A 44 0.77 -4.97 -2.58
CA CYS A 44 1.70 -5.59 -3.51
C CYS A 44 1.79 -4.79 -4.80
N ALA A 45 0.64 -4.33 -5.28
CA ALA A 45 0.59 -3.55 -6.52
C ALA A 45 1.60 -2.40 -6.49
N ILE A 46 1.52 -1.58 -5.45
CA ILE A 46 2.42 -0.44 -5.31
C ILE A 46 3.87 -0.87 -5.50
N LEU A 47 4.37 -1.70 -4.60
CA LEU A 47 5.75 -2.19 -4.67
C LEU A 47 6.04 -2.74 -6.06
N HIS A 48 5.01 -3.21 -6.75
CA HIS A 48 5.17 -3.77 -8.09
C HIS A 48 5.39 -2.66 -9.11
N HIS A 49 4.73 -1.54 -8.92
CA HIS A 49 4.85 -0.40 -9.82
C HIS A 49 6.32 -0.06 -10.06
N PHE A 50 7.05 0.18 -8.98
CA PHE A 50 8.47 0.51 -9.08
C PHE A 50 9.30 -0.70 -9.46
N ARG A 51 8.99 -1.84 -8.84
CA ARG A 51 9.70 -3.08 -9.11
C ARG A 51 8.72 -4.25 -9.27
N PRO A 52 8.33 -4.52 -10.52
CA PRO A 52 7.39 -5.61 -10.83
C PRO A 52 8.01 -6.99 -10.62
N ASP A 53 9.25 -7.00 -10.13
CA ASP A 53 9.96 -8.26 -9.88
C ASP A 53 10.08 -8.51 -8.37
N LEU A 54 10.12 -7.45 -7.60
CA LEU A 54 10.23 -7.55 -6.15
C LEU A 54 9.16 -8.47 -5.58
N ILE A 55 7.98 -8.44 -6.20
CA ILE A 55 6.87 -9.28 -5.75
C ILE A 55 6.37 -10.18 -6.89
N ASP A 56 5.32 -10.94 -6.61
CA ASP A 56 4.76 -11.84 -7.60
C ASP A 56 3.33 -11.42 -7.97
N TYR A 57 3.05 -10.13 -7.84
CA TYR A 57 1.73 -9.59 -8.15
C TYR A 57 1.32 -9.98 -9.56
N LYS A 58 2.29 -10.33 -10.39
CA LYS A 58 2.03 -10.72 -11.77
C LYS A 58 1.19 -11.99 -11.82
N SER A 59 1.24 -12.77 -10.74
CA SER A 59 0.49 -14.01 -10.67
C SER A 59 -0.22 -14.15 -9.33
N LEU A 60 -0.59 -13.01 -8.75
CA LEU A 60 -1.27 -13.00 -7.46
C LEU A 60 -2.78 -13.00 -7.64
N ASN A 61 -3.51 -12.88 -6.54
CA ASN A 61 -4.96 -12.86 -6.58
C ASN A 61 -5.55 -12.55 -5.20
N PRO A 62 -6.81 -12.11 -5.18
CA PRO A 62 -7.51 -11.75 -3.94
C PRO A 62 -7.82 -12.99 -3.09
N GLN A 63 -7.38 -14.15 -3.56
CA GLN A 63 -7.61 -15.40 -2.84
C GLN A 63 -6.62 -15.57 -1.70
N ASP A 64 -5.65 -14.66 -1.61
CA ASP A 64 -4.64 -14.71 -0.58
C ASP A 64 -4.67 -13.45 0.28
N ILE A 65 -5.05 -13.61 1.54
CA ILE A 65 -5.12 -12.49 2.47
C ILE A 65 -3.87 -12.40 3.33
N LYS A 66 -3.45 -13.54 3.88
CA LYS A 66 -2.26 -13.58 4.72
C LYS A 66 -0.99 -13.49 3.87
N GLU A 67 -0.93 -14.30 2.81
CA GLU A 67 0.23 -14.30 1.93
C GLU A 67 0.42 -12.94 1.27
N ASN A 68 -0.53 -12.55 0.44
CA ASN A 68 -0.47 -11.27 -0.26
C ASN A 68 0.16 -10.20 0.64
N ASN A 69 -0.40 -10.02 1.82
CA ASN A 69 0.10 -9.02 2.76
C ASN A 69 1.53 -9.35 3.18
N LYS A 70 1.78 -10.61 3.50
CA LYS A 70 3.11 -11.05 3.90
C LYS A 70 4.15 -10.68 2.85
N LYS A 71 3.77 -10.81 1.58
CA LYS A 71 4.66 -10.48 0.48
C LYS A 71 5.26 -9.10 0.64
N ALA A 72 4.39 -8.10 0.81
CA ALA A 72 4.82 -6.72 0.97
C ALA A 72 5.75 -6.58 2.18
N TYR A 73 5.20 -6.84 3.36
CA TYR A 73 5.97 -6.74 4.60
C TYR A 73 7.40 -7.24 4.39
N ASP A 74 7.56 -8.17 3.45
CA ASP A 74 8.87 -8.73 3.15
C ASP A 74 9.63 -7.85 2.15
N GLY A 75 8.90 -7.37 1.13
CA GLY A 75 9.52 -6.53 0.12
C GLY A 75 9.80 -5.14 0.62
N PHE A 76 8.78 -4.50 1.21
CA PHE A 76 8.92 -3.15 1.74
C PHE A 76 10.03 -3.08 2.78
N ALA A 77 10.22 -4.18 3.50
CA ALA A 77 11.24 -4.25 4.54
C ALA A 77 12.62 -4.51 3.93
N SER A 78 12.65 -4.70 2.62
CA SER A 78 13.90 -4.96 1.92
C SER A 78 14.75 -3.70 1.85
N ILE A 79 14.09 -2.55 1.71
CA ILE A 79 14.79 -1.27 1.63
C ILE A 79 14.95 -0.64 3.02
N GLY A 80 13.93 -0.82 3.86
CA GLY A 80 13.98 -0.28 5.20
C GLY A 80 12.63 0.26 5.64
N ILE A 81 11.57 -0.49 5.36
CA ILE A 81 10.22 -0.09 5.74
C ILE A 81 9.70 -0.94 6.89
N SER A 82 9.98 -0.52 8.11
CA SER A 82 9.53 -1.25 9.30
C SER A 82 8.11 -1.76 9.11
N ARG A 83 7.91 -3.06 9.39
CA ARG A 83 6.60 -3.67 9.25
C ARG A 83 5.74 -3.39 10.48
N LEU A 84 4.65 -2.66 10.27
CA LEU A 84 3.74 -2.32 11.36
C LEU A 84 2.54 -3.27 11.39
N LEU A 85 1.90 -3.43 10.23
CA LEU A 85 0.74 -4.31 10.12
C LEU A 85 1.17 -5.75 9.86
N GLU A 86 0.39 -6.70 10.38
CA GLU A 86 0.69 -8.12 10.21
C GLU A 86 -0.24 -8.75 9.18
N PRO A 87 0.27 -9.75 8.46
CA PRO A 87 -0.50 -10.46 7.44
C PRO A 87 -1.60 -11.32 8.03
N SER A 88 -1.26 -12.07 9.08
CA SER A 88 -2.22 -12.95 9.74
C SER A 88 -3.36 -12.14 10.35
N ASP A 89 -3.02 -11.01 10.97
CA ASP A 89 -4.02 -10.15 11.58
C ASP A 89 -5.18 -9.89 10.63
N MET A 90 -4.86 -9.49 9.41
CA MET A 90 -5.89 -9.20 8.41
C MET A 90 -6.87 -10.38 8.30
N VAL A 91 -6.39 -11.58 8.59
CA VAL A 91 -7.23 -12.77 8.54
C VAL A 91 -7.97 -13.00 9.85
N LEU A 92 -7.24 -12.88 10.96
CA LEU A 92 -7.83 -13.08 12.28
C LEU A 92 -9.14 -12.30 12.40
N LEU A 93 -9.03 -10.97 12.41
CA LEU A 93 -10.21 -10.11 12.54
C LEU A 93 -10.89 -9.93 11.19
N ALA A 94 -12.02 -9.23 11.19
CA ALA A 94 -12.76 -8.98 9.97
C ALA A 94 -12.28 -7.70 9.28
N ILE A 95 -12.48 -6.57 9.95
CA ILE A 95 -12.06 -5.29 9.41
C ILE A 95 -10.93 -4.68 10.23
N PRO A 96 -9.83 -4.33 9.54
CA PRO A 96 -8.65 -3.74 10.18
C PRO A 96 -8.91 -2.32 10.67
N ASP A 97 -7.97 -1.79 11.45
CA ASP A 97 -8.11 -0.43 11.98
C ASP A 97 -7.62 0.60 10.97
N LYS A 98 -8.56 1.16 10.21
CA LYS A 98 -8.23 2.16 9.21
C LYS A 98 -7.06 3.02 9.66
N LEU A 99 -7.07 3.41 10.94
CA LEU A 99 -6.01 4.24 11.49
C LEU A 99 -4.64 3.57 11.33
N THR A 100 -4.56 2.30 11.72
CA THR A 100 -3.32 1.55 11.61
C THR A 100 -2.85 1.48 10.16
N VAL A 101 -3.53 0.67 9.36
CA VAL A 101 -3.18 0.52 7.95
C VAL A 101 -2.65 1.82 7.37
N MET A 102 -3.46 2.88 7.46
CA MET A 102 -3.07 4.19 6.95
C MET A 102 -1.71 4.60 7.49
N THR A 103 -1.49 4.36 8.77
CA THR A 103 -0.22 4.71 9.42
C THR A 103 0.95 4.03 8.72
N TYR A 104 0.74 2.79 8.30
CA TYR A 104 1.78 2.03 7.62
C TYR A 104 2.00 2.54 6.20
N LEU A 105 0.90 2.80 5.51
CA LEU A 105 0.96 3.31 4.13
C LEU A 105 1.86 4.52 4.04
N TYR A 106 1.57 5.54 4.85
CA TYR A 106 2.36 6.76 4.85
C TYR A 106 3.84 6.46 4.78
N GLN A 107 4.25 5.34 5.39
CA GLN A 107 5.65 4.94 5.38
C GLN A 107 6.12 4.64 3.96
N ILE A 108 5.46 3.68 3.32
CA ILE A 108 5.82 3.30 1.95
C ILE A 108 5.90 4.52 1.05
N ARG A 109 4.80 5.26 0.95
CA ARG A 109 4.74 6.45 0.12
C ARG A 109 5.86 7.43 0.48
N ALA A 110 6.12 7.54 1.78
CA ALA A 110 7.17 8.45 2.26
C ALA A 110 8.54 8.05 1.72
N HIS A 111 8.89 6.77 1.89
CA HIS A 111 10.16 6.26 1.41
C HIS A 111 10.37 6.61 -0.06
N PHE A 112 9.57 6.01 -0.93
CA PHE A 112 9.66 6.26 -2.36
C PHE A 112 9.54 7.75 -2.67
N SER A 113 8.50 8.37 -2.12
CA SER A 113 8.25 9.80 -2.33
C SER A 113 8.65 10.60 -1.10
N SER A 114 9.87 11.15 -1.12
CA SER A 114 10.37 11.94 0.00
C SER A 114 9.26 12.83 0.57
N GLY A 115 9.08 12.76 1.88
CA GLY A 115 8.06 13.57 2.52
C GLY A 115 8.47 14.06 3.90
N PRO A 116 7.50 14.19 4.81
CA PRO A 116 7.75 14.65 6.18
C PRO A 116 8.52 13.62 7.00
N SER A 117 9.85 13.72 6.98
CA SER A 117 10.70 12.81 7.72
C SER A 117 12.10 13.37 7.89
N SER A 118 12.55 13.46 9.14
CA SER A 118 13.87 13.99 9.44
C SER A 118 14.93 13.41 8.50
N GLY A 119 15.05 12.09 8.50
CA GLY A 119 16.03 11.44 7.64
C GLY A 119 15.63 11.51 6.18
N GLY A 1 -11.07 21.05 -14.03
CA GLY A 1 -11.44 19.70 -13.63
C GLY A 1 -11.76 19.60 -12.15
N SER A 2 -11.59 18.42 -11.58
CA SER A 2 -11.87 18.20 -10.16
C SER A 2 -10.70 17.51 -9.47
N SER A 3 -10.29 16.37 -10.01
CA SER A 3 -9.18 15.61 -9.44
C SER A 3 -7.87 16.39 -9.56
N GLY A 4 -7.31 16.76 -8.42
CA GLY A 4 -6.07 17.51 -8.41
C GLY A 4 -5.71 18.02 -7.03
N SER A 5 -4.70 17.40 -6.42
CA SER A 5 -4.25 17.80 -5.09
C SER A 5 -2.85 17.28 -4.80
N SER A 6 -2.07 18.06 -4.06
CA SER A 6 -0.71 17.67 -3.71
C SER A 6 -0.38 18.07 -2.27
N GLY A 7 0.53 17.33 -1.66
CA GLY A 7 0.92 17.62 -0.29
C GLY A 7 0.24 16.70 0.72
N PRO A 8 0.96 16.36 1.79
CA PRO A 8 0.44 15.48 2.84
C PRO A 8 -0.66 16.14 3.66
N ASN A 9 -0.97 17.39 3.32
CA ASN A 9 -2.01 18.14 4.03
C ASN A 9 -3.22 17.25 4.32
N ALA A 10 -4.00 16.98 3.29
CA ALA A 10 -5.18 16.14 3.44
C ALA A 10 -4.86 14.68 3.13
N SER A 11 -5.85 13.81 3.35
CA SER A 11 -5.67 12.39 3.09
C SER A 11 -5.96 12.05 1.63
N GLN A 12 -6.09 13.09 0.81
CA GLN A 12 -6.38 12.90 -0.62
C GLN A 12 -5.13 12.45 -1.37
N SER A 13 -4.00 13.08 -1.05
CA SER A 13 -2.74 12.75 -1.70
C SER A 13 -2.46 11.25 -1.61
N LEU A 14 -2.56 10.71 -0.40
CA LEU A 14 -2.32 9.28 -0.19
C LEU A 14 -3.27 8.43 -1.03
N LEU A 15 -4.55 8.51 -0.71
CA LEU A 15 -5.57 7.76 -1.44
C LEU A 15 -5.26 7.73 -2.93
N VAL A 16 -4.86 8.87 -3.46
CA VAL A 16 -4.53 8.97 -4.88
C VAL A 16 -3.16 8.37 -5.18
N TRP A 17 -2.24 8.52 -4.24
CA TRP A 17 -0.89 7.98 -4.39
C TRP A 17 -0.93 6.55 -4.92
N CYS A 18 -1.76 5.71 -4.30
CA CYS A 18 -1.88 4.32 -4.72
C CYS A 18 -2.59 4.22 -6.07
N LYS A 19 -3.78 4.78 -6.16
CA LYS A 19 -4.56 4.76 -7.39
C LYS A 19 -3.73 5.28 -8.56
N GLU A 20 -2.64 5.98 -8.25
CA GLU A 20 -1.76 6.53 -9.28
C GLU A 20 -0.80 5.46 -9.79
N VAL A 21 -0.03 4.87 -8.88
CA VAL A 21 0.93 3.84 -9.24
C VAL A 21 0.22 2.56 -9.68
N THR A 22 -1.04 2.42 -9.28
CA THR A 22 -1.82 1.24 -9.64
C THR A 22 -2.84 1.58 -10.72
N LYS A 23 -2.55 2.60 -11.52
CA LYS A 23 -3.44 3.02 -12.60
C LYS A 23 -3.41 2.00 -13.74
N ASN A 24 -2.26 1.39 -13.96
CA ASN A 24 -2.11 0.40 -15.02
C ASN A 24 -2.12 -1.01 -14.46
N TYR A 25 -3.02 -1.26 -13.52
CA TYR A 25 -3.14 -2.57 -12.90
C TYR A 25 -4.52 -3.18 -13.15
N ARG A 26 -4.71 -4.41 -12.70
CA ARG A 26 -5.98 -5.11 -12.88
C ARG A 26 -6.56 -5.53 -11.53
N GLY A 27 -7.66 -4.90 -11.14
CA GLY A 27 -8.30 -5.22 -9.88
C GLY A 27 -7.63 -4.54 -8.70
N VAL A 28 -7.33 -3.25 -8.86
CA VAL A 28 -6.70 -2.48 -7.80
C VAL A 28 -7.46 -1.18 -7.53
N LYS A 29 -8.33 -1.22 -6.52
CA LYS A 29 -9.11 -0.05 -6.16
C LYS A 29 -8.84 0.37 -4.72
N ILE A 30 -8.84 1.68 -4.47
CA ILE A 30 -8.59 2.21 -3.14
C ILE A 30 -9.79 2.99 -2.62
N THR A 31 -10.95 2.33 -2.58
CA THR A 31 -12.17 2.96 -2.11
C THR A 31 -12.16 3.12 -0.60
N ASN A 32 -11.29 2.37 0.07
CA ASN A 32 -11.18 2.42 1.53
C ASN A 32 -9.74 2.20 1.97
N PHE A 33 -9.51 2.31 3.27
CA PHE A 33 -8.17 2.13 3.82
C PHE A 33 -8.15 1.00 4.84
N THR A 34 -9.09 0.06 4.70
CA THR A 34 -9.18 -1.07 5.61
C THR A 34 -9.40 -2.37 4.83
N THR A 35 -10.58 -2.52 4.23
CA THR A 35 -10.90 -3.70 3.47
C THR A 35 -10.17 -3.71 2.13
N SER A 36 -9.95 -2.52 1.57
CA SER A 36 -9.27 -2.39 0.29
C SER A 36 -7.85 -2.96 0.36
N TRP A 37 -7.27 -2.92 1.55
CA TRP A 37 -5.91 -3.43 1.75
C TRP A 37 -5.94 -4.73 2.55
N ARG A 38 -7.05 -4.99 3.22
CA ARG A 38 -7.20 -6.20 4.02
C ARG A 38 -6.56 -7.39 3.32
N ASN A 39 -6.89 -7.57 2.04
CA ASN A 39 -6.34 -8.67 1.26
C ASN A 39 -4.84 -8.53 1.08
N GLY A 40 -4.42 -7.37 0.56
CA GLY A 40 -3.01 -7.13 0.35
C GLY A 40 -2.67 -6.91 -1.11
N LEU A 41 -3.64 -6.44 -1.88
CA LEU A 41 -3.44 -6.19 -3.30
C LEU A 41 -2.69 -4.89 -3.53
N SER A 42 -3.37 -3.77 -3.25
CA SER A 42 -2.77 -2.45 -3.42
C SER A 42 -1.34 -2.42 -2.90
N PHE A 43 -1.09 -3.20 -1.84
CA PHE A 43 0.24 -3.27 -1.26
C PHE A 43 1.24 -3.89 -2.23
N CYS A 44 0.92 -5.07 -2.73
CA CYS A 44 1.79 -5.78 -3.67
C CYS A 44 1.89 -5.01 -4.99
N ALA A 45 0.77 -4.44 -5.42
CA ALA A 45 0.73 -3.68 -6.67
C ALA A 45 1.70 -2.49 -6.61
N ILE A 46 1.64 -1.74 -5.51
CA ILE A 46 2.50 -0.59 -5.34
C ILE A 46 3.97 -0.96 -5.45
N LEU A 47 4.38 -1.96 -4.68
CA LEU A 47 5.77 -2.42 -4.69
C LEU A 47 6.12 -3.00 -6.06
N HIS A 48 5.13 -3.55 -6.75
CA HIS A 48 5.34 -4.14 -8.07
C HIS A 48 5.52 -3.05 -9.13
N HIS A 49 4.83 -1.93 -8.94
CA HIS A 49 4.91 -0.82 -9.87
C HIS A 49 6.36 -0.40 -10.10
N PHE A 50 7.02 0.01 -9.03
CA PHE A 50 8.42 0.43 -9.11
C PHE A 50 9.31 -0.72 -9.58
N ARG A 51 9.19 -1.87 -8.93
CA ARG A 51 9.98 -3.04 -9.28
C ARG A 51 9.10 -4.28 -9.38
N PRO A 52 8.65 -4.60 -10.61
CA PRO A 52 7.79 -5.75 -10.86
C PRO A 52 8.54 -7.08 -10.70
N ASP A 53 9.82 -6.98 -10.35
CA ASP A 53 10.64 -8.17 -10.15
C ASP A 53 10.93 -8.40 -8.67
N LEU A 54 10.10 -7.81 -7.82
CA LEU A 54 10.27 -7.95 -6.38
C LEU A 54 9.18 -8.86 -5.80
N ILE A 55 7.99 -8.78 -6.37
CA ILE A 55 6.87 -9.61 -5.90
C ILE A 55 6.32 -10.47 -7.03
N ASP A 56 5.30 -11.25 -6.71
CA ASP A 56 4.67 -12.13 -7.71
C ASP A 56 3.26 -11.67 -8.03
N TYR A 57 3.04 -10.36 -7.96
CA TYR A 57 1.73 -9.78 -8.25
C TYR A 57 1.26 -10.17 -9.65
N LYS A 58 2.21 -10.53 -10.50
CA LYS A 58 1.89 -10.93 -11.87
C LYS A 58 1.05 -12.20 -11.89
N SER A 59 1.09 -12.95 -10.79
CA SER A 59 0.33 -14.18 -10.69
C SER A 59 -0.40 -14.26 -9.35
N LEU A 60 -0.69 -13.11 -8.77
CA LEU A 60 -1.39 -13.03 -7.49
C LEU A 60 -2.90 -13.00 -7.69
N ASN A 61 -3.63 -12.82 -6.59
CA ASN A 61 -5.08 -12.77 -6.66
C ASN A 61 -5.67 -12.41 -5.29
N PRO A 62 -6.92 -11.93 -5.28
CA PRO A 62 -7.62 -11.54 -4.06
C PRO A 62 -7.98 -12.74 -3.19
N GLN A 63 -7.54 -13.92 -3.61
CA GLN A 63 -7.81 -15.14 -2.87
C GLN A 63 -6.81 -15.33 -1.73
N ASP A 64 -5.84 -14.43 -1.66
CA ASP A 64 -4.81 -14.49 -0.63
C ASP A 64 -4.82 -13.22 0.23
N ILE A 65 -5.19 -13.37 1.49
CA ILE A 65 -5.25 -12.24 2.41
C ILE A 65 -3.99 -12.17 3.28
N LYS A 66 -3.56 -13.32 3.78
CA LYS A 66 -2.37 -13.39 4.62
C LYS A 66 -1.10 -13.30 3.77
N GLU A 67 -1.02 -14.15 2.74
CA GLU A 67 0.14 -14.17 1.87
C GLU A 67 0.37 -12.80 1.24
N ASN A 68 -0.57 -12.36 0.40
CA ASN A 68 -0.47 -11.07 -0.26
C ASN A 68 0.20 -10.04 0.66
N ASN A 69 -0.27 -9.96 1.89
CA ASN A 69 0.27 -9.02 2.86
C ASN A 69 1.73 -9.34 3.17
N LYS A 70 1.99 -10.60 3.53
CA LYS A 70 3.34 -11.04 3.84
C LYS A 70 4.31 -10.67 2.71
N LYS A 71 3.89 -10.93 1.47
CA LYS A 71 4.72 -10.63 0.31
C LYS A 71 5.27 -9.20 0.39
N ALA A 72 4.37 -8.23 0.47
CA ALA A 72 4.77 -6.83 0.56
C ALA A 72 5.73 -6.60 1.72
N TYR A 73 5.25 -6.85 2.93
CA TYR A 73 6.06 -6.66 4.13
C TYR A 73 7.50 -7.09 3.87
N ASP A 74 7.67 -8.18 3.13
CA ASP A 74 9.00 -8.68 2.81
C ASP A 74 9.75 -7.72 1.89
N GLY A 75 9.05 -7.17 0.91
CA GLY A 75 9.66 -6.24 -0.02
C GLY A 75 9.90 -4.88 0.61
N PHE A 76 8.83 -4.25 1.08
CA PHE A 76 8.92 -2.94 1.69
C PHE A 76 9.96 -2.93 2.80
N ALA A 77 9.92 -3.94 3.65
CA ALA A 77 10.87 -4.06 4.76
C ALA A 77 12.26 -4.43 4.25
N SER A 78 12.39 -4.58 2.94
CA SER A 78 13.66 -4.95 2.33
C SER A 78 14.51 -3.71 2.08
N ILE A 79 13.85 -2.59 1.78
CA ILE A 79 14.55 -1.34 1.51
C ILE A 79 14.81 -0.56 2.80
N GLY A 80 13.91 -0.74 3.77
CA GLY A 80 14.06 -0.05 5.04
C GLY A 80 12.74 0.44 5.59
N ILE A 81 11.67 -0.32 5.34
CA ILE A 81 10.35 0.05 5.82
C ILE A 81 9.91 -0.85 6.97
N SER A 82 10.28 -0.46 8.18
CA SER A 82 9.92 -1.23 9.38
C SER A 82 8.45 -1.60 9.37
N ARG A 83 8.17 -2.88 9.11
CA ARG A 83 6.80 -3.36 9.06
C ARG A 83 6.05 -2.98 10.34
N LEU A 84 4.73 -2.84 10.22
CA LEU A 84 3.90 -2.48 11.37
C LEU A 84 2.69 -3.40 11.47
N LEU A 85 1.98 -3.57 10.35
CA LEU A 85 0.80 -4.43 10.31
C LEU A 85 1.20 -5.89 10.13
N GLU A 86 0.31 -6.79 10.54
CA GLU A 86 0.57 -8.22 10.43
C GLU A 86 -0.28 -8.84 9.31
N PRO A 87 0.31 -9.80 8.59
CA PRO A 87 -0.37 -10.49 7.49
C PRO A 87 -1.49 -11.40 7.97
N SER A 88 -1.21 -12.15 9.04
CA SER A 88 -2.20 -13.06 9.60
C SER A 88 -3.36 -12.29 10.23
N ASP A 89 -3.03 -11.19 10.88
CA ASP A 89 -4.06 -10.36 11.54
C ASP A 89 -5.20 -10.07 10.59
N MET A 90 -4.88 -9.60 9.38
CA MET A 90 -5.89 -9.28 8.38
C MET A 90 -6.88 -10.44 8.22
N VAL A 91 -6.47 -11.63 8.66
CA VAL A 91 -7.30 -12.81 8.56
C VAL A 91 -7.99 -13.11 9.90
N LEU A 92 -7.23 -12.97 10.98
CA LEU A 92 -7.75 -13.24 12.32
C LEU A 92 -9.05 -12.47 12.55
N LEU A 93 -9.15 -11.30 11.95
CA LEU A 93 -10.35 -10.46 12.08
C LEU A 93 -10.98 -10.19 10.72
N ALA A 94 -12.09 -9.46 10.72
CA ALA A 94 -12.80 -9.13 9.49
C ALA A 94 -12.30 -7.81 8.92
N ILE A 95 -12.56 -6.73 9.63
CA ILE A 95 -12.14 -5.40 9.20
C ILE A 95 -10.98 -4.88 10.04
N PRO A 96 -9.91 -4.44 9.38
CA PRO A 96 -8.72 -3.91 10.05
C PRO A 96 -8.98 -2.57 10.72
N ASP A 97 -7.92 -1.92 11.20
CA ASP A 97 -8.04 -0.63 11.86
C ASP A 97 -7.55 0.49 10.94
N LYS A 98 -8.49 1.16 10.27
CA LYS A 98 -8.16 2.25 9.37
C LYS A 98 -7.01 3.09 9.92
N LEU A 99 -7.03 3.32 11.23
CA LEU A 99 -6.00 4.11 11.89
C LEU A 99 -4.63 3.43 11.75
N THR A 100 -4.55 2.17 12.16
CA THR A 100 -3.31 1.42 12.07
C THR A 100 -2.79 1.37 10.64
N VAL A 101 -3.52 0.68 9.77
CA VAL A 101 -3.13 0.55 8.37
C VAL A 101 -2.59 1.87 7.83
N MET A 102 -3.43 2.90 7.86
CA MET A 102 -3.03 4.22 7.37
C MET A 102 -1.62 4.57 7.84
N THR A 103 -1.40 4.47 9.15
CA THR A 103 -0.09 4.77 9.72
C THR A 103 1.03 4.10 8.93
N TYR A 104 0.83 2.83 8.60
CA TYR A 104 1.83 2.08 7.84
C TYR A 104 1.96 2.63 6.42
N LEU A 105 0.83 2.84 5.76
CA LEU A 105 0.82 3.36 4.40
C LEU A 105 1.67 4.62 4.29
N TYR A 106 1.24 5.68 4.98
CA TYR A 106 1.95 6.94 4.96
C TYR A 106 3.46 6.71 4.87
N GLN A 107 3.94 5.71 5.59
CA GLN A 107 5.37 5.39 5.59
C GLN A 107 5.85 5.03 4.19
N ILE A 108 5.21 4.03 3.59
CA ILE A 108 5.56 3.59 2.24
C ILE A 108 5.55 4.76 1.27
N ARG A 109 4.46 5.51 1.27
CA ARG A 109 4.32 6.65 0.37
C ARG A 109 5.42 7.68 0.64
N ALA A 110 5.74 7.88 1.91
CA ALA A 110 6.78 8.83 2.30
C ALA A 110 8.14 8.38 1.80
N HIS A 111 8.46 7.11 2.01
CA HIS A 111 9.75 6.56 1.59
C HIS A 111 10.05 6.94 0.15
N PHE A 112 9.09 6.71 -0.73
CA PHE A 112 9.26 7.03 -2.14
C PHE A 112 9.01 8.51 -2.40
N SER A 113 7.80 8.96 -2.11
CA SER A 113 7.43 10.35 -2.31
C SER A 113 8.35 11.27 -1.51
N SER A 114 8.37 11.09 -0.20
CA SER A 114 9.20 11.90 0.68
C SER A 114 8.77 13.37 0.62
N GLY A 115 7.46 13.60 0.62
CA GLY A 115 6.95 14.96 0.56
C GLY A 115 7.01 15.54 -0.83
N PRO A 116 6.70 16.84 -0.94
CA PRO A 116 6.71 17.55 -2.23
C PRO A 116 8.13 17.74 -2.77
N SER A 117 9.12 17.63 -1.89
CA SER A 117 10.50 17.80 -2.28
C SER A 117 11.18 16.45 -2.48
N SER A 118 12.30 16.45 -3.20
CA SER A 118 13.04 15.23 -3.48
C SER A 118 14.54 15.45 -3.33
N GLY A 119 15.27 14.38 -3.03
CA GLY A 119 16.71 14.48 -2.87
C GLY A 119 17.23 13.64 -1.72
N GLY A 1 -2.83 15.54 -21.54
CA GLY A 1 -3.00 16.98 -21.54
C GLY A 1 -2.17 17.66 -20.46
N SER A 2 -2.84 18.40 -19.57
CA SER A 2 -2.15 19.11 -18.50
C SER A 2 -1.74 18.13 -17.39
N SER A 3 -0.79 18.55 -16.57
CA SER A 3 -0.31 17.72 -15.47
C SER A 3 -0.39 18.47 -14.14
N GLY A 4 -0.30 17.72 -13.04
CA GLY A 4 -0.37 18.33 -11.73
C GLY A 4 0.24 17.46 -10.65
N SER A 5 0.42 18.02 -9.46
CA SER A 5 1.01 17.28 -8.35
C SER A 5 0.39 17.72 -7.02
N SER A 6 0.53 16.89 -6.01
CA SER A 6 -0.02 17.18 -4.68
C SER A 6 0.84 16.56 -3.59
N GLY A 7 0.71 17.07 -2.37
CA GLY A 7 1.48 16.56 -1.25
C GLY A 7 0.59 16.07 -0.12
N PRO A 8 1.16 16.01 1.09
CA PRO A 8 0.44 15.56 2.29
C PRO A 8 -0.63 16.57 2.73
N ASN A 9 -0.78 17.64 1.96
CA ASN A 9 -1.76 18.66 2.27
C ASN A 9 -3.01 18.06 2.91
N ALA A 10 -3.53 16.99 2.29
CA ALA A 10 -4.72 16.32 2.80
C ALA A 10 -4.61 14.82 2.61
N SER A 11 -5.35 14.07 3.44
CA SER A 11 -5.33 12.61 3.36
C SER A 11 -5.52 12.14 1.93
N GLN A 12 -6.46 12.77 1.22
CA GLN A 12 -6.75 12.40 -0.16
C GLN A 12 -5.48 12.00 -0.89
N SER A 13 -4.39 12.72 -0.61
CA SER A 13 -3.11 12.44 -1.25
C SER A 13 -2.86 10.93 -1.34
N LEU A 14 -2.64 10.30 -0.19
CA LEU A 14 -2.40 8.86 -0.14
C LEU A 14 -3.33 8.12 -1.10
N LEU A 15 -4.63 8.25 -0.87
CA LEU A 15 -5.61 7.59 -1.72
C LEU A 15 -5.28 7.78 -3.20
N VAL A 16 -4.64 8.89 -3.52
CA VAL A 16 -4.25 9.19 -4.90
C VAL A 16 -2.89 8.60 -5.23
N TRP A 17 -2.06 8.44 -4.19
CA TRP A 17 -0.72 7.88 -4.38
C TRP A 17 -0.79 6.41 -4.76
N CYS A 18 -1.74 5.69 -4.16
CA CYS A 18 -1.91 4.27 -4.45
C CYS A 18 -2.59 4.06 -5.79
N LYS A 19 -3.71 4.76 -6.00
CA LYS A 19 -4.45 4.65 -7.25
C LYS A 19 -3.60 5.10 -8.44
N GLU A 20 -2.51 5.80 -8.14
CA GLU A 20 -1.62 6.29 -9.18
C GLU A 20 -0.66 5.19 -9.64
N VAL A 21 0.09 4.64 -8.69
CA VAL A 21 1.05 3.59 -8.99
C VAL A 21 0.34 2.31 -9.44
N THR A 22 -0.94 2.20 -9.10
CA THR A 22 -1.73 1.03 -9.46
C THR A 22 -2.65 1.35 -10.64
N LYS A 23 -2.24 2.29 -11.47
CA LYS A 23 -3.03 2.68 -12.64
C LYS A 23 -2.92 1.63 -13.75
N ASN A 24 -4.06 1.12 -14.18
CA ASN A 24 -4.10 0.12 -15.24
C ASN A 24 -3.52 -1.21 -14.75
N TYR A 25 -3.84 -1.56 -13.51
CA TYR A 25 -3.35 -2.81 -12.92
C TYR A 25 -4.36 -3.93 -13.11
N ARG A 26 -3.94 -5.15 -12.79
CA ARG A 26 -4.80 -6.32 -12.92
C ARG A 26 -5.71 -6.45 -11.71
N GLY A 27 -6.58 -5.48 -11.50
CA GLY A 27 -7.50 -5.52 -10.37
C GLY A 27 -6.95 -4.77 -9.17
N VAL A 28 -7.17 -3.46 -9.14
CA VAL A 28 -6.71 -2.63 -8.04
C VAL A 28 -7.66 -1.47 -7.77
N LYS A 29 -8.40 -1.56 -6.67
CA LYS A 29 -9.36 -0.52 -6.31
C LYS A 29 -9.12 -0.05 -4.87
N ILE A 30 -9.05 1.26 -4.69
CA ILE A 30 -8.83 1.84 -3.37
C ILE A 30 -9.98 2.75 -2.97
N THR A 31 -11.04 2.17 -2.42
CA THR A 31 -12.21 2.93 -2.00
C THR A 31 -12.17 3.21 -0.50
N ASN A 32 -11.45 2.37 0.23
CA ASN A 32 -11.33 2.53 1.68
C ASN A 32 -9.96 2.08 2.16
N PHE A 33 -9.61 2.47 3.38
CA PHE A 33 -8.32 2.11 3.97
C PHE A 33 -8.49 1.03 5.02
N THR A 34 -9.36 0.05 4.74
CA THR A 34 -9.61 -1.04 5.66
C THR A 34 -9.59 -2.39 4.95
N THR A 35 -10.65 -2.66 4.20
CA THR A 35 -10.75 -3.92 3.45
C THR A 35 -9.93 -3.87 2.17
N SER A 36 -9.96 -2.72 1.50
CA SER A 36 -9.24 -2.54 0.25
C SER A 36 -7.81 -3.09 0.37
N TRP A 37 -7.26 -3.02 1.58
CA TRP A 37 -5.91 -3.51 1.83
C TRP A 37 -5.94 -4.84 2.58
N ARG A 38 -7.06 -5.10 3.25
CA ARG A 38 -7.22 -6.34 4.01
C ARG A 38 -6.62 -7.52 3.25
N ASN A 39 -6.83 -7.54 1.94
CA ASN A 39 -6.31 -8.62 1.10
C ASN A 39 -4.81 -8.47 0.89
N GLY A 40 -4.40 -7.33 0.36
CA GLY A 40 -2.99 -7.07 0.11
C GLY A 40 -2.72 -6.59 -1.30
N LEU A 41 -3.64 -6.89 -2.21
CA LEU A 41 -3.50 -6.48 -3.60
C LEU A 41 -2.90 -5.09 -3.70
N SER A 42 -3.52 -4.13 -3.02
CA SER A 42 -3.04 -2.75 -3.03
C SER A 42 -1.62 -2.66 -2.51
N PHE A 43 -1.34 -3.41 -1.45
CA PHE A 43 -0.01 -3.42 -0.85
C PHE A 43 1.04 -3.90 -1.85
N CYS A 44 0.78 -5.04 -2.47
CA CYS A 44 1.70 -5.61 -3.45
C CYS A 44 1.76 -4.74 -4.71
N ALA A 45 0.61 -4.56 -5.35
CA ALA A 45 0.53 -3.76 -6.57
C ALA A 45 1.50 -2.58 -6.51
N ILE A 46 1.48 -1.86 -5.39
CA ILE A 46 2.34 -0.71 -5.22
C ILE A 46 3.81 -1.10 -5.42
N LEU A 47 4.29 -2.02 -4.59
CA LEU A 47 5.67 -2.48 -4.68
C LEU A 47 5.98 -3.00 -6.08
N HIS A 48 4.94 -3.42 -6.80
CA HIS A 48 5.10 -3.94 -8.15
C HIS A 48 5.35 -2.81 -9.14
N HIS A 49 4.74 -1.65 -8.88
CA HIS A 49 4.89 -0.50 -9.76
C HIS A 49 6.36 -0.15 -9.94
N PHE A 50 7.10 -0.10 -8.83
CA PHE A 50 8.52 0.22 -8.87
C PHE A 50 9.33 -0.93 -9.44
N ARG A 51 9.02 -2.14 -8.98
CA ARG A 51 9.71 -3.34 -9.43
C ARG A 51 8.75 -4.53 -9.54
N PRO A 52 8.40 -4.88 -10.79
CA PRO A 52 7.48 -6.00 -11.06
C PRO A 52 8.11 -7.35 -10.73
N ASP A 53 9.33 -7.33 -10.21
CA ASP A 53 10.04 -8.54 -9.86
C ASP A 53 10.05 -8.75 -8.35
N LEU A 54 10.29 -7.67 -7.61
CA LEU A 54 10.33 -7.73 -6.16
C LEU A 54 9.22 -8.61 -5.61
N ILE A 55 8.07 -8.60 -6.29
CA ILE A 55 6.93 -9.40 -5.88
C ILE A 55 6.45 -10.29 -7.01
N ASP A 56 5.35 -11.00 -6.78
CA ASP A 56 4.79 -11.90 -7.78
C ASP A 56 3.38 -11.46 -8.17
N TYR A 57 3.11 -10.16 -8.03
CA TYR A 57 1.81 -9.61 -8.37
C TYR A 57 1.40 -10.01 -9.78
N LYS A 58 2.38 -10.39 -10.59
CA LYS A 58 2.12 -10.81 -11.97
C LYS A 58 1.21 -12.03 -12.02
N SER A 59 1.24 -12.82 -10.95
CA SER A 59 0.42 -14.02 -10.87
C SER A 59 -0.28 -14.10 -9.51
N LEU A 60 -0.64 -12.95 -8.96
CA LEU A 60 -1.32 -12.89 -7.68
C LEU A 60 -2.83 -12.81 -7.86
N ASN A 61 -3.55 -12.66 -6.75
CA ASN A 61 -5.00 -12.57 -6.79
C ASN A 61 -5.56 -12.20 -5.42
N PRO A 62 -6.80 -11.68 -5.40
CA PRO A 62 -7.48 -11.28 -4.18
C PRO A 62 -7.86 -12.48 -3.30
N GLN A 63 -7.48 -13.67 -3.74
CA GLN A 63 -7.78 -14.89 -3.00
C GLN A 63 -6.82 -15.07 -1.82
N ASP A 64 -5.70 -14.35 -1.87
CA ASP A 64 -4.71 -14.42 -0.81
C ASP A 64 -4.74 -13.18 0.06
N ILE A 65 -5.11 -13.35 1.32
CA ILE A 65 -5.18 -12.23 2.25
C ILE A 65 -3.91 -12.14 3.10
N LYS A 66 -3.50 -13.27 3.67
CA LYS A 66 -2.31 -13.32 4.50
C LYS A 66 -1.05 -13.24 3.64
N GLU A 67 -0.97 -14.11 2.63
CA GLU A 67 0.18 -14.14 1.74
C GLU A 67 0.39 -12.78 1.08
N ASN A 68 -0.57 -12.35 0.28
CA ASN A 68 -0.48 -11.06 -0.41
C ASN A 68 0.19 -10.03 0.48
N ASN A 69 -0.29 -9.90 1.70
CA ASN A 69 0.26 -8.94 2.65
C ASN A 69 1.71 -9.28 2.99
N LYS A 70 1.96 -10.55 3.30
CA LYS A 70 3.30 -11.00 3.64
C LYS A 70 4.30 -10.64 2.55
N LYS A 71 3.96 -11.01 1.31
CA LYS A 71 4.82 -10.73 0.17
C LYS A 71 5.31 -9.28 0.21
N ALA A 72 4.42 -8.38 0.62
CA ALA A 72 4.76 -6.96 0.70
C ALA A 72 5.75 -6.69 1.83
N TYR A 73 5.29 -6.84 3.07
CA TYR A 73 6.15 -6.61 4.22
C TYR A 73 7.57 -7.06 3.95
N ASP A 74 7.71 -8.22 3.29
CA ASP A 74 9.02 -8.77 2.98
C ASP A 74 9.77 -7.85 2.02
N GLY A 75 9.07 -7.36 0.99
CA GLY A 75 9.69 -6.49 0.02
C GLY A 75 9.96 -5.10 0.59
N PHE A 76 8.94 -4.50 1.16
CA PHE A 76 9.07 -3.16 1.75
C PHE A 76 10.11 -3.15 2.86
N ALA A 77 9.99 -4.11 3.78
CA ALA A 77 10.92 -4.21 4.90
C ALA A 77 12.33 -4.51 4.41
N SER A 78 12.45 -4.87 3.14
CA SER A 78 13.74 -5.19 2.55
C SER A 78 14.63 -3.96 2.47
N ILE A 79 14.00 -2.80 2.34
CA ILE A 79 14.73 -1.53 2.25
C ILE A 79 14.82 -0.86 3.62
N GLY A 80 13.83 -1.11 4.46
CA GLY A 80 13.81 -0.52 5.79
C GLY A 80 12.41 -0.33 6.33
N ILE A 81 11.44 -0.24 5.42
CA ILE A 81 10.04 -0.06 5.82
C ILE A 81 9.62 -1.10 6.84
N SER A 82 9.63 -0.73 8.11
CA SER A 82 9.25 -1.64 9.18
C SER A 82 7.93 -2.33 8.86
N ARG A 83 7.51 -3.23 9.75
CA ARG A 83 6.25 -3.96 9.56
C ARG A 83 5.18 -3.45 10.51
N LEU A 84 4.61 -2.29 10.18
CA LEU A 84 3.56 -1.70 10.99
C LEU A 84 2.39 -2.66 11.17
N LEU A 85 1.88 -3.17 10.06
CA LEU A 85 0.76 -4.10 10.08
C LEU A 85 1.24 -5.53 9.83
N GLU A 86 0.42 -6.50 10.22
CA GLU A 86 0.76 -7.91 10.03
C GLU A 86 -0.17 -8.56 9.00
N PRO A 87 0.35 -9.55 8.28
CA PRO A 87 -0.40 -10.27 7.25
C PRO A 87 -1.49 -11.15 7.85
N SER A 88 -1.13 -11.92 8.87
CA SER A 88 -2.08 -12.81 9.53
C SER A 88 -3.19 -12.02 10.20
N ASP A 89 -2.81 -10.97 10.92
CA ASP A 89 -3.78 -10.12 11.63
C ASP A 89 -4.96 -9.80 10.72
N MET A 90 -4.67 -9.32 9.52
CA MET A 90 -5.71 -8.96 8.55
C MET A 90 -6.71 -10.10 8.40
N VAL A 91 -6.24 -11.33 8.58
CA VAL A 91 -7.09 -12.50 8.46
C VAL A 91 -7.78 -12.81 9.78
N LEU A 92 -7.03 -12.75 10.87
CA LEU A 92 -7.57 -13.02 12.19
C LEU A 92 -8.88 -12.27 12.42
N LEU A 93 -8.90 -11.00 12.06
CA LEU A 93 -10.09 -10.17 12.21
C LEU A 93 -10.78 -9.95 10.87
N ALA A 94 -12.00 -9.43 10.92
CA ALA A 94 -12.77 -9.17 9.70
C ALA A 94 -12.36 -7.85 9.07
N ILE A 95 -12.34 -6.80 9.89
CA ILE A 95 -11.96 -5.47 9.40
C ILE A 95 -10.81 -4.89 10.22
N PRO A 96 -9.75 -4.47 9.51
CA PRO A 96 -8.56 -3.89 10.15
C PRO A 96 -8.84 -2.52 10.77
N ASP A 97 -7.86 -1.99 11.47
CA ASP A 97 -7.99 -0.68 12.11
C ASP A 97 -7.49 0.43 11.18
N LYS A 98 -8.41 1.03 10.45
CA LYS A 98 -8.07 2.11 9.53
C LYS A 98 -6.93 2.96 10.07
N LEU A 99 -7.02 3.31 11.36
CA LEU A 99 -5.99 4.11 12.01
C LEU A 99 -4.61 3.48 11.83
N THR A 100 -4.52 2.18 12.11
CA THR A 100 -3.26 1.46 11.99
C THR A 100 -2.82 1.38 10.53
N VAL A 101 -3.68 0.84 9.68
CA VAL A 101 -3.38 0.72 8.26
C VAL A 101 -2.80 2.01 7.70
N MET A 102 -3.61 3.06 7.72
CA MET A 102 -3.17 4.37 7.21
C MET A 102 -1.74 4.66 7.64
N THR A 103 -1.47 4.53 8.93
CA THR A 103 -0.14 4.79 9.47
C THR A 103 0.93 4.10 8.63
N TYR A 104 0.77 2.80 8.42
CA TYR A 104 1.72 2.02 7.63
C TYR A 104 1.91 2.63 6.25
N LEU A 105 0.82 2.71 5.49
CA LEU A 105 0.86 3.27 4.15
C LEU A 105 1.68 4.56 4.12
N TYR A 106 1.29 5.52 4.95
CA TYR A 106 1.99 6.79 5.02
C TYR A 106 3.50 6.59 4.97
N GLN A 107 3.96 5.51 5.58
CA GLN A 107 5.39 5.19 5.62
C GLN A 107 5.92 4.94 4.21
N ILE A 108 5.23 4.07 3.47
CA ILE A 108 5.63 3.73 2.11
C ILE A 108 5.58 4.95 1.20
N ARG A 109 4.41 5.57 1.10
CA ARG A 109 4.23 6.75 0.27
C ARG A 109 5.35 7.76 0.52
N ALA A 110 5.78 7.86 1.78
CA ALA A 110 6.84 8.79 2.14
C ALA A 110 8.21 8.27 1.68
N HIS A 111 8.43 6.97 1.85
CA HIS A 111 9.69 6.36 1.46
C HIS A 111 10.04 6.70 0.02
N PHE A 112 9.13 6.40 -0.90
CA PHE A 112 9.34 6.69 -2.30
C PHE A 112 9.12 8.16 -2.61
N SER A 113 7.98 8.69 -2.15
CA SER A 113 7.65 10.09 -2.37
C SER A 113 7.69 10.87 -1.06
N SER A 114 8.87 11.39 -0.73
CA SER A 114 9.05 12.16 0.49
C SER A 114 8.11 13.37 0.52
N GLY A 115 7.88 13.91 1.71
CA GLY A 115 7.01 15.06 1.84
C GLY A 115 7.74 16.37 1.58
N PRO A 116 7.22 17.47 2.15
CA PRO A 116 7.81 18.80 1.98
C PRO A 116 9.14 18.94 2.72
N SER A 117 10.06 19.67 2.12
CA SER A 117 11.38 19.88 2.72
C SER A 117 11.34 21.05 3.70
N SER A 118 10.87 22.20 3.23
CA SER A 118 10.79 23.39 4.06
C SER A 118 9.85 23.17 5.24
N GLY A 119 9.94 24.05 6.23
CA GLY A 119 9.10 23.94 7.41
C GLY A 119 9.65 22.92 8.40
N GLY A 1 -6.08 23.53 -15.32
CA GLY A 1 -6.78 22.27 -15.22
C GLY A 1 -5.87 21.08 -15.39
N SER A 2 -5.18 20.70 -14.32
CA SER A 2 -4.26 19.57 -14.37
C SER A 2 -4.14 18.90 -13.00
N SER A 3 -4.17 17.58 -12.99
CA SER A 3 -4.07 16.81 -11.75
C SER A 3 -2.62 16.73 -11.27
N GLY A 4 -2.40 17.10 -10.02
CA GLY A 4 -1.06 17.06 -9.46
C GLY A 4 -0.79 18.21 -8.51
N SER A 5 -0.08 17.92 -7.42
CA SER A 5 0.25 18.94 -6.44
C SER A 5 1.48 18.54 -5.63
N SER A 6 2.21 19.54 -5.14
CA SER A 6 3.41 19.30 -4.36
C SER A 6 3.17 19.56 -2.88
N GLY A 7 4.04 19.02 -2.04
CA GLY A 7 3.89 19.19 -0.60
C GLY A 7 2.77 18.34 -0.03
N PRO A 8 2.67 18.33 1.31
CA PRO A 8 1.65 17.55 2.02
C PRO A 8 0.25 18.13 1.81
N ASN A 9 -0.74 17.24 1.68
CA ASN A 9 -2.12 17.65 1.48
C ASN A 9 -3.08 16.73 2.23
N ALA A 10 -4.37 17.03 2.12
CA ALA A 10 -5.39 16.22 2.78
C ALA A 10 -5.14 14.73 2.57
N SER A 11 -5.69 13.91 3.45
CA SER A 11 -5.52 12.46 3.37
C SER A 11 -5.59 12.00 1.91
N GLN A 12 -6.43 12.66 1.13
CA GLN A 12 -6.59 12.31 -0.28
C GLN A 12 -5.24 12.02 -0.93
N SER A 13 -4.28 12.91 -0.70
CA SER A 13 -2.94 12.75 -1.26
C SER A 13 -2.54 11.28 -1.30
N LEU A 14 -2.56 10.65 -0.14
CA LEU A 14 -2.20 9.24 -0.03
C LEU A 14 -3.08 8.38 -0.93
N LEU A 15 -4.38 8.38 -0.64
CA LEU A 15 -5.34 7.60 -1.42
C LEU A 15 -4.98 7.62 -2.90
N VAL A 16 -4.53 8.77 -3.38
CA VAL A 16 -4.14 8.91 -4.78
C VAL A 16 -2.81 8.21 -5.06
N TRP A 17 -1.80 8.55 -4.27
CA TRP A 17 -0.48 7.96 -4.43
C TRP A 17 -0.58 6.50 -4.88
N CYS A 18 -1.50 5.76 -4.25
CA CYS A 18 -1.70 4.36 -4.58
C CYS A 18 -2.40 4.21 -5.92
N LYS A 19 -3.65 4.68 -5.99
CA LYS A 19 -4.43 4.60 -7.21
C LYS A 19 -3.57 4.92 -8.44
N GLU A 20 -2.65 5.86 -8.28
CA GLU A 20 -1.76 6.25 -9.37
C GLU A 20 -0.85 5.10 -9.77
N VAL A 21 0.03 4.70 -8.86
CA VAL A 21 0.95 3.61 -9.13
C VAL A 21 0.21 2.35 -9.55
N THR A 22 -1.08 2.30 -9.25
CA THR A 22 -1.90 1.16 -9.60
C THR A 22 -2.90 1.51 -10.69
N LYS A 23 -2.56 2.52 -11.48
CA LYS A 23 -3.44 2.96 -12.57
C LYS A 23 -3.76 1.79 -13.51
N ASN A 24 -5.06 1.51 -13.64
CA ASN A 24 -5.50 0.41 -14.50
C ASN A 24 -4.74 -0.87 -14.20
N TYR A 25 -4.77 -1.29 -12.94
CA TYR A 25 -4.08 -2.49 -12.52
C TYR A 25 -5.02 -3.70 -12.53
N ARG A 26 -4.52 -4.84 -12.08
CA ARG A 26 -5.32 -6.06 -12.04
C ARG A 26 -6.21 -6.08 -10.82
N GLY A 27 -7.38 -5.44 -10.93
CA GLY A 27 -8.32 -5.40 -9.82
C GLY A 27 -7.77 -4.62 -8.63
N VAL A 28 -7.51 -3.34 -8.84
CA VAL A 28 -6.98 -2.49 -7.78
C VAL A 28 -7.89 -1.28 -7.54
N LYS A 29 -8.89 -1.44 -6.70
CA LYS A 29 -9.83 -0.37 -6.40
C LYS A 29 -9.69 0.08 -4.94
N ILE A 30 -8.97 1.18 -4.73
CA ILE A 30 -8.77 1.71 -3.39
C ILE A 30 -9.94 2.58 -2.95
N THR A 31 -11.06 1.95 -2.64
CA THR A 31 -12.26 2.67 -2.21
C THR A 31 -12.20 3.00 -0.72
N ASN A 32 -11.50 2.16 0.03
CA ASN A 32 -11.36 2.36 1.47
C ASN A 32 -9.94 2.09 1.93
N PHE A 33 -9.69 2.23 3.23
CA PHE A 33 -8.36 2.00 3.79
C PHE A 33 -8.40 0.90 4.84
N THR A 34 -9.39 0.02 4.73
CA THR A 34 -9.54 -1.09 5.66
C THR A 34 -9.66 -2.42 4.94
N THR A 35 -10.70 -2.56 4.12
CA THR A 35 -10.93 -3.78 3.36
C THR A 35 -10.10 -3.81 2.09
N SER A 36 -10.18 -2.72 1.31
CA SER A 36 -9.42 -2.63 0.07
C SER A 36 -8.00 -3.13 0.25
N TRP A 37 -7.49 -3.00 1.47
CA TRP A 37 -6.13 -3.44 1.77
C TRP A 37 -6.14 -4.76 2.54
N ARG A 38 -7.22 -5.00 3.27
CA ARG A 38 -7.37 -6.23 4.05
C ARG A 38 -6.73 -7.41 3.32
N ASN A 39 -7.13 -7.60 2.06
CA ASN A 39 -6.59 -8.69 1.27
C ASN A 39 -5.09 -8.55 1.07
N GLY A 40 -4.66 -7.41 0.55
CA GLY A 40 -3.25 -7.16 0.34
C GLY A 40 -2.91 -7.01 -1.13
N LEU A 41 -3.83 -6.44 -1.89
CA LEU A 41 -3.62 -6.24 -3.33
C LEU A 41 -2.96 -4.88 -3.60
N SER A 42 -3.39 -3.87 -2.86
CA SER A 42 -2.85 -2.52 -3.02
C SER A 42 -1.41 -2.45 -2.51
N PHE A 43 -1.09 -3.33 -1.57
CA PHE A 43 0.26 -3.36 -0.99
C PHE A 43 1.25 -3.99 -1.98
N CYS A 44 0.86 -5.10 -2.57
CA CYS A 44 1.71 -5.79 -3.53
C CYS A 44 1.73 -5.07 -4.87
N ALA A 45 0.62 -4.43 -5.20
CA ALA A 45 0.50 -3.69 -6.45
C ALA A 45 1.46 -2.51 -6.49
N ILE A 46 1.52 -1.77 -5.39
CA ILE A 46 2.40 -0.62 -5.29
C ILE A 46 3.85 -1.01 -5.54
N LEU A 47 4.38 -1.86 -4.67
CA LEU A 47 5.77 -2.32 -4.79
C LEU A 47 6.03 -2.87 -6.19
N HIS A 48 4.97 -3.27 -6.88
CA HIS A 48 5.09 -3.81 -8.23
C HIS A 48 5.35 -2.69 -9.24
N HIS A 49 4.59 -1.61 -9.13
CA HIS A 49 4.73 -0.48 -10.02
C HIS A 49 6.20 -0.12 -10.23
N PHE A 50 6.94 -0.01 -9.12
CA PHE A 50 8.35 0.32 -9.17
C PHE A 50 9.18 -0.88 -9.65
N ARG A 51 8.94 -2.03 -9.04
CA ARG A 51 9.67 -3.25 -9.40
C ARG A 51 8.71 -4.43 -9.51
N PRO A 52 8.33 -4.76 -10.76
CA PRO A 52 7.42 -5.87 -11.03
C PRO A 52 8.06 -7.23 -10.75
N ASP A 53 9.29 -7.21 -10.26
CA ASP A 53 10.01 -8.44 -9.95
C ASP A 53 10.04 -8.69 -8.44
N LEU A 54 10.16 -7.61 -7.67
CA LEU A 54 10.20 -7.72 -6.21
C LEU A 54 9.10 -8.65 -5.71
N ILE A 55 7.93 -8.57 -6.31
CA ILE A 55 6.80 -9.41 -5.92
C ILE A 55 6.31 -10.25 -7.10
N ASP A 56 5.22 -10.98 -6.88
CA ASP A 56 4.64 -11.81 -7.92
C ASP A 56 3.23 -11.35 -8.26
N TYR A 57 2.96 -10.07 -8.07
CA TYR A 57 1.65 -9.50 -8.36
C TYR A 57 1.19 -9.87 -9.76
N LYS A 58 2.14 -10.26 -10.60
CA LYS A 58 1.83 -10.64 -11.98
C LYS A 58 0.93 -11.87 -12.01
N SER A 59 1.07 -12.74 -11.01
CA SER A 59 0.27 -13.96 -10.94
C SER A 59 -0.39 -14.07 -9.56
N LEU A 60 -0.72 -12.93 -8.97
CA LEU A 60 -1.34 -12.92 -7.65
C LEU A 60 -2.87 -12.91 -7.78
N ASN A 61 -3.56 -12.80 -6.65
CA ASN A 61 -5.01 -12.78 -6.64
C ASN A 61 -5.54 -12.45 -5.24
N PRO A 62 -6.80 -12.00 -5.19
CA PRO A 62 -7.45 -11.64 -3.92
C PRO A 62 -7.74 -12.85 -3.05
N GLN A 63 -7.33 -14.03 -3.53
CA GLN A 63 -7.55 -15.27 -2.79
C GLN A 63 -6.53 -15.42 -1.67
N ASP A 64 -5.51 -14.57 -1.68
CA ASP A 64 -4.46 -14.61 -0.66
C ASP A 64 -4.50 -13.36 0.22
N ILE A 65 -4.85 -13.54 1.48
CA ILE A 65 -4.92 -12.43 2.42
C ILE A 65 -3.69 -12.37 3.31
N LYS A 66 -3.29 -13.53 3.83
CA LYS A 66 -2.11 -13.61 4.68
C LYS A 66 -0.83 -13.52 3.87
N GLU A 67 -0.80 -14.20 2.73
CA GLU A 67 0.36 -14.20 1.85
C GLU A 67 0.56 -12.83 1.23
N ASN A 68 -0.36 -12.44 0.37
CA ASN A 68 -0.29 -11.15 -0.31
C ASN A 68 0.33 -10.09 0.61
N ASN A 69 -0.28 -9.90 1.77
CA ASN A 69 0.21 -8.91 2.73
C ASN A 69 1.67 -9.20 3.10
N LYS A 70 1.93 -10.41 3.56
CA LYS A 70 3.29 -10.80 3.95
C LYS A 70 4.29 -10.44 2.85
N LYS A 71 3.92 -10.70 1.61
CA LYS A 71 4.78 -10.40 0.46
C LYS A 71 5.31 -8.97 0.55
N ALA A 72 4.39 -8.01 0.58
CA ALA A 72 4.77 -6.60 0.66
C ALA A 72 5.70 -6.35 1.84
N TYR A 73 5.19 -6.52 3.05
CA TYR A 73 5.98 -6.31 4.25
C TYR A 73 7.42 -6.77 4.05
N ASP A 74 7.58 -7.88 3.32
CA ASP A 74 8.91 -8.43 3.06
C ASP A 74 9.66 -7.55 2.06
N GLY A 75 8.97 -7.13 1.00
CA GLY A 75 9.60 -6.29 0.00
C GLY A 75 9.93 -4.91 0.52
N PHE A 76 8.99 -4.30 1.24
CA PHE A 76 9.20 -2.97 1.79
C PHE A 76 10.18 -3.01 2.96
N ALA A 77 9.99 -3.99 3.84
CA ALA A 77 10.87 -4.14 5.00
C ALA A 77 12.25 -4.62 4.60
N SER A 78 12.38 -5.04 3.33
CA SER A 78 13.65 -5.53 2.82
C SER A 78 14.64 -4.40 2.63
N ILE A 79 14.12 -3.21 2.31
CA ILE A 79 14.95 -2.04 2.09
C ILE A 79 15.16 -1.27 3.39
N GLY A 80 14.11 -1.19 4.20
CA GLY A 80 14.19 -0.48 5.46
C GLY A 80 12.83 -0.11 6.02
N ILE A 81 11.82 -0.12 5.16
CA ILE A 81 10.47 0.23 5.57
C ILE A 81 9.96 -0.73 6.64
N SER A 82 10.17 -0.38 7.89
CA SER A 82 9.74 -1.20 9.02
C SER A 82 8.27 -1.55 8.90
N ARG A 83 7.96 -2.84 8.91
CA ARG A 83 6.59 -3.31 8.80
C ARG A 83 5.83 -3.06 10.10
N LEU A 84 4.59 -2.59 9.98
CA LEU A 84 3.75 -2.32 11.14
C LEU A 84 2.57 -3.28 11.21
N LEU A 85 1.82 -3.36 10.11
CA LEU A 85 0.66 -4.24 10.03
C LEU A 85 1.09 -5.69 9.82
N GLU A 86 0.32 -6.62 10.37
CA GLU A 86 0.62 -8.04 10.25
C GLU A 86 -0.27 -8.69 9.20
N PRO A 87 0.30 -9.64 8.43
CA PRO A 87 -0.42 -10.34 7.38
C PRO A 87 -1.47 -11.30 7.93
N SER A 88 -1.14 -11.97 9.04
CA SER A 88 -2.05 -12.91 9.67
C SER A 88 -3.22 -12.18 10.32
N ASP A 89 -2.91 -11.25 11.22
CA ASP A 89 -3.93 -10.48 11.91
C ASP A 89 -5.08 -10.13 10.96
N MET A 90 -4.73 -9.73 9.75
CA MET A 90 -5.73 -9.36 8.75
C MET A 90 -6.74 -10.49 8.56
N VAL A 91 -6.24 -11.72 8.46
CA VAL A 91 -7.10 -12.88 8.26
C VAL A 91 -7.95 -13.14 9.51
N LEU A 92 -7.31 -13.14 10.67
CA LEU A 92 -8.02 -13.37 11.93
C LEU A 92 -9.25 -12.47 12.04
N LEU A 93 -9.03 -11.17 12.09
CA LEU A 93 -10.11 -10.20 12.19
C LEU A 93 -10.80 -10.01 10.84
N ALA A 94 -11.97 -9.40 10.85
CA ALA A 94 -12.73 -9.15 9.63
C ALA A 94 -12.32 -7.81 9.01
N ILE A 95 -12.42 -6.75 9.79
CA ILE A 95 -12.07 -5.41 9.31
C ILE A 95 -10.92 -4.83 10.12
N PRO A 96 -9.84 -4.45 9.44
CA PRO A 96 -8.66 -3.86 10.07
C PRO A 96 -8.93 -2.46 10.61
N ASP A 97 -7.91 -1.86 11.21
CA ASP A 97 -8.03 -0.52 11.77
C ASP A 97 -7.52 0.53 10.78
N LYS A 98 -8.44 1.34 10.25
CA LYS A 98 -8.09 2.38 9.29
C LYS A 98 -6.87 3.16 9.77
N LEU A 99 -6.93 3.63 11.01
CA LEU A 99 -5.84 4.41 11.59
C LEU A 99 -4.52 3.64 11.47
N THR A 100 -4.55 2.36 11.80
CA THR A 100 -3.35 1.52 11.73
C THR A 100 -2.85 1.40 10.31
N VAL A 101 -3.64 0.76 9.45
CA VAL A 101 -3.27 0.59 8.05
C VAL A 101 -2.68 1.86 7.47
N MET A 102 -3.47 2.94 7.48
CA MET A 102 -3.01 4.22 6.95
C MET A 102 -1.61 4.54 7.44
N THR A 103 -1.38 4.34 8.73
CA THR A 103 -0.07 4.62 9.33
C THR A 103 1.04 3.95 8.53
N TYR A 104 0.97 2.62 8.43
CA TYR A 104 1.98 1.86 7.70
C TYR A 104 2.18 2.42 6.30
N LEU A 105 1.07 2.65 5.60
CA LEU A 105 1.13 3.19 4.25
C LEU A 105 1.88 4.52 4.22
N TYR A 106 1.49 5.43 5.09
CA TYR A 106 2.12 6.75 5.17
C TYR A 106 3.65 6.61 5.11
N GLN A 107 4.15 5.52 5.68
CA GLN A 107 5.59 5.26 5.70
C GLN A 107 6.12 5.02 4.29
N ILE A 108 5.42 4.17 3.54
CA ILE A 108 5.81 3.84 2.18
C ILE A 108 5.72 5.06 1.27
N ARG A 109 4.53 5.62 1.14
CA ARG A 109 4.30 6.78 0.30
C ARG A 109 5.35 7.86 0.59
N ALA A 110 5.69 8.03 1.86
CA ALA A 110 6.67 9.02 2.27
C ALA A 110 8.07 8.65 1.78
N HIS A 111 8.41 7.37 1.91
CA HIS A 111 9.71 6.88 1.47
C HIS A 111 10.00 7.31 0.04
N PHE A 112 9.11 6.93 -0.88
CA PHE A 112 9.27 7.27 -2.29
C PHE A 112 8.94 8.74 -2.54
N SER A 113 7.71 9.12 -2.20
CA SER A 113 7.27 10.51 -2.40
C SER A 113 7.28 11.26 -1.07
N SER A 114 8.12 12.29 -1.00
CA SER A 114 8.23 13.10 0.21
C SER A 114 7.04 14.04 0.35
N GLY A 115 7.03 14.83 1.42
CA GLY A 115 5.94 15.76 1.65
C GLY A 115 6.06 16.46 2.99
N PRO A 116 5.38 15.91 4.01
CA PRO A 116 5.38 16.47 5.36
C PRO A 116 6.74 16.32 6.04
N SER A 117 7.58 17.35 5.92
CA SER A 117 8.91 17.32 6.53
C SER A 117 8.84 16.88 7.99
N SER A 118 8.07 17.60 8.79
CA SER A 118 7.91 17.28 10.20
C SER A 118 6.45 17.39 10.63
N GLY A 119 5.87 16.26 11.04
CA GLY A 119 4.49 16.25 11.47
C GLY A 119 3.79 14.95 11.10
N GLY A 1 -0.27 11.22 -18.59
CA GLY A 1 -1.31 10.68 -17.72
C GLY A 1 -2.01 11.75 -16.91
N SER A 2 -1.93 11.65 -15.59
CA SER A 2 -2.55 12.63 -14.70
C SER A 2 -1.58 13.09 -13.63
N SER A 3 -1.52 14.41 -13.43
CA SER A 3 -0.62 14.98 -12.44
C SER A 3 -1.29 15.05 -11.06
N GLY A 4 -0.49 15.22 -10.02
CA GLY A 4 -1.02 15.29 -8.67
C GLY A 4 -0.35 16.37 -7.84
N SER A 5 -0.89 16.60 -6.64
CA SER A 5 -0.34 17.62 -5.76
C SER A 5 1.14 17.37 -5.50
N SER A 6 1.88 18.44 -5.25
CA SER A 6 3.31 18.35 -4.98
C SER A 6 3.57 17.78 -3.59
N GLY A 7 2.85 18.31 -2.60
CA GLY A 7 3.01 17.85 -1.23
C GLY A 7 1.71 17.36 -0.63
N PRO A 8 1.82 16.57 0.45
CA PRO A 8 0.65 16.02 1.15
C PRO A 8 -0.14 17.09 1.88
N ASN A 9 -1.35 17.36 1.39
CA ASN A 9 -2.22 18.36 2.00
C ASN A 9 -3.30 17.70 2.86
N ALA A 10 -3.96 16.71 2.30
CA ALA A 10 -5.01 15.99 3.02
C ALA A 10 -4.97 14.50 2.71
N SER A 11 -5.69 13.72 3.50
CA SER A 11 -5.73 12.27 3.31
C SER A 11 -5.79 11.92 1.84
N GLN A 12 -6.60 12.65 1.08
CA GLN A 12 -6.74 12.42 -0.35
C GLN A 12 -5.40 12.04 -0.97
N SER A 13 -4.37 12.82 -0.65
CA SER A 13 -3.03 12.57 -1.19
C SER A 13 -2.75 11.07 -1.27
N LEU A 14 -2.69 10.42 -0.11
CA LEU A 14 -2.43 9.00 -0.05
C LEU A 14 -3.30 8.23 -1.03
N LEU A 15 -4.62 8.38 -0.89
CA LEU A 15 -5.57 7.71 -1.76
C LEU A 15 -5.18 7.89 -3.23
N VAL A 16 -4.54 9.02 -3.54
CA VAL A 16 -4.11 9.32 -4.90
C VAL A 16 -2.76 8.67 -5.20
N TRP A 17 -1.88 8.68 -4.21
CA TRP A 17 -0.55 8.08 -4.37
C TRP A 17 -0.66 6.59 -4.64
N CYS A 18 -1.50 5.91 -3.88
CA CYS A 18 -1.69 4.47 -4.04
C CYS A 18 -2.36 4.16 -5.38
N LYS A 19 -3.38 4.94 -5.72
CA LYS A 19 -4.11 4.75 -6.97
C LYS A 19 -3.23 5.10 -8.17
N GLU A 20 -2.41 6.12 -8.02
CA GLU A 20 -1.52 6.54 -9.09
C GLU A 20 -0.57 5.42 -9.50
N VAL A 21 0.20 4.92 -8.52
CA VAL A 21 1.14 3.85 -8.77
C VAL A 21 0.44 2.60 -9.29
N THR A 22 -0.84 2.46 -8.94
CA THR A 22 -1.63 1.32 -9.38
C THR A 22 -2.57 1.69 -10.51
N LYS A 23 -2.18 2.71 -11.29
CA LYS A 23 -2.99 3.16 -12.40
C LYS A 23 -2.93 2.16 -13.56
N ASN A 24 -4.10 1.73 -14.02
CA ASN A 24 -4.18 0.77 -15.12
C ASN A 24 -3.81 -0.62 -14.65
N TYR A 25 -4.14 -0.95 -13.41
CA TYR A 25 -3.84 -2.25 -12.84
C TYR A 25 -5.02 -3.20 -12.99
N ARG A 26 -4.89 -4.40 -12.43
CA ARG A 26 -5.95 -5.40 -12.51
C ARG A 26 -6.54 -5.66 -11.12
N GLY A 27 -7.69 -5.05 -10.84
CA GLY A 27 -8.34 -5.21 -9.56
C GLY A 27 -7.69 -4.39 -8.46
N VAL A 28 -7.50 -3.10 -8.73
CA VAL A 28 -6.89 -2.20 -7.76
C VAL A 28 -7.71 -0.93 -7.58
N LYS A 29 -8.74 -1.01 -6.73
CA LYS A 29 -9.59 0.15 -6.48
C LYS A 29 -9.56 0.53 -5.00
N ILE A 30 -8.58 1.33 -4.62
CA ILE A 30 -8.44 1.76 -3.24
C ILE A 30 -9.65 2.58 -2.80
N THR A 31 -10.74 1.89 -2.51
CA THR A 31 -11.97 2.54 -2.07
C THR A 31 -11.90 2.93 -0.60
N ASN A 32 -11.23 2.09 0.20
CA ASN A 32 -11.08 2.35 1.62
C ASN A 32 -9.69 1.99 2.11
N PHE A 33 -9.44 2.17 3.40
CA PHE A 33 -8.14 1.87 3.98
C PHE A 33 -8.26 0.75 5.01
N THR A 34 -9.22 -0.14 4.80
CA THR A 34 -9.44 -1.26 5.72
C THR A 34 -9.48 -2.58 4.97
N THR A 35 -10.46 -2.73 4.08
CA THR A 35 -10.61 -3.96 3.30
C THR A 35 -9.77 -3.89 2.03
N SER A 36 -9.88 -2.78 1.31
CA SER A 36 -9.14 -2.60 0.06
C SER A 36 -7.71 -3.15 0.19
N TRP A 37 -7.19 -3.13 1.41
CA TRP A 37 -5.84 -3.63 1.67
C TRP A 37 -5.89 -4.96 2.41
N ARG A 38 -6.97 -5.19 3.15
CA ARG A 38 -7.13 -6.43 3.90
C ARG A 38 -6.51 -7.60 3.15
N ASN A 39 -6.84 -7.72 1.87
CA ASN A 39 -6.30 -8.80 1.06
C ASN A 39 -4.79 -8.67 0.87
N GLY A 40 -4.37 -7.50 0.40
CA GLY A 40 -2.96 -7.25 0.19
C GLY A 40 -2.64 -6.85 -1.23
N LEU A 41 -3.63 -6.93 -2.11
CA LEU A 41 -3.46 -6.57 -3.51
C LEU A 41 -2.91 -5.15 -3.63
N SER A 42 -3.65 -4.18 -3.10
CA SER A 42 -3.24 -2.78 -3.15
C SER A 42 -1.83 -2.61 -2.61
N PHE A 43 -1.49 -3.42 -1.61
CA PHE A 43 -0.17 -3.36 -1.00
C PHE A 43 0.92 -3.78 -2.00
N CYS A 44 0.74 -4.95 -2.59
CA CYS A 44 1.71 -5.46 -3.55
C CYS A 44 1.71 -4.61 -4.82
N ALA A 45 0.54 -4.48 -5.44
CA ALA A 45 0.41 -3.69 -6.65
C ALA A 45 1.33 -2.48 -6.63
N ILE A 46 1.54 -1.92 -5.45
CA ILE A 46 2.40 -0.76 -5.30
C ILE A 46 3.86 -1.13 -5.51
N LEU A 47 4.36 -2.08 -4.72
CA LEU A 47 5.74 -2.52 -4.83
C LEU A 47 6.02 -3.08 -6.22
N HIS A 48 4.97 -3.50 -6.92
CA HIS A 48 5.11 -4.05 -8.26
C HIS A 48 5.30 -2.93 -9.28
N HIS A 49 4.69 -1.79 -9.02
CA HIS A 49 4.79 -0.64 -9.93
C HIS A 49 6.26 -0.34 -10.23
N PHE A 50 7.05 -0.10 -9.19
CA PHE A 50 8.46 0.21 -9.36
C PHE A 50 9.23 -1.02 -9.85
N ARG A 51 8.98 -2.14 -9.21
CA ARG A 51 9.65 -3.39 -9.57
C ARG A 51 8.66 -4.55 -9.64
N PRO A 52 8.23 -4.89 -10.87
CA PRO A 52 7.28 -5.97 -11.11
C PRO A 52 7.88 -7.35 -10.83
N ASP A 53 9.13 -7.36 -10.36
CA ASP A 53 9.81 -8.60 -10.05
C ASP A 53 9.88 -8.83 -8.55
N LEU A 54 10.16 -7.77 -7.80
CA LEU A 54 10.25 -7.85 -6.35
C LEU A 54 9.15 -8.74 -5.79
N ILE A 55 7.99 -8.70 -6.42
CA ILE A 55 6.85 -9.50 -5.98
C ILE A 55 6.35 -10.41 -7.10
N ASP A 56 5.29 -11.15 -6.82
CA ASP A 56 4.70 -12.05 -7.80
C ASP A 56 3.29 -11.63 -8.17
N TYR A 57 3.03 -10.32 -8.12
CA TYR A 57 1.72 -9.78 -8.43
C TYR A 57 1.25 -10.24 -9.81
N LYS A 58 2.21 -10.55 -10.68
CA LYS A 58 1.91 -11.00 -12.03
C LYS A 58 1.12 -12.31 -12.00
N SER A 59 1.16 -12.99 -10.87
CA SER A 59 0.45 -14.26 -10.71
C SER A 59 -0.29 -14.31 -9.38
N LEU A 60 -0.65 -13.13 -8.87
CA LEU A 60 -1.36 -13.04 -7.59
C LEU A 60 -2.87 -13.00 -7.82
N ASN A 61 -3.62 -12.87 -6.72
CA ASN A 61 -5.07 -12.82 -6.81
C ASN A 61 -5.68 -12.44 -5.46
N PRO A 62 -6.93 -11.97 -5.49
CA PRO A 62 -7.66 -11.56 -4.27
C PRO A 62 -8.00 -12.75 -3.38
N GLN A 63 -7.49 -13.92 -3.73
CA GLN A 63 -7.75 -15.12 -2.96
C GLN A 63 -6.77 -15.25 -1.79
N ASP A 64 -5.64 -14.56 -1.90
CA ASP A 64 -4.63 -14.59 -0.85
C ASP A 64 -4.67 -13.32 -0.02
N ILE A 65 -5.02 -13.47 1.26
CA ILE A 65 -5.10 -12.32 2.16
C ILE A 65 -3.84 -12.21 3.03
N LYS A 66 -3.46 -13.32 3.64
CA LYS A 66 -2.27 -13.36 4.50
C LYS A 66 -1.00 -13.27 3.66
N GLU A 67 -0.90 -14.13 2.65
CA GLU A 67 0.27 -14.15 1.78
C GLU A 67 0.49 -12.78 1.15
N ASN A 68 -0.48 -12.35 0.34
CA ASN A 68 -0.39 -11.06 -0.34
C ASN A 68 0.29 -10.03 0.56
N ASN A 69 -0.29 -9.79 1.73
CA ASN A 69 0.26 -8.83 2.68
C ASN A 69 1.69 -9.18 3.05
N LYS A 70 1.90 -10.42 3.48
CA LYS A 70 3.23 -10.88 3.86
C LYS A 70 4.25 -10.53 2.79
N LYS A 71 3.88 -10.75 1.53
CA LYS A 71 4.77 -10.47 0.41
C LYS A 71 5.29 -9.03 0.48
N ALA A 72 4.37 -8.09 0.64
CA ALA A 72 4.73 -6.68 0.72
C ALA A 72 5.72 -6.43 1.85
N TYR A 73 5.25 -6.54 3.09
CA TYR A 73 6.09 -6.34 4.26
C TYR A 73 7.51 -6.83 4.00
N ASP A 74 7.63 -8.03 3.45
CA ASP A 74 8.93 -8.61 3.15
C ASP A 74 9.75 -7.68 2.26
N GLY A 75 9.11 -7.16 1.20
CA GLY A 75 9.78 -6.26 0.29
C GLY A 75 9.94 -4.87 0.86
N PHE A 76 8.83 -4.26 1.26
CA PHE A 76 8.85 -2.91 1.81
C PHE A 76 9.91 -2.79 2.90
N ALA A 77 9.90 -3.72 3.85
CA ALA A 77 10.85 -3.72 4.94
C ALA A 77 12.26 -4.03 4.44
N SER A 78 12.34 -4.72 3.30
CA SER A 78 13.63 -5.07 2.72
C SER A 78 14.51 -3.84 2.54
N ILE A 79 13.91 -2.76 2.05
CA ILE A 79 14.64 -1.52 1.83
C ILE A 79 14.90 -0.79 3.15
N GLY A 80 13.95 -0.91 4.07
CA GLY A 80 14.10 -0.26 5.37
C GLY A 80 12.79 0.34 5.86
N ILE A 81 11.68 -0.30 5.50
CA ILE A 81 10.37 0.18 5.92
C ILE A 81 9.83 -0.64 7.09
N SER A 82 9.90 -0.06 8.29
CA SER A 82 9.42 -0.74 9.49
C SER A 82 7.99 -1.25 9.30
N ARG A 83 7.81 -2.56 9.44
CA ARG A 83 6.50 -3.16 9.28
C ARG A 83 5.64 -2.95 10.53
N LEU A 84 4.55 -2.21 10.37
CA LEU A 84 3.65 -1.93 11.48
C LEU A 84 2.49 -2.92 11.52
N LEU A 85 1.84 -3.09 10.36
CA LEU A 85 0.71 -4.01 10.26
C LEU A 85 1.19 -5.40 9.85
N GLU A 86 0.49 -6.43 10.33
CA GLU A 86 0.84 -7.80 10.01
C GLU A 86 -0.17 -8.41 9.02
N PRO A 87 0.30 -9.36 8.21
CA PRO A 87 -0.54 -10.04 7.21
C PRO A 87 -1.58 -10.95 7.85
N SER A 88 -1.14 -11.77 8.80
CA SER A 88 -2.04 -12.69 9.48
C SER A 88 -3.19 -11.94 10.14
N ASP A 89 -2.87 -10.95 10.95
CA ASP A 89 -3.88 -10.15 11.64
C ASP A 89 -5.07 -9.89 10.72
N MET A 90 -4.79 -9.42 9.52
CA MET A 90 -5.85 -9.13 8.55
C MET A 90 -6.83 -10.28 8.46
N VAL A 91 -6.31 -11.50 8.47
CA VAL A 91 -7.14 -12.70 8.39
C VAL A 91 -7.85 -12.98 9.71
N LEU A 92 -7.08 -12.93 10.80
CA LEU A 92 -7.63 -13.18 12.13
C LEU A 92 -8.95 -12.43 12.32
N LEU A 93 -8.88 -11.11 12.34
CA LEU A 93 -10.07 -10.29 12.52
C LEU A 93 -10.75 -10.02 11.17
N ALA A 94 -11.97 -9.51 11.22
CA ALA A 94 -12.72 -9.21 10.02
C ALA A 94 -12.20 -7.95 9.34
N ILE A 95 -12.47 -6.80 9.93
CA ILE A 95 -12.02 -5.53 9.39
C ILE A 95 -10.92 -4.91 10.26
N PRO A 96 -9.82 -4.52 9.62
CA PRO A 96 -8.67 -3.92 10.31
C PRO A 96 -8.99 -2.51 10.82
N ASP A 97 -8.00 -1.89 11.47
CA ASP A 97 -8.17 -0.54 12.00
C ASP A 97 -7.62 0.50 11.03
N LYS A 98 -8.52 1.20 10.35
CA LYS A 98 -8.12 2.23 9.39
C LYS A 98 -6.97 3.06 9.93
N LEU A 99 -7.04 3.39 11.22
CA LEU A 99 -5.99 4.18 11.85
C LEU A 99 -4.65 3.48 11.77
N THR A 100 -4.64 2.19 12.08
CA THR A 100 -3.42 1.40 12.04
C THR A 100 -2.89 1.28 10.63
N VAL A 101 -3.72 0.80 9.71
CA VAL A 101 -3.32 0.64 8.32
C VAL A 101 -2.76 1.94 7.76
N MET A 102 -3.61 2.96 7.68
CA MET A 102 -3.19 4.26 7.16
C MET A 102 -1.78 4.60 7.62
N THR A 103 -1.54 4.49 8.92
CA THR A 103 -0.23 4.79 9.48
C THR A 103 0.88 4.14 8.66
N TYR A 104 0.82 2.82 8.54
CA TYR A 104 1.82 2.07 7.78
C TYR A 104 1.99 2.66 6.38
N LEU A 105 0.87 2.76 5.66
CA LEU A 105 0.89 3.31 4.31
C LEU A 105 1.71 4.59 4.25
N TYR A 106 1.34 5.57 5.06
CA TYR A 106 2.04 6.85 5.10
C TYR A 106 3.54 6.65 5.00
N GLN A 107 4.03 5.57 5.59
CA GLN A 107 5.47 5.25 5.56
C GLN A 107 5.93 4.97 4.14
N ILE A 108 5.30 3.99 3.50
CA ILE A 108 5.65 3.62 2.13
C ILE A 108 5.66 4.84 1.22
N ARG A 109 4.51 5.51 1.13
CA ARG A 109 4.39 6.70 0.29
C ARG A 109 5.56 7.66 0.53
N ALA A 110 5.92 7.83 1.81
CA ALA A 110 7.01 8.72 2.17
C ALA A 110 8.35 8.17 1.68
N HIS A 111 8.57 6.89 1.89
CA HIS A 111 9.81 6.24 1.48
C HIS A 111 10.13 6.56 0.02
N PHE A 112 9.21 6.18 -0.86
CA PHE A 112 9.39 6.42 -2.29
C PHE A 112 9.27 7.91 -2.62
N SER A 113 8.21 8.52 -2.10
CA SER A 113 7.98 9.95 -2.34
C SER A 113 8.27 10.77 -1.08
N SER A 114 9.39 11.49 -1.09
CA SER A 114 9.79 12.31 0.04
C SER A 114 8.76 13.41 0.30
N GLY A 115 8.58 13.76 1.57
CA GLY A 115 7.63 14.79 1.92
C GLY A 115 8.31 16.02 2.53
N PRO A 116 7.52 16.87 3.18
CA PRO A 116 8.02 18.10 3.82
C PRO A 116 8.87 17.81 5.04
N SER A 117 8.42 16.86 5.86
CA SER A 117 9.14 16.49 7.07
C SER A 117 10.35 15.63 6.74
N SER A 118 11.49 15.96 7.33
CA SER A 118 12.73 15.22 7.10
C SER A 118 12.64 13.81 7.67
N GLY A 119 12.00 12.91 6.93
CA GLY A 119 11.85 11.54 7.39
C GLY A 119 11.65 11.45 8.89
N GLY A 1 -1.68 25.84 -13.43
CA GLY A 1 -2.11 27.20 -13.17
C GLY A 1 -1.45 27.80 -11.95
N SER A 2 -0.17 28.13 -12.08
CA SER A 2 0.60 28.70 -10.98
C SER A 2 0.18 28.08 -9.65
N SER A 3 0.00 26.76 -9.64
CA SER A 3 -0.41 26.06 -8.43
C SER A 3 0.78 25.37 -7.78
N GLY A 4 0.90 25.53 -6.46
CA GLY A 4 2.00 24.92 -5.74
C GLY A 4 1.81 23.43 -5.53
N SER A 5 2.75 22.64 -6.04
CA SER A 5 2.67 21.19 -5.92
C SER A 5 3.51 20.71 -4.74
N SER A 6 3.37 21.37 -3.60
CA SER A 6 4.11 21.01 -2.39
C SER A 6 3.19 20.94 -1.18
N GLY A 7 3.51 20.06 -0.24
CA GLY A 7 2.70 19.91 0.95
C GLY A 7 1.72 18.75 0.84
N PRO A 8 2.23 17.53 1.06
CA PRO A 8 1.41 16.31 1.00
C PRO A 8 0.42 16.22 2.15
N ASN A 9 0.58 17.10 3.13
CA ASN A 9 -0.29 17.11 4.30
C ASN A 9 -1.77 17.12 3.87
N ALA A 10 -2.32 15.93 3.66
CA ALA A 10 -3.71 15.80 3.25
C ALA A 10 -4.15 14.34 3.25
N SER A 11 -5.39 14.10 3.64
CA SER A 11 -5.93 12.75 3.68
C SER A 11 -6.47 12.33 2.32
N GLN A 12 -5.99 13.00 1.28
CA GLN A 12 -6.43 12.70 -0.09
C GLN A 12 -5.24 12.26 -0.95
N SER A 13 -4.11 12.92 -0.76
CA SER A 13 -2.91 12.59 -1.52
C SER A 13 -2.64 11.09 -1.51
N LEU A 14 -2.76 10.48 -0.34
CA LEU A 14 -2.54 9.05 -0.18
C LEU A 14 -3.45 8.25 -1.11
N LEU A 15 -4.74 8.27 -0.81
CA LEU A 15 -5.73 7.55 -1.61
C LEU A 15 -5.41 7.68 -3.10
N VAL A 16 -4.73 8.76 -3.46
CA VAL A 16 -4.37 9.00 -4.85
C VAL A 16 -3.02 8.36 -5.18
N TRP A 17 -2.09 8.43 -4.23
CA TRP A 17 -0.76 7.85 -4.43
C TRP A 17 -0.86 6.38 -4.77
N CYS A 18 -1.77 5.67 -4.11
CA CYS A 18 -1.95 4.24 -4.35
C CYS A 18 -2.72 4.00 -5.65
N LYS A 19 -3.89 4.63 -5.76
CA LYS A 19 -4.72 4.48 -6.95
C LYS A 19 -3.96 4.91 -8.20
N GLU A 20 -2.94 5.74 -8.01
CA GLU A 20 -2.13 6.23 -9.13
C GLU A 20 -1.14 5.16 -9.58
N VAL A 21 -0.30 4.70 -8.66
CA VAL A 21 0.69 3.68 -8.95
C VAL A 21 0.02 2.39 -9.42
N THR A 22 -1.23 2.20 -9.03
CA THR A 22 -1.97 1.01 -9.40
C THR A 22 -2.94 1.28 -10.54
N LYS A 23 -2.67 2.36 -11.29
CA LYS A 23 -3.51 2.73 -12.41
C LYS A 23 -3.57 1.62 -13.45
N ASN A 24 -4.77 1.08 -13.66
CA ASN A 24 -4.96 0.00 -14.63
C ASN A 24 -4.26 -1.27 -14.17
N TYR A 25 -4.56 -1.70 -12.95
CA TYR A 25 -3.96 -2.91 -12.39
C TYR A 25 -5.00 -4.00 -12.20
N ARG A 26 -4.56 -5.15 -11.69
CA ARG A 26 -5.46 -6.27 -11.46
C ARG A 26 -6.39 -5.99 -10.28
N GLY A 27 -7.66 -5.74 -10.58
CA GLY A 27 -8.64 -5.45 -9.54
C GLY A 27 -8.04 -4.65 -8.40
N VAL A 28 -7.79 -3.36 -8.66
CA VAL A 28 -7.23 -2.48 -7.64
C VAL A 28 -8.12 -1.27 -7.41
N LYS A 29 -9.01 -1.37 -6.43
CA LYS A 29 -9.92 -0.27 -6.10
C LYS A 29 -9.75 0.15 -4.65
N ILE A 30 -9.05 1.25 -4.43
CA ILE A 30 -8.81 1.76 -3.09
C ILE A 30 -9.94 2.70 -2.66
N THR A 31 -11.13 2.13 -2.46
CA THR A 31 -12.28 2.91 -2.05
C THR A 31 -12.25 3.19 -0.55
N ASN A 32 -11.40 2.48 0.17
CA ASN A 32 -11.27 2.65 1.61
C ASN A 32 -9.86 2.29 2.07
N PHE A 33 -9.61 2.47 3.38
CA PHE A 33 -8.31 2.16 3.95
C PHE A 33 -8.41 1.05 4.98
N THR A 34 -9.31 0.11 4.73
CA THR A 34 -9.52 -1.02 5.63
C THR A 34 -9.53 -2.35 4.87
N THR A 35 -10.61 -2.58 4.13
CA THR A 35 -10.76 -3.81 3.36
C THR A 35 -9.87 -3.77 2.11
N SER A 36 -10.03 -2.71 1.31
CA SER A 36 -9.25 -2.57 0.09
C SER A 36 -7.81 -3.02 0.31
N TRP A 37 -7.35 -2.97 1.55
CA TRP A 37 -5.99 -3.37 1.88
C TRP A 37 -5.99 -4.69 2.64
N ARG A 38 -7.09 -4.98 3.32
CA ARG A 38 -7.22 -6.22 4.09
C ARG A 38 -6.55 -7.38 3.36
N ASN A 39 -6.96 -7.61 2.12
CA ASN A 39 -6.41 -8.69 1.32
C ASN A 39 -4.89 -8.54 1.19
N GLY A 40 -4.45 -7.42 0.64
CA GLY A 40 -3.03 -7.18 0.48
C GLY A 40 -2.67 -6.83 -0.95
N LEU A 41 -3.67 -6.78 -1.82
CA LEU A 41 -3.46 -6.46 -3.23
C LEU A 41 -2.71 -5.14 -3.38
N SER A 42 -3.37 -4.05 -3.00
CA SER A 42 -2.77 -2.72 -3.09
C SER A 42 -1.34 -2.73 -2.57
N PHE A 43 -1.16 -3.25 -1.36
CA PHE A 43 0.15 -3.33 -0.74
C PHE A 43 1.19 -3.85 -1.73
N CYS A 44 0.85 -4.94 -2.41
CA CYS A 44 1.76 -5.54 -3.38
C CYS A 44 1.82 -4.70 -4.66
N ALA A 45 0.67 -4.50 -5.28
CA ALA A 45 0.60 -3.71 -6.51
C ALA A 45 1.50 -2.49 -6.43
N ILE A 46 1.43 -1.77 -5.31
CA ILE A 46 2.24 -0.58 -5.11
C ILE A 46 3.73 -0.89 -5.27
N LEU A 47 4.20 -1.87 -4.52
CA LEU A 47 5.60 -2.27 -4.58
C LEU A 47 5.94 -2.85 -5.95
N HIS A 48 4.93 -3.36 -6.64
CA HIS A 48 5.12 -3.94 -7.97
C HIS A 48 5.21 -2.85 -9.03
N HIS A 49 4.69 -1.67 -8.71
CA HIS A 49 4.71 -0.54 -9.64
C HIS A 49 6.14 -0.10 -9.94
N PHE A 50 6.94 0.03 -8.89
CA PHE A 50 8.33 0.44 -9.04
C PHE A 50 9.22 -0.76 -9.39
N ARG A 51 9.00 -1.87 -8.71
CA ARG A 51 9.76 -3.08 -8.94
C ARG A 51 8.86 -4.30 -9.08
N PRO A 52 8.48 -4.62 -10.33
CA PRO A 52 7.60 -5.76 -10.62
C PRO A 52 8.29 -7.10 -10.38
N ASP A 53 9.58 -7.04 -10.09
CA ASP A 53 10.35 -8.25 -9.84
C ASP A 53 10.48 -8.52 -8.34
N LEU A 54 10.20 -7.50 -7.54
CA LEU A 54 10.27 -7.63 -6.09
C LEU A 54 9.17 -8.55 -5.56
N ILE A 55 7.99 -8.46 -6.16
CA ILE A 55 6.87 -9.29 -5.75
C ILE A 55 6.38 -10.14 -6.91
N ASP A 56 5.31 -10.91 -6.66
CA ASP A 56 4.74 -11.78 -7.69
C ASP A 56 3.34 -11.31 -8.07
N TYR A 57 3.08 -10.02 -7.92
CA TYR A 57 1.78 -9.45 -8.24
C TYR A 57 1.37 -9.81 -9.66
N LYS A 58 2.35 -10.18 -10.47
CA LYS A 58 2.09 -10.55 -11.86
C LYS A 58 1.20 -11.78 -11.95
N SER A 59 1.21 -12.60 -10.90
CA SER A 59 0.40 -13.80 -10.85
C SER A 59 -0.30 -13.93 -9.51
N LEU A 60 -0.64 -12.80 -8.91
CA LEU A 60 -1.31 -12.78 -7.62
C LEU A 60 -2.83 -12.74 -7.80
N ASN A 61 -3.55 -12.62 -6.68
CA ASN A 61 -5.01 -12.57 -6.73
C ASN A 61 -5.57 -12.23 -5.35
N PRO A 62 -6.82 -11.74 -5.33
CA PRO A 62 -7.51 -11.37 -4.10
C PRO A 62 -7.87 -12.58 -3.24
N GLN A 63 -7.44 -13.76 -3.69
CA GLN A 63 -7.72 -15.00 -2.97
C GLN A 63 -6.74 -15.18 -1.82
N ASP A 64 -5.67 -14.39 -1.82
CA ASP A 64 -4.65 -14.46 -0.78
C ASP A 64 -4.70 -13.23 0.11
N ILE A 65 -5.06 -13.42 1.38
CA ILE A 65 -5.14 -12.33 2.33
C ILE A 65 -3.87 -12.23 3.16
N LYS A 66 -3.42 -13.36 3.68
CA LYS A 66 -2.21 -13.40 4.50
C LYS A 66 -0.96 -13.38 3.63
N GLU A 67 -0.93 -14.22 2.61
CA GLU A 67 0.20 -14.28 1.70
C GLU A 67 0.44 -12.93 1.03
N ASN A 68 -0.56 -12.42 0.34
CA ASN A 68 -0.45 -11.13 -0.35
C ASN A 68 0.24 -10.10 0.55
N ASN A 69 -0.21 -10.01 1.79
CA ASN A 69 0.37 -9.07 2.75
C ASN A 69 1.81 -9.43 3.06
N LYS A 70 2.02 -10.65 3.56
CA LYS A 70 3.36 -11.11 3.89
C LYS A 70 4.36 -10.77 2.79
N LYS A 71 3.96 -11.01 1.54
CA LYS A 71 4.82 -10.72 0.40
C LYS A 71 5.38 -9.31 0.48
N ALA A 72 4.49 -8.32 0.58
CA ALA A 72 4.89 -6.93 0.66
C ALA A 72 5.86 -6.72 1.82
N TYR A 73 5.37 -6.94 3.04
CA TYR A 73 6.19 -6.76 4.24
C TYR A 73 7.61 -7.22 3.99
N ASP A 74 7.77 -8.19 3.08
CA ASP A 74 9.09 -8.72 2.75
C ASP A 74 9.83 -7.78 1.81
N GLY A 75 9.13 -7.28 0.80
CA GLY A 75 9.75 -6.37 -0.16
C GLY A 75 9.98 -4.98 0.43
N PHE A 76 8.98 -4.48 1.14
CA PHE A 76 9.07 -3.16 1.75
C PHE A 76 10.15 -3.12 2.83
N ALA A 77 10.11 -4.12 3.71
CA ALA A 77 11.08 -4.21 4.80
C ALA A 77 12.49 -4.45 4.26
N SER A 78 12.57 -5.07 3.08
CA SER A 78 13.86 -5.35 2.45
C SER A 78 14.66 -4.07 2.25
N ILE A 79 13.99 -3.05 1.73
CA ILE A 79 14.64 -1.76 1.47
C ILE A 79 14.92 -1.02 2.77
N GLY A 80 14.02 -1.17 3.75
CA GLY A 80 14.18 -0.52 5.02
C GLY A 80 12.89 0.06 5.56
N ILE A 81 11.79 -0.62 5.29
CA ILE A 81 10.48 -0.18 5.75
C ILE A 81 9.99 -1.02 6.91
N SER A 82 10.11 -0.47 8.12
CA SER A 82 9.67 -1.16 9.32
C SER A 82 8.21 -1.60 9.21
N ARG A 83 7.97 -2.89 9.44
CA ARG A 83 6.62 -3.43 9.35
C ARG A 83 5.82 -3.10 10.61
N LEU A 84 4.65 -2.50 10.43
CA LEU A 84 3.79 -2.14 11.54
C LEU A 84 2.56 -3.04 11.61
N LEU A 85 2.06 -3.43 10.45
CA LEU A 85 0.89 -4.30 10.38
C LEU A 85 1.29 -5.73 10.02
N GLU A 86 0.45 -6.68 10.41
CA GLU A 86 0.72 -8.09 10.14
C GLU A 86 -0.26 -8.64 9.11
N PRO A 87 0.21 -9.60 8.31
CA PRO A 87 -0.62 -10.23 7.27
C PRO A 87 -1.71 -11.11 7.86
N SER A 88 -1.34 -12.01 8.77
CA SER A 88 -2.29 -12.91 9.39
C SER A 88 -3.39 -12.13 10.10
N ASP A 89 -2.99 -11.23 10.98
CA ASP A 89 -3.94 -10.41 11.73
C ASP A 89 -5.15 -10.06 10.87
N MET A 90 -4.89 -9.68 9.62
CA MET A 90 -5.96 -9.32 8.69
C MET A 90 -6.98 -10.44 8.58
N VAL A 91 -6.50 -11.67 8.44
CA VAL A 91 -7.37 -12.83 8.32
C VAL A 91 -8.08 -13.12 9.64
N LEU A 92 -7.31 -13.14 10.73
CA LEU A 92 -7.86 -13.40 12.06
C LEU A 92 -9.13 -12.59 12.29
N LEU A 93 -9.03 -11.27 12.14
CA LEU A 93 -10.16 -10.38 12.33
C LEU A 93 -10.91 -10.16 11.01
N ALA A 94 -12.01 -9.42 11.09
CA ALA A 94 -12.81 -9.13 9.91
C ALA A 94 -12.29 -7.90 9.17
N ILE A 95 -12.40 -6.74 9.82
CA ILE A 95 -11.94 -5.50 9.22
C ILE A 95 -10.82 -4.88 10.06
N PRO A 96 -9.74 -4.47 9.38
CA PRO A 96 -8.58 -3.84 10.04
C PRO A 96 -8.89 -2.46 10.57
N ASP A 97 -7.91 -1.84 11.22
CA ASP A 97 -8.08 -0.50 11.78
C ASP A 97 -7.62 0.57 10.79
N LYS A 98 -8.57 1.20 10.11
CA LYS A 98 -8.26 2.23 9.14
C LYS A 98 -7.04 3.04 9.57
N LEU A 99 -7.06 3.53 10.81
CA LEU A 99 -5.96 4.31 11.34
C LEU A 99 -4.62 3.64 11.05
N THR A 100 -4.32 2.58 11.80
CA THR A 100 -3.08 1.84 11.62
C THR A 100 -2.75 1.68 10.14
N VAL A 101 -3.57 0.90 9.44
CA VAL A 101 -3.37 0.65 8.02
C VAL A 101 -2.81 1.90 7.33
N MET A 102 -3.52 3.01 7.46
CA MET A 102 -3.10 4.27 6.85
C MET A 102 -1.73 4.69 7.38
N THR A 103 -1.48 4.45 8.66
CA THR A 103 -0.22 4.80 9.28
C THR A 103 0.95 4.12 8.58
N TYR A 104 0.81 2.83 8.33
CA TYR A 104 1.86 2.06 7.66
C TYR A 104 2.04 2.52 6.23
N LEU A 105 0.93 2.77 5.54
CA LEU A 105 0.97 3.23 4.16
C LEU A 105 1.78 4.51 4.02
N TYR A 106 1.41 5.52 4.81
CA TYR A 106 2.11 6.80 4.78
C TYR A 106 3.62 6.60 4.75
N GLN A 107 4.10 5.60 5.50
CA GLN A 107 5.52 5.30 5.55
C GLN A 107 6.06 4.95 4.16
N ILE A 108 5.40 4.03 3.49
CA ILE A 108 5.82 3.60 2.16
C ILE A 108 5.82 4.78 1.19
N ARG A 109 4.67 5.44 1.06
CA ARG A 109 4.54 6.58 0.17
C ARG A 109 5.67 7.58 0.40
N ALA A 110 6.02 7.78 1.66
CA ALA A 110 7.08 8.71 2.03
C ALA A 110 8.45 8.19 1.58
N HIS A 111 8.67 6.90 1.77
CA HIS A 111 9.92 6.28 1.39
C HIS A 111 10.27 6.58 -0.06
N PHE A 112 9.31 6.33 -0.95
CA PHE A 112 9.51 6.57 -2.38
C PHE A 112 9.37 8.06 -2.70
N SER A 113 8.25 8.64 -2.28
CA SER A 113 7.99 10.06 -2.53
C SER A 113 8.42 10.91 -1.34
N SER A 114 9.25 11.91 -1.60
CA SER A 114 9.74 12.79 -0.54
C SER A 114 8.74 13.91 -0.26
N GLY A 115 8.87 14.54 0.89
CA GLY A 115 7.98 15.63 1.25
C GLY A 115 8.36 16.29 2.55
N PRO A 116 7.74 15.83 3.66
CA PRO A 116 8.01 16.37 4.99
C PRO A 116 9.40 16.01 5.50
N SER A 117 10.09 15.16 4.75
CA SER A 117 11.44 14.74 5.13
C SER A 117 12.23 15.89 5.72
N SER A 118 13.24 15.56 6.53
CA SER A 118 14.07 16.57 7.17
C SER A 118 14.37 17.71 6.20
N GLY A 119 14.31 18.94 6.71
CA GLY A 119 14.59 20.10 5.88
C GLY A 119 14.40 21.40 6.63
N GLY A 1 0.64 20.07 -11.05
CA GLY A 1 -0.48 19.15 -10.99
C GLY A 1 -1.74 19.71 -11.60
N SER A 2 -2.89 19.30 -11.08
CA SER A 2 -4.17 19.77 -11.59
C SER A 2 -5.32 19.24 -10.74
N SER A 3 -6.01 20.15 -10.04
CA SER A 3 -7.12 19.77 -9.19
C SER A 3 -6.68 18.79 -8.11
N GLY A 4 -5.53 19.08 -7.50
CA GLY A 4 -5.01 18.22 -6.46
C GLY A 4 -5.04 18.88 -5.10
N SER A 5 -4.10 18.50 -4.23
CA SER A 5 -4.02 19.05 -2.89
C SER A 5 -2.57 19.34 -2.50
N SER A 6 -2.37 20.44 -1.78
CA SER A 6 -1.03 20.83 -1.35
C SER A 6 -0.68 20.19 -0.01
N GLY A 7 0.50 19.57 0.05
CA GLY A 7 0.94 18.92 1.27
C GLY A 7 0.21 17.61 1.52
N PRO A 8 0.92 16.65 2.11
CA PRO A 8 0.35 15.33 2.42
C PRO A 8 -0.67 15.39 3.55
N ASN A 9 -0.95 16.60 4.02
CA ASN A 9 -1.92 16.79 5.10
C ASN A 9 -3.34 16.68 4.58
N ALA A 10 -3.65 15.53 3.96
CA ALA A 10 -4.98 15.29 3.41
C ALA A 10 -5.10 13.87 2.87
N SER A 11 -6.02 13.10 3.45
CA SER A 11 -6.23 11.72 3.04
C SER A 11 -6.02 11.57 1.53
N GLN A 12 -6.63 12.47 0.76
CA GLN A 12 -6.51 12.43 -0.68
C GLN A 12 -5.06 12.22 -1.10
N SER A 13 -4.17 13.05 -0.57
CA SER A 13 -2.75 12.96 -0.89
C SER A 13 -2.30 11.50 -0.99
N LEU A 14 -2.66 10.72 0.02
CA LEU A 14 -2.30 9.31 0.06
C LEU A 14 -3.20 8.48 -0.87
N LEU A 15 -4.49 8.47 -0.57
CA LEU A 15 -5.45 7.72 -1.38
C LEU A 15 -5.10 7.82 -2.86
N VAL A 16 -4.59 8.97 -3.27
CA VAL A 16 -4.22 9.19 -4.66
C VAL A 16 -2.94 8.44 -5.01
N TRP A 17 -1.88 8.68 -4.23
CA TRP A 17 -0.60 8.01 -4.46
C TRP A 17 -0.81 6.58 -4.96
N CYS A 18 -1.61 5.82 -4.22
CA CYS A 18 -1.88 4.43 -4.60
C CYS A 18 -2.64 4.37 -5.92
N LYS A 19 -3.85 4.90 -5.92
CA LYS A 19 -4.69 4.90 -7.11
C LYS A 19 -3.90 5.40 -8.33
N GLU A 20 -2.83 6.14 -8.06
CA GLU A 20 -1.99 6.68 -9.14
C GLU A 20 -1.10 5.59 -9.72
N VAL A 21 -0.21 5.04 -8.89
CA VAL A 21 0.70 3.99 -9.32
C VAL A 21 -0.07 2.74 -9.72
N THR A 22 -1.30 2.62 -9.25
CA THR A 22 -2.14 1.46 -9.56
C THR A 22 -3.22 1.82 -10.57
N LYS A 23 -2.95 2.83 -11.39
CA LYS A 23 -3.90 3.27 -12.41
C LYS A 23 -4.05 2.22 -13.50
N ASN A 24 -2.93 1.69 -13.98
CA ASN A 24 -2.94 0.68 -15.02
C ASN A 24 -2.89 -0.72 -14.42
N TYR A 25 -3.70 -0.95 -13.39
CA TYR A 25 -3.74 -2.25 -12.72
C TYR A 25 -5.12 -2.89 -12.86
N ARG A 26 -5.25 -4.10 -12.33
CA ARG A 26 -6.52 -4.81 -12.40
C ARG A 26 -7.05 -5.12 -10.98
N GLY A 27 -8.22 -4.59 -10.67
CA GLY A 27 -8.80 -4.81 -9.36
C GLY A 27 -8.21 -3.91 -8.30
N VAL A 28 -7.93 -2.67 -8.68
CA VAL A 28 -7.36 -1.69 -7.75
C VAL A 28 -8.11 -0.37 -7.81
N LYS A 29 -8.77 -0.03 -6.70
CA LYS A 29 -9.53 1.21 -6.62
C LYS A 29 -9.21 1.96 -5.32
N ILE A 30 -8.96 1.21 -4.26
CA ILE A 30 -8.64 1.80 -2.97
C ILE A 30 -9.79 2.68 -2.47
N THR A 31 -11.00 2.12 -2.47
CA THR A 31 -12.18 2.85 -2.02
C THR A 31 -12.14 3.08 -0.51
N ASN A 32 -11.44 2.19 0.20
CA ASN A 32 -11.31 2.28 1.64
C ASN A 32 -9.93 1.87 2.11
N PHE A 33 -9.62 2.16 3.36
CA PHE A 33 -8.32 1.82 3.94
C PHE A 33 -8.47 0.74 5.01
N THR A 34 -9.39 -0.18 4.79
CA THR A 34 -9.62 -1.27 5.73
C THR A 34 -9.66 -2.63 5.02
N THR A 35 -10.70 -2.85 4.24
CA THR A 35 -10.85 -4.10 3.50
C THR A 35 -10.05 -4.07 2.20
N SER A 36 -10.12 -2.96 1.49
CA SER A 36 -9.41 -2.80 0.23
C SER A 36 -7.98 -3.30 0.35
N TRP A 37 -7.42 -3.21 1.55
CA TRP A 37 -6.06 -3.66 1.81
C TRP A 37 -6.05 -4.99 2.55
N ARG A 38 -7.10 -5.24 3.31
CA ARG A 38 -7.22 -6.48 4.08
C ARG A 38 -6.59 -7.65 3.31
N ASN A 39 -6.98 -7.80 2.05
CA ASN A 39 -6.45 -8.88 1.23
C ASN A 39 -4.95 -8.72 1.00
N GLY A 40 -4.56 -7.55 0.53
CA GLY A 40 -3.15 -7.29 0.29
C GLY A 40 -2.83 -7.13 -1.19
N LEU A 41 -3.71 -6.43 -1.91
CA LEU A 41 -3.52 -6.22 -3.34
C LEU A 41 -2.86 -4.87 -3.60
N SER A 42 -3.44 -3.82 -3.04
CA SER A 42 -2.92 -2.47 -3.22
C SER A 42 -1.48 -2.37 -2.70
N PHE A 43 -1.18 -3.13 -1.65
CA PHE A 43 0.15 -3.14 -1.06
C PHE A 43 1.18 -3.67 -2.05
N CYS A 44 0.84 -4.77 -2.73
CA CYS A 44 1.73 -5.38 -3.69
C CYS A 44 1.71 -4.61 -5.01
N ALA A 45 0.55 -4.08 -5.37
CA ALA A 45 0.40 -3.32 -6.60
C ALA A 45 1.40 -2.18 -6.66
N ILE A 46 1.54 -1.45 -5.56
CA ILE A 46 2.46 -0.32 -5.49
C ILE A 46 3.89 -0.78 -5.70
N LEU A 47 4.40 -1.56 -4.74
CA LEU A 47 5.76 -2.07 -4.82
C LEU A 47 6.06 -2.65 -6.20
N HIS A 48 5.03 -3.21 -6.83
CA HIS A 48 5.18 -3.79 -8.17
C HIS A 48 5.42 -2.70 -9.21
N HIS A 49 4.70 -1.59 -9.08
CA HIS A 49 4.83 -0.48 -10.02
C HIS A 49 6.30 -0.14 -10.25
N PHE A 50 7.03 0.05 -9.16
CA PHE A 50 8.45 0.38 -9.23
C PHE A 50 9.28 -0.85 -9.59
N ARG A 51 9.01 -1.95 -8.91
CA ARG A 51 9.74 -3.20 -9.16
C ARG A 51 8.79 -4.40 -9.11
N PRO A 52 8.46 -4.95 -10.28
CA PRO A 52 7.56 -6.10 -10.39
C PRO A 52 8.20 -7.37 -9.87
N ASP A 53 9.45 -7.60 -10.22
CA ASP A 53 10.18 -8.79 -9.78
C ASP A 53 10.12 -8.93 -8.26
N LEU A 54 10.22 -7.80 -7.57
CA LEU A 54 10.18 -7.80 -6.11
C LEU A 54 9.01 -8.62 -5.59
N ILE A 55 7.88 -8.54 -6.30
CA ILE A 55 6.69 -9.29 -5.91
C ILE A 55 6.20 -10.17 -7.05
N ASP A 56 5.13 -10.93 -6.80
CA ASP A 56 4.56 -11.82 -7.80
C ASP A 56 3.16 -11.38 -8.18
N TYR A 57 2.88 -10.09 -8.01
CA TYR A 57 1.57 -9.54 -8.33
C TYR A 57 1.12 -10.00 -9.72
N LYS A 58 2.09 -10.30 -10.58
CA LYS A 58 1.78 -10.74 -11.93
C LYS A 58 0.92 -12.00 -11.92
N SER A 59 1.15 -12.86 -10.94
CA SER A 59 0.39 -14.09 -10.80
C SER A 59 -0.30 -14.17 -9.44
N LEU A 60 -0.70 -13.01 -8.92
CA LEU A 60 -1.36 -12.96 -7.62
C LEU A 60 -2.87 -12.98 -7.79
N ASN A 61 -3.59 -12.82 -6.67
CA ASN A 61 -5.05 -12.83 -6.70
C ASN A 61 -5.61 -12.48 -5.33
N PRO A 62 -6.88 -12.06 -5.29
CA PRO A 62 -7.57 -11.68 -4.05
C PRO A 62 -7.86 -12.89 -3.17
N GLN A 63 -7.39 -14.06 -3.59
CA GLN A 63 -7.60 -15.29 -2.84
C GLN A 63 -6.62 -15.39 -1.68
N ASP A 64 -5.51 -14.66 -1.78
CA ASP A 64 -4.49 -14.66 -0.74
C ASP A 64 -4.60 -13.41 0.14
N ILE A 65 -4.93 -13.62 1.41
CA ILE A 65 -5.07 -12.51 2.34
C ILE A 65 -3.84 -12.40 3.24
N LYS A 66 -3.37 -13.53 3.74
CA LYS A 66 -2.21 -13.56 4.62
C LYS A 66 -0.91 -13.47 3.81
N GLU A 67 -0.85 -14.24 2.72
CA GLU A 67 0.32 -14.23 1.85
C GLU A 67 0.52 -12.87 1.21
N ASN A 68 -0.42 -12.48 0.34
CA ASN A 68 -0.35 -11.21 -0.34
C ASN A 68 0.29 -10.15 0.54
N ASN A 69 -0.31 -9.91 1.70
CA ASN A 69 0.20 -8.92 2.64
C ASN A 69 1.65 -9.22 3.01
N LYS A 70 1.93 -10.46 3.37
CA LYS A 70 3.27 -10.88 3.74
C LYS A 70 4.27 -10.54 2.65
N LYS A 71 3.94 -10.90 1.42
CA LYS A 71 4.81 -10.63 0.28
C LYS A 71 5.35 -9.20 0.34
N ALA A 72 4.47 -8.24 0.60
CA ALA A 72 4.86 -6.84 0.69
C ALA A 72 5.86 -6.63 1.82
N TYR A 73 5.37 -6.71 3.06
CA TYR A 73 6.23 -6.52 4.22
C TYR A 73 7.64 -7.02 3.95
N ASP A 74 7.75 -8.27 3.51
CA ASP A 74 9.05 -8.86 3.21
C ASP A 74 9.88 -7.93 2.33
N GLY A 75 9.26 -7.39 1.30
CA GLY A 75 9.96 -6.48 0.39
C GLY A 75 10.10 -5.09 0.97
N PHE A 76 8.98 -4.50 1.37
CA PHE A 76 8.98 -3.16 1.94
C PHE A 76 10.04 -3.03 3.02
N ALA A 77 10.03 -3.95 3.97
CA ALA A 77 11.00 -3.94 5.07
C ALA A 77 12.40 -4.23 4.56
N SER A 78 12.49 -5.03 3.50
CA SER A 78 13.78 -5.38 2.92
C SER A 78 14.68 -4.16 2.80
N ILE A 79 14.13 -3.08 2.25
CA ILE A 79 14.87 -1.83 2.07
C ILE A 79 15.09 -1.13 3.39
N GLY A 80 14.07 -1.17 4.25
CA GLY A 80 14.16 -0.53 5.55
C GLY A 80 12.86 0.10 5.99
N ILE A 81 11.74 -0.50 5.59
CA ILE A 81 10.42 0.01 5.94
C ILE A 81 9.81 -0.80 7.08
N SER A 82 9.86 -0.24 8.29
CA SER A 82 9.32 -0.90 9.46
C SER A 82 7.88 -1.36 9.21
N ARG A 83 7.63 -2.64 9.42
CA ARG A 83 6.30 -3.20 9.22
C ARG A 83 5.42 -3.00 10.45
N LEU A 84 4.38 -2.19 10.31
CA LEU A 84 3.47 -1.92 11.42
C LEU A 84 2.29 -2.90 11.42
N LEU A 85 1.70 -3.12 10.26
CA LEU A 85 0.57 -4.03 10.12
C LEU A 85 1.06 -5.45 9.84
N GLU A 86 0.31 -6.44 10.31
CA GLU A 86 0.65 -7.84 10.11
C GLU A 86 -0.27 -8.49 9.10
N PRO A 87 0.26 -9.46 8.33
CA PRO A 87 -0.50 -10.18 7.31
C PRO A 87 -1.54 -11.11 7.93
N SER A 88 -1.11 -11.94 8.87
CA SER A 88 -2.00 -12.89 9.53
C SER A 88 -3.15 -12.14 10.23
N ASP A 89 -2.79 -11.15 11.02
CA ASP A 89 -3.79 -10.36 11.74
C ASP A 89 -4.98 -10.04 10.86
N MET A 90 -4.71 -9.58 9.64
CA MET A 90 -5.76 -9.25 8.69
C MET A 90 -6.78 -10.38 8.59
N VAL A 91 -6.29 -11.60 8.41
CA VAL A 91 -7.17 -12.76 8.30
C VAL A 91 -7.88 -13.03 9.61
N LEU A 92 -7.14 -13.03 10.71
CA LEU A 92 -7.71 -13.27 12.02
C LEU A 92 -8.95 -12.41 12.25
N LEU A 93 -8.77 -11.10 12.20
CA LEU A 93 -9.87 -10.16 12.39
C LEU A 93 -10.63 -9.94 11.09
N ALA A 94 -11.87 -9.46 11.22
CA ALA A 94 -12.70 -9.20 10.05
C ALA A 94 -12.30 -7.90 9.37
N ILE A 95 -12.39 -6.80 10.10
CA ILE A 95 -12.04 -5.49 9.58
C ILE A 95 -10.89 -4.86 10.36
N PRO A 96 -9.81 -4.51 9.65
CA PRO A 96 -8.63 -3.90 10.27
C PRO A 96 -8.90 -2.48 10.76
N ASP A 97 -7.90 -1.87 11.38
CA ASP A 97 -8.02 -0.51 11.90
C ASP A 97 -7.57 0.51 10.85
N LYS A 98 -8.54 1.12 10.18
CA LYS A 98 -8.24 2.12 9.15
C LYS A 98 -7.03 2.96 9.55
N LEU A 99 -7.04 3.45 10.78
CA LEU A 99 -5.94 4.28 11.28
C LEU A 99 -4.61 3.55 11.14
N THR A 100 -4.52 2.36 11.70
CA THR A 100 -3.30 1.56 11.63
C THR A 100 -2.82 1.43 10.19
N VAL A 101 -3.65 0.83 9.34
CA VAL A 101 -3.31 0.64 7.94
C VAL A 101 -2.82 1.94 7.31
N MET A 102 -3.68 2.95 7.32
CA MET A 102 -3.34 4.25 6.75
C MET A 102 -1.96 4.70 7.23
N THR A 103 -1.70 4.56 8.52
CA THR A 103 -0.43 4.95 9.10
C THR A 103 0.73 4.27 8.39
N TYR A 104 0.72 2.94 8.37
CA TYR A 104 1.77 2.17 7.72
C TYR A 104 1.99 2.66 6.30
N LEU A 105 0.95 2.60 5.48
CA LEU A 105 1.03 3.03 4.09
C LEU A 105 1.88 4.29 3.96
N TYR A 106 1.46 5.34 4.67
CA TYR A 106 2.18 6.62 4.63
C TYR A 106 3.69 6.38 4.57
N GLN A 107 4.17 5.44 5.37
CA GLN A 107 5.59 5.12 5.41
C GLN A 107 6.12 4.85 4.01
N ILE A 108 5.54 3.86 3.34
CA ILE A 108 5.96 3.50 1.99
C ILE A 108 5.97 4.71 1.07
N ARG A 109 4.83 5.39 1.00
CA ARG A 109 4.69 6.58 0.16
C ARG A 109 5.77 7.61 0.49
N ALA A 110 6.14 7.67 1.77
CA ALA A 110 7.16 8.61 2.21
C ALA A 110 8.54 8.23 1.68
N HIS A 111 8.91 6.97 1.88
CA HIS A 111 10.20 6.47 1.41
C HIS A 111 10.30 6.57 -0.11
N PHE A 112 9.30 6.03 -0.80
CA PHE A 112 9.28 6.04 -2.25
C PHE A 112 9.22 7.48 -2.78
N SER A 113 8.24 8.23 -2.31
CA SER A 113 8.06 9.62 -2.74
C SER A 113 8.25 10.57 -1.56
N SER A 114 8.86 11.72 -1.82
CA SER A 114 9.11 12.71 -0.79
C SER A 114 8.10 13.85 -0.89
N GLY A 115 7.46 14.16 0.24
CA GLY A 115 6.48 15.23 0.27
C GLY A 115 7.07 16.57 0.63
N PRO A 116 7.00 16.93 1.91
CA PRO A 116 7.53 18.19 2.42
C PRO A 116 9.05 18.23 2.40
N SER A 117 9.62 19.24 1.74
CA SER A 117 11.07 19.37 1.65
C SER A 117 11.71 19.36 3.03
N SER A 118 11.23 20.24 3.91
CA SER A 118 11.75 20.33 5.27
C SER A 118 11.49 19.04 6.04
N GLY A 119 10.22 18.62 6.06
CA GLY A 119 9.85 17.42 6.76
C GLY A 119 9.56 17.66 8.24
N GLY A 1 -4.88 16.62 -17.32
CA GLY A 1 -4.31 16.60 -15.99
C GLY A 1 -2.96 15.91 -15.94
N SER A 2 -2.84 14.93 -15.06
CA SER A 2 -1.58 14.19 -14.91
C SER A 2 -0.39 15.14 -14.94
N SER A 3 -0.52 16.26 -14.25
CA SER A 3 0.55 17.25 -14.19
C SER A 3 1.56 16.89 -13.12
N GLY A 4 1.07 16.53 -11.94
CA GLY A 4 1.96 16.16 -10.85
C GLY A 4 1.75 17.02 -9.62
N SER A 5 2.02 16.46 -8.45
CA SER A 5 1.85 17.17 -7.19
C SER A 5 3.18 17.25 -6.43
N SER A 6 3.22 18.10 -5.41
CA SER A 6 4.42 18.27 -4.60
C SER A 6 4.07 18.75 -3.20
N GLY A 7 4.33 17.90 -2.21
CA GLY A 7 4.04 18.25 -0.83
C GLY A 7 2.89 17.44 -0.26
N PRO A 8 2.80 17.41 1.09
CA PRO A 8 1.75 16.67 1.78
C PRO A 8 0.37 17.30 1.59
N ASN A 9 -0.67 16.54 1.94
CA ASN A 9 -2.04 17.02 1.80
C ASN A 9 -3.02 16.11 2.54
N ALA A 10 -4.29 16.49 2.55
CA ALA A 10 -5.32 15.70 3.22
C ALA A 10 -5.28 14.25 2.75
N SER A 11 -6.14 13.42 3.35
CA SER A 11 -6.19 12.01 3.01
C SER A 11 -6.12 11.81 1.50
N GLN A 12 -6.99 12.50 0.77
CA GLN A 12 -7.04 12.40 -0.68
C GLN A 12 -5.62 12.21 -1.25
N SER A 13 -4.68 13.02 -0.76
CA SER A 13 -3.31 12.94 -1.23
C SER A 13 -2.83 11.49 -1.26
N LEU A 14 -2.91 10.82 -0.11
CA LEU A 14 -2.49 9.43 -0.01
C LEU A 14 -3.30 8.54 -0.95
N LEU A 15 -4.61 8.48 -0.71
CA LEU A 15 -5.50 7.67 -1.54
C LEU A 15 -5.10 7.75 -3.01
N VAL A 16 -4.76 8.94 -3.46
CA VAL A 16 -4.35 9.15 -4.84
C VAL A 16 -3.03 8.46 -5.14
N TRP A 17 -2.02 8.75 -4.33
CA TRP A 17 -0.70 8.14 -4.51
C TRP A 17 -0.82 6.71 -5.02
N CYS A 18 -1.60 5.90 -4.32
CA CYS A 18 -1.80 4.51 -4.70
C CYS A 18 -2.52 4.41 -6.04
N LYS A 19 -3.76 4.90 -6.09
CA LYS A 19 -4.55 4.86 -7.31
C LYS A 19 -3.71 5.27 -8.52
N GLU A 20 -2.67 6.06 -8.27
CA GLU A 20 -1.79 6.52 -9.33
C GLU A 20 -0.89 5.39 -9.82
N VAL A 21 -0.07 4.85 -8.92
CA VAL A 21 0.83 3.76 -9.28
C VAL A 21 0.06 2.49 -9.61
N THR A 22 -1.20 2.44 -9.19
CA THR A 22 -2.04 1.28 -9.44
C THR A 22 -3.09 1.59 -10.50
N LYS A 23 -2.76 2.51 -11.41
CA LYS A 23 -3.67 2.90 -12.48
C LYS A 23 -3.72 1.82 -13.56
N ASN A 24 -2.55 1.29 -13.92
CA ASN A 24 -2.47 0.26 -14.94
C ASN A 24 -2.53 -1.14 -14.31
N TYR A 25 -3.32 -1.27 -13.25
CA TYR A 25 -3.47 -2.54 -12.57
C TYR A 25 -4.87 -3.12 -12.76
N ARG A 26 -5.10 -4.29 -12.17
CA ARG A 26 -6.41 -4.94 -12.28
C ARG A 26 -6.99 -5.23 -10.89
N GLY A 27 -8.12 -4.60 -10.59
CA GLY A 27 -8.75 -4.81 -9.30
C GLY A 27 -8.13 -3.96 -8.21
N VAL A 28 -7.77 -2.72 -8.56
CA VAL A 28 -7.16 -1.80 -7.60
C VAL A 28 -7.83 -0.43 -7.67
N LYS A 29 -8.77 -0.20 -6.76
CA LYS A 29 -9.48 1.09 -6.72
C LYS A 29 -9.23 1.80 -5.40
N ILE A 30 -8.83 1.03 -4.38
CA ILE A 30 -8.56 1.59 -3.06
C ILE A 30 -9.72 2.45 -2.59
N THR A 31 -10.92 1.88 -2.60
CA THR A 31 -12.11 2.60 -2.16
C THR A 31 -12.02 2.97 -0.68
N ASN A 32 -11.27 2.18 0.07
CA ASN A 32 -11.10 2.44 1.51
C ASN A 32 -9.71 1.99 1.97
N PHE A 33 -9.43 2.21 3.25
CA PHE A 33 -8.14 1.84 3.83
C PHE A 33 -8.32 0.75 4.89
N THR A 34 -9.29 -0.13 4.66
CA THR A 34 -9.56 -1.21 5.60
C THR A 34 -9.59 -2.57 4.89
N THR A 35 -10.64 -2.80 4.11
CA THR A 35 -10.78 -4.05 3.37
C THR A 35 -9.91 -4.05 2.12
N SER A 36 -10.07 -3.02 1.29
CA SER A 36 -9.30 -2.91 0.06
C SER A 36 -7.88 -3.43 0.25
N TRP A 37 -7.33 -3.22 1.45
CA TRP A 37 -5.98 -3.66 1.76
C TRP A 37 -6.01 -4.98 2.53
N ARG A 38 -7.08 -5.18 3.30
CA ARG A 38 -7.23 -6.40 4.09
C ARG A 38 -6.64 -7.60 3.35
N ASN A 39 -6.95 -7.71 2.07
CA ASN A 39 -6.46 -8.81 1.26
C ASN A 39 -4.96 -8.69 1.01
N GLY A 40 -4.53 -7.48 0.62
CA GLY A 40 -3.12 -7.25 0.37
C GLY A 40 -2.81 -7.12 -1.11
N LEU A 41 -3.66 -6.38 -1.82
CA LEU A 41 -3.48 -6.17 -3.25
C LEU A 41 -2.77 -4.85 -3.52
N SER A 42 -3.35 -3.76 -3.04
CA SER A 42 -2.79 -2.43 -3.23
C SER A 42 -1.39 -2.35 -2.63
N PHE A 43 -1.18 -3.09 -1.54
CA PHE A 43 0.12 -3.10 -0.87
C PHE A 43 1.20 -3.70 -1.76
N CYS A 44 0.87 -4.81 -2.41
CA CYS A 44 1.80 -5.49 -3.30
C CYS A 44 1.90 -4.78 -4.64
N ALA A 45 0.77 -4.22 -5.09
CA ALA A 45 0.72 -3.51 -6.35
C ALA A 45 1.71 -2.35 -6.38
N ILE A 46 1.64 -1.49 -5.37
CA ILE A 46 2.53 -0.34 -5.28
C ILE A 46 3.99 -0.77 -5.45
N LEU A 47 4.46 -1.63 -4.56
CA LEU A 47 5.83 -2.12 -4.62
C LEU A 47 6.16 -2.68 -6.00
N HIS A 48 5.14 -3.27 -6.63
CA HIS A 48 5.30 -3.86 -7.96
C HIS A 48 5.53 -2.77 -9.01
N HIS A 49 4.81 -1.66 -8.87
CA HIS A 49 4.92 -0.55 -9.81
C HIS A 49 6.39 -0.22 -10.07
N PHE A 50 7.19 -0.24 -9.01
CA PHE A 50 8.61 0.08 -9.14
C PHE A 50 9.40 -1.15 -9.61
N ARG A 51 9.08 -2.31 -9.02
CA ARG A 51 9.75 -3.55 -9.37
C ARG A 51 8.75 -4.69 -9.51
N PRO A 52 8.47 -5.08 -10.77
CA PRO A 52 7.52 -6.15 -11.07
C PRO A 52 8.06 -7.52 -10.67
N ASP A 53 9.30 -7.55 -10.18
CA ASP A 53 9.93 -8.80 -9.75
C ASP A 53 9.89 -8.93 -8.24
N LEU A 54 10.11 -7.83 -7.54
CA LEU A 54 10.09 -7.83 -6.08
C LEU A 54 8.95 -8.67 -5.54
N ILE A 55 7.79 -8.56 -6.18
CA ILE A 55 6.62 -9.33 -5.78
C ILE A 55 6.09 -10.19 -6.91
N ASP A 56 5.14 -11.06 -6.60
CA ASP A 56 4.55 -11.94 -7.61
C ASP A 56 3.17 -11.45 -8.01
N TYR A 57 2.92 -10.16 -7.83
CA TYR A 57 1.63 -9.57 -8.18
C TYR A 57 1.21 -9.96 -9.59
N LYS A 58 2.20 -10.32 -10.41
CA LYS A 58 1.93 -10.71 -11.79
C LYS A 58 0.98 -11.90 -11.85
N SER A 59 1.06 -12.77 -10.84
CA SER A 59 0.21 -13.96 -10.76
C SER A 59 -0.47 -14.05 -9.40
N LEU A 60 -0.82 -12.90 -8.83
CA LEU A 60 -1.47 -12.86 -7.54
C LEU A 60 -2.99 -12.81 -7.69
N ASN A 61 -3.69 -12.69 -6.57
CA ASN A 61 -5.15 -12.64 -6.57
C ASN A 61 -5.69 -12.29 -5.19
N PRO A 62 -6.95 -11.81 -5.15
CA PRO A 62 -7.61 -11.43 -3.90
C PRO A 62 -7.94 -12.64 -3.03
N GLN A 63 -7.52 -13.81 -3.49
CA GLN A 63 -7.77 -15.05 -2.75
C GLN A 63 -6.79 -15.21 -1.60
N ASP A 64 -5.67 -14.49 -1.68
CA ASP A 64 -4.65 -14.55 -0.65
C ASP A 64 -4.69 -13.30 0.23
N ILE A 65 -5.03 -13.49 1.51
CA ILE A 65 -5.09 -12.39 2.45
C ILE A 65 -3.83 -12.30 3.30
N LYS A 66 -3.31 -13.46 3.70
CA LYS A 66 -2.10 -13.51 4.51
C LYS A 66 -0.87 -13.48 3.64
N GLU A 67 -0.83 -14.35 2.63
CA GLU A 67 0.31 -14.41 1.71
C GLU A 67 0.55 -13.06 1.04
N ASN A 68 -0.47 -12.57 0.35
CA ASN A 68 -0.38 -11.28 -0.33
C ASN A 68 0.26 -10.23 0.56
N ASN A 69 -0.31 -10.05 1.75
CA ASN A 69 0.20 -9.07 2.70
C ASN A 69 1.65 -9.37 3.07
N LYS A 70 1.92 -10.63 3.39
CA LYS A 70 3.27 -11.06 3.77
C LYS A 70 4.29 -10.56 2.75
N LYS A 71 3.98 -10.73 1.47
CA LYS A 71 4.87 -10.30 0.41
C LYS A 71 5.33 -8.86 0.62
N ALA A 72 4.37 -7.94 0.62
CA ALA A 72 4.66 -6.52 0.81
C ALA A 72 5.64 -6.33 1.97
N TYR A 73 5.15 -6.51 3.19
CA TYR A 73 5.99 -6.35 4.38
C TYR A 73 7.41 -6.82 4.11
N ASP A 74 7.53 -7.98 3.46
CA ASP A 74 8.84 -8.54 3.14
C ASP A 74 9.62 -7.62 2.20
N GLY A 75 8.93 -7.12 1.18
CA GLY A 75 9.57 -6.23 0.22
C GLY A 75 9.80 -4.85 0.78
N PHE A 76 8.74 -4.20 1.24
CA PHE A 76 8.84 -2.85 1.80
C PHE A 76 9.90 -2.81 2.89
N ALA A 77 9.91 -3.82 3.75
CA ALA A 77 10.86 -3.89 4.84
C ALA A 77 12.28 -4.15 4.31
N SER A 78 12.37 -4.86 3.20
CA SER A 78 13.66 -5.17 2.60
C SER A 78 14.56 -3.93 2.55
N ILE A 79 14.00 -2.84 2.05
CA ILE A 79 14.74 -1.59 1.95
C ILE A 79 14.99 -0.98 3.33
N GLY A 80 14.00 -1.09 4.21
CA GLY A 80 14.13 -0.56 5.55
C GLY A 80 12.84 0.04 6.07
N ILE A 81 11.72 -0.55 5.67
CA ILE A 81 10.41 -0.07 6.09
C ILE A 81 9.83 -0.98 7.18
N SER A 82 9.95 -0.55 8.43
CA SER A 82 9.43 -1.32 9.55
C SER A 82 8.00 -1.77 9.28
N ARG A 83 7.73 -3.06 9.55
CA ARG A 83 6.40 -3.61 9.34
C ARG A 83 5.52 -3.36 10.55
N LEU A 84 4.53 -2.49 10.37
CA LEU A 84 3.59 -2.16 11.44
C LEU A 84 2.42 -3.13 11.47
N LEU A 85 1.88 -3.42 10.29
CA LEU A 85 0.74 -4.33 10.18
C LEU A 85 1.21 -5.74 9.82
N GLU A 86 0.42 -6.74 10.19
CA GLU A 86 0.76 -8.13 9.91
C GLU A 86 -0.21 -8.73 8.88
N PRO A 87 0.29 -9.70 8.10
CA PRO A 87 -0.51 -10.37 7.07
C PRO A 87 -1.60 -11.26 7.66
N SER A 88 -1.20 -12.13 8.59
CA SER A 88 -2.14 -13.03 9.24
C SER A 88 -3.17 -12.27 10.05
N ASP A 89 -2.74 -11.15 10.63
CA ASP A 89 -3.64 -10.31 11.43
C ASP A 89 -4.89 -9.95 10.65
N MET A 90 -4.74 -9.69 9.36
CA MET A 90 -5.86 -9.34 8.51
C MET A 90 -6.86 -10.48 8.42
N VAL A 91 -6.36 -11.71 8.41
CA VAL A 91 -7.21 -12.88 8.34
C VAL A 91 -7.94 -13.11 9.66
N LEU A 92 -7.19 -13.14 10.74
CA LEU A 92 -7.75 -13.34 12.07
C LEU A 92 -9.06 -12.57 12.23
N LEU A 93 -8.99 -11.26 12.01
CA LEU A 93 -10.17 -10.40 12.13
C LEU A 93 -10.82 -10.20 10.77
N ALA A 94 -11.98 -9.53 10.77
CA ALA A 94 -12.71 -9.26 9.54
C ALA A 94 -12.29 -7.92 8.94
N ILE A 95 -12.35 -6.87 9.75
CA ILE A 95 -11.98 -5.54 9.30
C ILE A 95 -10.84 -4.97 10.13
N PRO A 96 -9.75 -4.57 9.46
CA PRO A 96 -8.58 -4.00 10.12
C PRO A 96 -8.84 -2.62 10.70
N ASP A 97 -7.82 -2.02 11.30
CA ASP A 97 -7.95 -0.70 11.89
C ASP A 97 -7.42 0.37 10.95
N LYS A 98 -8.33 1.00 10.20
CA LYS A 98 -7.96 2.03 9.25
C LYS A 98 -6.78 2.85 9.77
N LEU A 99 -6.95 3.44 10.95
CA LEU A 99 -5.91 4.24 11.56
C LEU A 99 -4.53 3.61 11.36
N THR A 100 -4.37 2.39 11.86
CA THR A 100 -3.11 1.67 11.72
C THR A 100 -2.70 1.53 10.27
N VAL A 101 -3.55 0.86 9.49
CA VAL A 101 -3.29 0.65 8.06
C VAL A 101 -2.75 1.93 7.41
N MET A 102 -3.56 2.98 7.45
CA MET A 102 -3.17 4.26 6.86
C MET A 102 -1.79 4.68 7.36
N THR A 103 -1.56 4.52 8.65
CA THR A 103 -0.28 4.89 9.25
C THR A 103 0.88 4.20 8.54
N TYR A 104 0.74 2.90 8.32
CA TYR A 104 1.77 2.12 7.65
C TYR A 104 2.04 2.65 6.24
N LEU A 105 0.96 2.80 5.46
CA LEU A 105 1.07 3.30 4.10
C LEU A 105 1.99 4.51 4.03
N TYR A 106 1.61 5.56 4.75
CA TYR A 106 2.40 6.79 4.78
C TYR A 106 3.89 6.48 4.76
N GLN A 107 4.29 5.46 5.51
CA GLN A 107 5.69 5.06 5.57
C GLN A 107 6.23 4.76 4.17
N ILE A 108 5.55 3.88 3.45
CA ILE A 108 5.96 3.51 2.10
C ILE A 108 5.91 4.71 1.16
N ARG A 109 4.75 5.32 1.05
CA ARG A 109 4.57 6.48 0.17
C ARG A 109 5.56 7.58 0.53
N ALA A 110 5.89 7.68 1.82
CA ALA A 110 6.83 8.69 2.29
C ALA A 110 8.26 8.34 1.88
N HIS A 111 8.60 7.06 1.99
CA HIS A 111 9.94 6.60 1.64
C HIS A 111 10.27 6.95 0.19
N PHE A 112 9.39 6.56 -0.72
CA PHE A 112 9.58 6.83 -2.14
C PHE A 112 9.42 8.32 -2.44
N SER A 113 8.33 8.89 -1.95
CA SER A 113 8.05 10.31 -2.16
C SER A 113 8.09 11.08 -0.85
N SER A 114 9.09 11.93 -0.70
CA SER A 114 9.24 12.73 0.52
C SER A 114 8.14 13.77 0.62
N GLY A 115 8.11 14.48 1.74
CA GLY A 115 7.10 15.51 1.95
C GLY A 115 7.67 16.91 1.93
N PRO A 116 8.07 17.42 3.12
CA PRO A 116 8.64 18.76 3.24
C PRO A 116 10.03 18.85 2.64
N SER A 117 10.12 19.46 1.46
CA SER A 117 11.39 19.61 0.76
C SER A 117 12.15 20.83 1.28
N SER A 118 12.89 20.64 2.37
CA SER A 118 13.66 21.73 2.97
C SER A 118 12.75 22.88 3.39
N GLY A 119 11.60 22.53 3.97
CA GLY A 119 10.66 23.54 4.41
C GLY A 119 9.80 23.07 5.56
N GLY A 1 -1.52 8.67 -19.10
CA GLY A 1 -1.66 9.50 -20.28
C GLY A 1 -1.66 10.98 -19.94
N SER A 2 -2.45 11.36 -18.95
CA SER A 2 -2.54 12.76 -18.53
C SER A 2 -1.32 13.15 -17.70
N SER A 3 -1.03 14.44 -17.68
CA SER A 3 0.11 14.96 -16.92
C SER A 3 -0.28 16.20 -16.13
N GLY A 4 -0.37 16.06 -14.82
CA GLY A 4 -0.72 17.17 -13.96
C GLY A 4 -0.21 17.01 -12.54
N SER A 5 0.30 18.10 -11.98
CA SER A 5 0.83 18.08 -10.62
C SER A 5 -0.10 18.81 -9.67
N SER A 6 -0.71 18.07 -8.75
CA SER A 6 -1.62 18.64 -7.77
C SER A 6 -0.88 19.04 -6.50
N GLY A 7 -0.14 18.09 -5.94
CA GLY A 7 0.61 18.37 -4.73
C GLY A 7 0.31 17.37 -3.62
N PRO A 8 1.24 17.25 -2.66
CA PRO A 8 1.10 16.33 -1.54
C PRO A 8 0.01 16.76 -0.56
N ASN A 9 -1.16 16.12 -0.65
CA ASN A 9 -2.28 16.45 0.22
C ASN A 9 -2.13 15.77 1.57
N ALA A 10 -3.14 15.91 2.42
CA ALA A 10 -3.13 15.30 3.75
C ALA A 10 -3.71 13.90 3.71
N SER A 11 -4.98 13.79 3.35
CA SER A 11 -5.64 12.49 3.28
C SER A 11 -5.68 11.97 1.84
N GLN A 12 -6.54 12.55 1.02
CA GLN A 12 -6.66 12.15 -0.37
C GLN A 12 -5.30 11.82 -0.97
N SER A 13 -4.27 12.49 -0.47
CA SER A 13 -2.91 12.28 -0.96
C SER A 13 -2.59 10.80 -1.04
N LEU A 14 -2.86 10.08 0.05
CA LEU A 14 -2.59 8.64 0.09
C LEU A 14 -3.49 7.89 -0.89
N LEU A 15 -4.80 8.03 -0.71
CA LEU A 15 -5.77 7.37 -1.58
C LEU A 15 -5.45 7.64 -3.05
N VAL A 16 -4.82 8.78 -3.31
CA VAL A 16 -4.46 9.16 -4.67
C VAL A 16 -3.11 8.58 -5.06
N TRP A 17 -2.18 8.56 -4.11
CA TRP A 17 -0.84 8.04 -4.37
C TRP A 17 -0.90 6.57 -4.77
N CYS A 18 -1.70 5.79 -4.04
CA CYS A 18 -1.84 4.37 -4.31
C CYS A 18 -2.59 4.15 -5.63
N LYS A 19 -3.65 4.92 -5.83
CA LYS A 19 -4.46 4.81 -7.05
C LYS A 19 -3.67 5.28 -8.27
N GLU A 20 -2.64 6.09 -8.03
CA GLU A 20 -1.81 6.61 -9.11
C GLU A 20 -0.92 5.51 -9.68
N VAL A 21 -0.13 4.88 -8.80
CA VAL A 21 0.77 3.81 -9.22
C VAL A 21 -0.01 2.58 -9.67
N THR A 22 -1.24 2.45 -9.18
CA THR A 22 -2.08 1.32 -9.53
C THR A 22 -3.13 1.71 -10.56
N LYS A 23 -2.78 2.67 -11.41
CA LYS A 23 -3.69 3.14 -12.46
C LYS A 23 -3.74 2.15 -13.62
N ASN A 24 -2.59 1.58 -13.96
CA ASN A 24 -2.51 0.61 -15.05
C ASN A 24 -2.42 -0.81 -14.51
N TYR A 25 -3.17 -1.09 -13.46
CA TYR A 25 -3.17 -2.41 -12.85
C TYR A 25 -4.50 -3.12 -13.11
N ARG A 26 -4.60 -4.36 -12.62
CA ARG A 26 -5.81 -5.15 -12.80
C ARG A 26 -6.42 -5.55 -11.46
N GLY A 27 -7.59 -5.02 -11.16
CA GLY A 27 -8.25 -5.34 -9.89
C GLY A 27 -7.71 -4.52 -8.74
N VAL A 28 -7.57 -3.22 -8.94
CA VAL A 28 -7.05 -2.33 -7.91
C VAL A 28 -7.96 -1.11 -7.74
N LYS A 29 -8.91 -1.22 -6.83
CA LYS A 29 -9.84 -0.12 -6.57
C LYS A 29 -9.76 0.32 -5.10
N ILE A 30 -8.84 1.24 -4.83
CA ILE A 30 -8.66 1.75 -3.47
C ILE A 30 -9.83 2.65 -3.06
N THR A 31 -10.92 2.03 -2.61
CA THR A 31 -12.10 2.78 -2.20
C THR A 31 -12.04 3.11 -0.70
N ASN A 32 -11.35 2.27 0.05
CA ASN A 32 -11.21 2.46 1.49
C ASN A 32 -9.80 2.11 1.96
N PHE A 33 -9.56 2.29 3.25
CA PHE A 33 -8.25 1.99 3.83
C PHE A 33 -8.37 0.90 4.89
N THR A 34 -9.30 -0.02 4.68
CA THR A 34 -9.50 -1.12 5.62
C THR A 34 -9.51 -2.46 4.89
N THR A 35 -10.57 -2.73 4.14
CA THR A 35 -10.70 -3.97 3.41
C THR A 35 -9.84 -3.95 2.14
N SER A 36 -9.99 -2.89 1.36
CA SER A 36 -9.23 -2.75 0.12
C SER A 36 -7.81 -3.27 0.29
N TRP A 37 -7.26 -3.09 1.49
CA TRP A 37 -5.90 -3.54 1.77
C TRP A 37 -5.92 -4.84 2.56
N ARG A 38 -7.00 -5.06 3.30
CA ARG A 38 -7.14 -6.28 4.10
C ARG A 38 -6.52 -7.48 3.39
N ASN A 39 -6.86 -7.63 2.11
CA ASN A 39 -6.33 -8.74 1.32
C ASN A 39 -4.82 -8.61 1.13
N GLY A 40 -4.40 -7.45 0.63
CA GLY A 40 -2.98 -7.21 0.41
C GLY A 40 -2.63 -7.11 -1.06
N LEU A 41 -3.53 -6.51 -1.83
CA LEU A 41 -3.31 -6.34 -3.28
C LEU A 41 -2.54 -5.07 -3.56
N SER A 42 -3.12 -3.93 -3.18
CA SER A 42 -2.49 -2.63 -3.41
C SER A 42 -1.08 -2.61 -2.86
N PHE A 43 -0.89 -3.26 -1.71
CA PHE A 43 0.42 -3.32 -1.07
C PHE A 43 1.45 -3.92 -2.00
N CYS A 44 1.08 -5.03 -2.65
CA CYS A 44 1.99 -5.71 -3.57
C CYS A 44 2.09 -4.96 -4.89
N ALA A 45 0.95 -4.47 -5.38
CA ALA A 45 0.91 -3.73 -6.64
C ALA A 45 1.83 -2.52 -6.59
N ILE A 46 1.58 -1.63 -5.64
CA ILE A 46 2.39 -0.42 -5.49
C ILE A 46 3.87 -0.74 -5.63
N LEU A 47 4.35 -1.69 -4.84
CA LEU A 47 5.76 -2.09 -4.88
C LEU A 47 6.14 -2.59 -6.28
N HIS A 48 5.21 -3.29 -6.92
CA HIS A 48 5.45 -3.83 -8.25
C HIS A 48 5.59 -2.70 -9.27
N HIS A 49 4.90 -1.59 -9.02
CA HIS A 49 4.95 -0.44 -9.92
C HIS A 49 6.39 0.02 -10.12
N PHE A 50 7.14 0.11 -9.03
CA PHE A 50 8.52 0.55 -9.09
C PHE A 50 9.41 -0.54 -9.68
N ARG A 51 9.30 -1.74 -9.14
CA ARG A 51 10.10 -2.87 -9.62
C ARG A 51 9.25 -4.14 -9.68
N PRO A 52 8.87 -4.54 -10.91
CA PRO A 52 8.06 -5.74 -11.13
C PRO A 52 8.83 -7.02 -10.85
N ASP A 53 10.08 -6.87 -10.41
CA ASP A 53 10.92 -8.02 -10.10
C ASP A 53 11.11 -8.16 -8.59
N LEU A 54 10.06 -7.86 -7.84
CA LEU A 54 10.11 -7.95 -6.38
C LEU A 54 8.97 -8.81 -5.85
N ILE A 55 7.78 -8.62 -6.41
CA ILE A 55 6.61 -9.38 -6.00
C ILE A 55 6.07 -10.23 -7.14
N ASP A 56 5.12 -11.10 -6.83
CA ASP A 56 4.51 -11.97 -7.83
C ASP A 56 3.10 -11.50 -8.18
N TYR A 57 2.84 -10.22 -7.97
CA TYR A 57 1.53 -9.65 -8.25
C TYR A 57 1.06 -10.03 -9.66
N LYS A 58 2.01 -10.33 -10.53
CA LYS A 58 1.70 -10.71 -11.90
C LYS A 58 0.78 -11.92 -11.94
N SER A 59 0.87 -12.77 -10.91
CA SER A 59 0.03 -13.96 -10.82
C SER A 59 -0.62 -14.06 -9.45
N LEU A 60 -0.98 -12.92 -8.88
CA LEU A 60 -1.62 -12.89 -7.57
C LEU A 60 -3.13 -12.77 -7.70
N ASN A 61 -3.81 -12.70 -6.57
CA ASN A 61 -5.27 -12.58 -6.55
C ASN A 61 -5.77 -12.21 -5.16
N PRO A 62 -7.00 -11.69 -5.10
CA PRO A 62 -7.63 -11.28 -3.83
C PRO A 62 -7.99 -12.47 -2.96
N GLN A 63 -7.62 -13.67 -3.41
CA GLN A 63 -7.90 -14.89 -2.66
C GLN A 63 -6.91 -15.08 -1.53
N ASP A 64 -5.76 -14.42 -1.64
CA ASP A 64 -4.72 -14.52 -0.61
C ASP A 64 -4.71 -13.28 0.28
N ILE A 65 -5.03 -13.47 1.55
CA ILE A 65 -5.06 -12.38 2.50
C ILE A 65 -3.80 -12.36 3.36
N LYS A 66 -3.42 -13.52 3.87
CA LYS A 66 -2.22 -13.63 4.70
C LYS A 66 -0.95 -13.57 3.86
N GLU A 67 -0.96 -14.30 2.75
CA GLU A 67 0.19 -14.33 1.85
C GLU A 67 0.41 -12.96 1.22
N ASN A 68 -0.53 -12.52 0.41
CA ASN A 68 -0.44 -11.22 -0.25
C ASN A 68 0.25 -10.20 0.64
N ASN A 69 -0.33 -9.98 1.82
CA ASN A 69 0.23 -9.03 2.78
C ASN A 69 1.67 -9.38 3.13
N LYS A 70 1.90 -10.64 3.51
CA LYS A 70 3.23 -11.11 3.86
C LYS A 70 4.24 -10.72 2.79
N LYS A 71 3.87 -10.96 1.53
CA LYS A 71 4.75 -10.64 0.41
C LYS A 71 5.31 -9.23 0.54
N ALA A 72 4.42 -8.24 0.56
CA ALA A 72 4.83 -6.84 0.68
C ALA A 72 5.82 -6.66 1.82
N TYR A 73 5.34 -6.83 3.05
CA TYR A 73 6.17 -6.68 4.23
C TYR A 73 7.60 -7.15 3.95
N ASP A 74 7.72 -8.31 3.32
CA ASP A 74 9.03 -8.88 2.98
C ASP A 74 9.83 -7.92 2.12
N GLY A 75 9.18 -7.37 1.10
CA GLY A 75 9.85 -6.45 0.21
C GLY A 75 10.02 -5.07 0.82
N PHE A 76 8.91 -4.47 1.24
CA PHE A 76 8.95 -3.14 1.85
C PHE A 76 10.01 -3.07 2.95
N ALA A 77 10.07 -4.11 3.77
CA ALA A 77 11.05 -4.17 4.85
C ALA A 77 12.46 -4.36 4.31
N SER A 78 12.57 -5.04 3.17
CA SER A 78 13.86 -5.30 2.55
C SER A 78 14.72 -4.03 2.53
N ILE A 79 14.12 -2.93 2.08
CA ILE A 79 14.83 -1.65 2.01
C ILE A 79 15.06 -1.08 3.40
N GLY A 80 14.04 -1.19 4.25
CA GLY A 80 14.15 -0.68 5.61
C GLY A 80 12.83 -0.11 6.11
N ILE A 81 11.73 -0.75 5.73
CA ILE A 81 10.41 -0.30 6.16
C ILE A 81 9.85 -1.20 7.25
N SER A 82 9.95 -0.74 8.50
CA SER A 82 9.46 -1.50 9.64
C SER A 82 8.06 -2.05 9.36
N ARG A 83 7.74 -3.18 9.99
CA ARG A 83 6.44 -3.81 9.81
C ARG A 83 5.48 -3.43 10.93
N LEU A 84 4.56 -2.51 10.64
CA LEU A 84 3.60 -2.06 11.64
C LEU A 84 2.39 -2.99 11.68
N LEU A 85 1.89 -3.36 10.52
CA LEU A 85 0.74 -4.25 10.42
C LEU A 85 1.17 -5.67 10.08
N GLU A 86 0.39 -6.65 10.52
CA GLU A 86 0.70 -8.05 10.26
C GLU A 86 -0.30 -8.64 9.26
N PRO A 87 0.16 -9.63 8.48
CA PRO A 87 -0.67 -10.31 7.48
C PRO A 87 -1.75 -11.17 8.11
N SER A 88 -1.34 -12.03 9.03
CA SER A 88 -2.28 -12.92 9.71
C SER A 88 -3.40 -12.13 10.37
N ASP A 89 -3.03 -11.08 11.10
CA ASP A 89 -4.01 -10.24 11.78
C ASP A 89 -5.21 -9.97 10.88
N MET A 90 -4.95 -9.48 9.68
CA MET A 90 -6.02 -9.19 8.73
C MET A 90 -6.98 -10.36 8.61
N VAL A 91 -6.44 -11.56 8.58
CA VAL A 91 -7.25 -12.78 8.46
C VAL A 91 -8.02 -13.04 9.75
N LEU A 92 -7.32 -12.96 10.88
CA LEU A 92 -7.94 -13.19 12.18
C LEU A 92 -9.21 -12.38 12.33
N LEU A 93 -9.08 -11.05 12.23
CA LEU A 93 -10.22 -10.17 12.35
C LEU A 93 -10.90 -9.95 10.99
N ALA A 94 -12.09 -9.35 11.02
CA ALA A 94 -12.83 -9.08 9.79
C ALA A 94 -12.32 -7.81 9.12
N ILE A 95 -12.45 -6.69 9.80
CA ILE A 95 -12.00 -5.41 9.27
C ILE A 95 -10.87 -4.82 10.10
N PRO A 96 -9.76 -4.46 9.44
CA PRO A 96 -8.59 -3.89 10.10
C PRO A 96 -8.85 -2.47 10.61
N ASP A 97 -7.86 -1.90 11.29
CA ASP A 97 -7.98 -0.56 11.84
C ASP A 97 -7.53 0.49 10.82
N LYS A 98 -8.49 1.13 10.17
CA LYS A 98 -8.18 2.15 9.18
C LYS A 98 -6.98 2.99 9.61
N LEU A 99 -7.06 3.55 10.82
CA LEU A 99 -5.98 4.37 11.35
C LEU A 99 -4.65 3.64 11.28
N THR A 100 -4.65 2.37 11.69
CA THR A 100 -3.44 1.56 11.68
C THR A 100 -2.87 1.45 10.26
N VAL A 101 -3.67 0.90 9.35
CA VAL A 101 -3.24 0.74 7.97
C VAL A 101 -2.68 2.04 7.41
N MET A 102 -3.52 3.07 7.34
CA MET A 102 -3.11 4.37 6.83
C MET A 102 -1.73 4.74 7.34
N THR A 103 -1.51 4.57 8.64
CA THR A 103 -0.23 4.88 9.25
C THR A 103 0.91 4.14 8.56
N TYR A 104 0.73 2.85 8.34
CA TYR A 104 1.73 2.03 7.69
C TYR A 104 1.97 2.49 6.25
N LEU A 105 0.89 2.67 5.51
CA LEU A 105 0.98 3.12 4.12
C LEU A 105 1.82 4.38 4.01
N TYR A 106 1.38 5.44 4.68
CA TYR A 106 2.09 6.71 4.65
C TYR A 106 3.61 6.49 4.59
N GLN A 107 4.09 5.56 5.42
CA GLN A 107 5.52 5.26 5.46
C GLN A 107 6.04 4.95 4.07
N ILE A 108 5.42 3.98 3.41
CA ILE A 108 5.83 3.58 2.07
C ILE A 108 5.74 4.76 1.09
N ARG A 109 4.56 5.35 1.00
CA ARG A 109 4.33 6.47 0.11
C ARG A 109 5.34 7.59 0.39
N ALA A 110 5.71 7.74 1.65
CA ALA A 110 6.66 8.78 2.05
C ALA A 110 8.08 8.37 1.68
N HIS A 111 8.41 7.10 1.87
CA HIS A 111 9.74 6.59 1.55
C HIS A 111 10.06 6.81 0.08
N PHE A 112 9.19 6.30 -0.79
CA PHE A 112 9.39 6.44 -2.23
C PHE A 112 9.38 7.91 -2.65
N SER A 113 8.38 8.64 -2.17
CA SER A 113 8.25 10.07 -2.49
C SER A 113 7.87 10.87 -1.26
N SER A 114 8.49 12.04 -1.10
CA SER A 114 8.21 12.90 0.04
C SER A 114 7.78 14.28 -0.43
N GLY A 115 6.87 14.31 -1.41
CA GLY A 115 6.39 15.59 -1.92
C GLY A 115 7.26 16.12 -3.06
N PRO A 116 7.25 17.45 -3.24
CA PRO A 116 8.02 18.11 -4.28
C PRO A 116 9.53 18.05 -4.01
N SER A 117 10.30 17.86 -5.08
CA SER A 117 11.76 17.78 -4.96
C SER A 117 12.34 19.13 -4.55
N SER A 118 12.80 19.22 -3.30
CA SER A 118 13.38 20.45 -2.79
C SER A 118 14.88 20.29 -2.57
N GLY A 119 15.64 21.35 -2.90
CA GLY A 119 17.08 21.30 -2.73
C GLY A 119 17.54 22.02 -1.48
N GLY A 1 -11.21 22.60 -8.40
CA GLY A 1 -10.90 22.26 -7.02
C GLY A 1 -9.45 21.92 -6.82
N SER A 2 -9.06 20.74 -7.28
CA SER A 2 -7.67 20.28 -7.15
C SER A 2 -6.92 20.42 -8.46
N SER A 3 -6.07 21.42 -8.54
CA SER A 3 -5.28 21.67 -9.75
C SER A 3 -3.97 20.90 -9.71
N GLY A 4 -3.17 21.15 -8.68
CA GLY A 4 -1.89 20.47 -8.56
C GLY A 4 -1.20 20.77 -7.24
N SER A 5 -1.98 20.78 -6.16
CA SER A 5 -1.43 21.07 -4.84
C SER A 5 -1.53 19.84 -3.94
N SER A 6 -0.56 18.94 -4.06
CA SER A 6 -0.55 17.72 -3.27
C SER A 6 0.59 17.76 -2.24
N GLY A 7 0.34 17.22 -1.06
CA GLY A 7 1.35 17.19 -0.01
C GLY A 7 1.15 16.05 0.96
N PRO A 8 2.16 15.82 1.81
CA PRO A 8 2.11 14.75 2.81
C PRO A 8 1.12 15.04 3.93
N ASN A 9 0.79 14.01 4.71
CA ASN A 9 -0.15 14.17 5.81
C ASN A 9 -1.53 14.57 5.30
N ALA A 10 -1.96 13.94 4.22
CA ALA A 10 -3.26 14.24 3.63
C ALA A 10 -3.93 12.96 3.11
N SER A 11 -5.14 12.70 3.59
CA SER A 11 -5.88 11.52 3.18
C SER A 11 -5.99 11.44 1.65
N GLN A 12 -6.38 12.55 1.04
CA GLN A 12 -6.51 12.62 -0.41
C GLN A 12 -5.21 12.24 -1.10
N SER A 13 -4.13 12.89 -0.71
CA SER A 13 -2.82 12.64 -1.29
C SER A 13 -2.47 11.15 -1.21
N LEU A 14 -2.66 10.57 -0.03
CA LEU A 14 -2.37 9.15 0.19
C LEU A 14 -3.26 8.28 -0.69
N LEU A 15 -4.57 8.40 -0.50
CA LEU A 15 -5.53 7.63 -1.29
C LEU A 15 -5.21 7.71 -2.77
N VAL A 16 -4.85 8.91 -3.23
CA VAL A 16 -4.52 9.12 -4.65
C VAL A 16 -3.20 8.44 -4.99
N TRP A 17 -2.19 8.65 -4.17
CA TRP A 17 -0.87 8.06 -4.40
C TRP A 17 -1.00 6.63 -4.91
N CYS A 18 -1.77 5.81 -4.20
CA CYS A 18 -1.97 4.42 -4.59
C CYS A 18 -2.70 4.33 -5.94
N LYS A 19 -3.94 4.80 -5.96
CA LYS A 19 -4.74 4.78 -7.18
C LYS A 19 -3.91 5.20 -8.39
N GLU A 20 -2.85 5.96 -8.14
CA GLU A 20 -1.97 6.44 -9.20
C GLU A 20 -1.12 5.30 -9.74
N VAL A 21 -0.46 4.58 -8.83
CA VAL A 21 0.40 3.46 -9.21
C VAL A 21 -0.42 2.21 -9.51
N THR A 22 -1.70 2.25 -9.14
CA THR A 22 -2.59 1.12 -9.37
C THR A 22 -3.80 1.54 -10.21
N LYS A 23 -3.63 2.61 -10.97
CA LYS A 23 -4.71 3.10 -11.83
C LYS A 23 -5.34 1.97 -12.62
N ASN A 24 -4.54 1.35 -13.50
CA ASN A 24 -5.02 0.25 -14.32
C ASN A 24 -4.33 -1.05 -13.94
N TYR A 25 -4.63 -1.55 -12.75
CA TYR A 25 -4.03 -2.79 -12.26
C TYR A 25 -5.09 -3.87 -12.07
N ARG A 26 -4.65 -5.11 -11.91
CA ARG A 26 -5.56 -6.23 -11.71
C ARG A 26 -6.50 -5.98 -10.54
N GLY A 27 -7.74 -5.65 -10.84
CA GLY A 27 -8.72 -5.39 -9.80
C GLY A 27 -8.11 -4.68 -8.60
N VAL A 28 -7.99 -3.36 -8.71
CA VAL A 28 -7.42 -2.56 -7.62
C VAL A 28 -8.25 -1.31 -7.37
N LYS A 29 -9.28 -1.46 -6.54
CA LYS A 29 -10.15 -0.33 -6.20
C LYS A 29 -9.93 0.12 -4.76
N ILE A 30 -9.20 1.21 -4.59
CA ILE A 30 -8.91 1.75 -3.27
C ILE A 30 -10.04 2.67 -2.80
N THR A 31 -11.19 2.07 -2.49
CA THR A 31 -12.34 2.83 -2.03
C THR A 31 -12.20 3.20 -0.56
N ASN A 32 -11.44 2.39 0.18
CA ASN A 32 -11.23 2.62 1.60
C ASN A 32 -9.82 2.23 2.01
N PHE A 33 -9.51 2.39 3.29
CA PHE A 33 -8.19 2.06 3.81
C PHE A 33 -8.27 0.89 4.79
N THR A 34 -9.25 0.01 4.58
CA THR A 34 -9.43 -1.15 5.44
C THR A 34 -9.59 -2.42 4.62
N THR A 35 -10.74 -2.56 3.97
CA THR A 35 -11.03 -3.73 3.14
C THR A 35 -10.20 -3.72 1.87
N SER A 36 -10.08 -2.54 1.26
CA SER A 36 -9.32 -2.40 0.02
C SER A 36 -7.90 -2.95 0.20
N TRP A 37 -7.43 -2.98 1.43
CA TRP A 37 -6.10 -3.49 1.73
C TRP A 37 -6.16 -4.79 2.52
N ARG A 38 -7.28 -5.00 3.20
CA ARG A 38 -7.48 -6.21 4.00
C ARG A 38 -6.84 -7.41 3.31
N ASN A 39 -7.10 -7.56 2.02
CA ASN A 39 -6.56 -8.68 1.25
C ASN A 39 -5.04 -8.54 1.10
N GLY A 40 -4.61 -7.42 0.55
CA GLY A 40 -3.18 -7.18 0.35
C GLY A 40 -2.81 -7.03 -1.10
N LEU A 41 -3.73 -6.48 -1.90
CA LEU A 41 -3.50 -6.28 -3.32
C LEU A 41 -2.64 -5.04 -3.57
N SER A 42 -3.20 -3.88 -3.27
CA SER A 42 -2.50 -2.61 -3.46
C SER A 42 -1.09 -2.69 -2.87
N PHE A 43 -0.98 -3.32 -1.71
CA PHE A 43 0.30 -3.45 -1.03
C PHE A 43 1.34 -4.11 -1.95
N CYS A 44 0.93 -5.16 -2.64
CA CYS A 44 1.81 -5.88 -3.55
C CYS A 44 1.98 -5.10 -4.86
N ALA A 45 0.85 -4.65 -5.42
CA ALA A 45 0.87 -3.91 -6.67
C ALA A 45 1.79 -2.70 -6.57
N ILE A 46 1.55 -1.85 -5.57
CA ILE A 46 2.36 -0.65 -5.37
C ILE A 46 3.85 -0.97 -5.50
N LEU A 47 4.32 -1.92 -4.68
CA LEU A 47 5.72 -2.31 -4.71
C LEU A 47 6.14 -2.77 -6.11
N HIS A 48 5.19 -3.36 -6.84
CA HIS A 48 5.46 -3.84 -8.19
C HIS A 48 5.69 -2.66 -9.15
N HIS A 49 4.88 -1.62 -8.99
CA HIS A 49 4.98 -0.44 -9.84
C HIS A 49 6.44 0.01 -9.96
N PHE A 50 7.15 -0.02 -8.83
CA PHE A 50 8.55 0.40 -8.80
C PHE A 50 9.45 -0.68 -9.40
N ARG A 51 9.30 -1.90 -8.91
CA ARG A 51 10.10 -3.02 -9.39
C ARG A 51 9.22 -4.24 -9.68
N PRO A 52 8.95 -4.49 -10.97
CA PRO A 52 8.11 -5.61 -11.39
C PRO A 52 8.81 -6.96 -11.18
N ASP A 53 9.99 -6.92 -10.60
CA ASP A 53 10.76 -8.13 -10.33
C ASP A 53 11.02 -8.29 -8.84
N LEU A 54 10.08 -7.84 -8.03
CA LEU A 54 10.20 -7.93 -6.58
C LEU A 54 9.10 -8.82 -5.99
N ILE A 55 7.90 -8.69 -6.53
CA ILE A 55 6.78 -9.49 -6.07
C ILE A 55 6.23 -10.38 -7.18
N ASP A 56 5.25 -11.21 -6.84
CA ASP A 56 4.65 -12.12 -7.81
C ASP A 56 3.23 -11.66 -8.16
N TYR A 57 2.98 -10.38 -7.98
CA TYR A 57 1.66 -9.82 -8.27
C TYR A 57 1.20 -10.23 -9.67
N LYS A 58 2.15 -10.47 -10.56
CA LYS A 58 1.84 -10.87 -11.93
C LYS A 58 0.94 -12.09 -11.94
N SER A 59 1.06 -12.93 -10.91
CA SER A 59 0.24 -14.14 -10.81
C SER A 59 -0.42 -14.22 -9.45
N LEU A 60 -0.84 -13.07 -8.92
CA LEU A 60 -1.50 -13.01 -7.63
C LEU A 60 -3.01 -12.89 -7.79
N ASN A 61 -3.72 -12.88 -6.66
CA ASN A 61 -5.18 -12.77 -6.68
C ASN A 61 -5.71 -12.35 -5.32
N PRO A 62 -6.94 -11.82 -5.30
CA PRO A 62 -7.59 -11.38 -4.06
C PRO A 62 -7.96 -12.54 -3.14
N GLN A 63 -7.56 -13.74 -3.53
CA GLN A 63 -7.85 -14.93 -2.74
C GLN A 63 -6.86 -15.07 -1.58
N ASP A 64 -5.72 -14.41 -1.70
CA ASP A 64 -4.69 -14.46 -0.67
C ASP A 64 -4.75 -13.20 0.20
N ILE A 65 -5.07 -13.39 1.48
CA ILE A 65 -5.15 -12.27 2.41
C ILE A 65 -3.88 -12.16 3.24
N LYS A 66 -3.47 -13.26 3.87
CA LYS A 66 -2.28 -13.28 4.69
C LYS A 66 -1.02 -13.28 3.83
N GLU A 67 -1.01 -14.12 2.80
CA GLU A 67 0.12 -14.21 1.89
C GLU A 67 0.38 -12.87 1.21
N ASN A 68 -0.55 -12.43 0.39
CA ASN A 68 -0.43 -11.16 -0.32
C ASN A 68 0.21 -10.11 0.58
N ASN A 69 -0.27 -10.02 1.82
CA ASN A 69 0.25 -9.04 2.77
C ASN A 69 1.70 -9.36 3.12
N LYS A 70 1.96 -10.60 3.51
CA LYS A 70 3.31 -11.03 3.87
C LYS A 70 4.31 -10.64 2.79
N LYS A 71 4.02 -11.03 1.56
CA LYS A 71 4.90 -10.72 0.43
C LYS A 71 5.41 -9.29 0.52
N ALA A 72 4.49 -8.33 0.54
CA ALA A 72 4.85 -6.92 0.64
C ALA A 72 5.84 -6.68 1.77
N TYR A 73 5.36 -6.83 3.00
CA TYR A 73 6.20 -6.62 4.18
C TYR A 73 7.63 -7.04 3.90
N ASP A 74 7.81 -8.27 3.45
CA ASP A 74 9.14 -8.80 3.15
C ASP A 74 9.92 -7.82 2.28
N GLY A 75 9.26 -7.26 1.27
CA GLY A 75 9.92 -6.31 0.40
C GLY A 75 10.01 -4.93 1.00
N PHE A 76 8.87 -4.40 1.44
CA PHE A 76 8.84 -3.07 2.04
C PHE A 76 9.90 -2.93 3.12
N ALA A 77 9.93 -3.88 4.05
CA ALA A 77 10.91 -3.87 5.13
C ALA A 77 12.31 -4.05 4.60
N SER A 78 12.45 -4.87 3.56
CA SER A 78 13.76 -5.14 2.96
C SER A 78 14.56 -3.86 2.79
N ILE A 79 13.92 -2.85 2.19
CA ILE A 79 14.58 -1.56 1.97
C ILE A 79 14.80 -0.83 3.29
N GLY A 80 13.82 -0.91 4.18
CA GLY A 80 13.92 -0.25 5.47
C GLY A 80 12.60 0.27 5.97
N ILE A 81 11.52 -0.45 5.64
CA ILE A 81 10.19 -0.06 6.06
C ILE A 81 9.66 -0.98 7.17
N SER A 82 9.79 -0.52 8.41
CA SER A 82 9.34 -1.31 9.56
C SER A 82 7.99 -1.94 9.28
N ARG A 83 7.68 -3.01 10.01
CA ARG A 83 6.42 -3.72 9.84
C ARG A 83 5.40 -3.26 10.87
N LEU A 84 4.59 -2.27 10.50
CA LEU A 84 3.57 -1.74 11.39
C LEU A 84 2.34 -2.63 11.39
N LEU A 85 1.91 -3.05 10.21
CA LEU A 85 0.74 -3.91 10.07
C LEU A 85 1.15 -5.38 9.93
N GLU A 86 0.27 -6.27 10.36
CA GLU A 86 0.54 -7.70 10.28
C GLU A 86 -0.36 -8.37 9.24
N PRO A 87 0.17 -9.40 8.57
CA PRO A 87 -0.56 -10.14 7.54
C PRO A 87 -1.69 -10.99 8.13
N SER A 88 -1.36 -11.78 9.15
CA SER A 88 -2.34 -12.64 9.80
C SER A 88 -3.51 -11.82 10.35
N ASP A 89 -3.18 -10.79 11.13
CA ASP A 89 -4.20 -9.92 11.71
C ASP A 89 -5.35 -9.70 10.74
N MET A 90 -5.01 -9.43 9.48
CA MET A 90 -6.02 -9.20 8.45
C MET A 90 -6.97 -10.39 8.33
N VAL A 91 -6.39 -11.59 8.38
CA VAL A 91 -7.18 -12.82 8.28
C VAL A 91 -7.94 -13.09 9.57
N LEU A 92 -7.23 -13.07 10.69
CA LEU A 92 -7.84 -13.31 11.99
C LEU A 92 -9.20 -12.63 12.10
N LEU A 93 -9.19 -11.30 12.05
CA LEU A 93 -10.43 -10.53 12.12
C LEU A 93 -10.97 -10.23 10.74
N ALA A 94 -12.13 -9.58 10.69
CA ALA A 94 -12.76 -9.23 9.42
C ALA A 94 -12.26 -7.88 8.92
N ILE A 95 -12.50 -6.83 9.69
CA ILE A 95 -12.07 -5.48 9.33
C ILE A 95 -10.78 -5.10 10.06
N PRO A 96 -9.77 -4.69 9.28
CA PRO A 96 -8.47 -4.28 9.83
C PRO A 96 -8.54 -2.98 10.60
N ASP A 97 -7.40 -2.50 11.07
CA ASP A 97 -7.33 -1.26 11.83
C ASP A 97 -7.01 -0.08 10.91
N LYS A 98 -8.06 0.61 10.45
CA LYS A 98 -7.88 1.76 9.57
C LYS A 98 -6.73 2.63 10.03
N LEU A 99 -6.83 3.14 11.26
CA LEU A 99 -5.79 3.99 11.82
C LEU A 99 -4.40 3.38 11.59
N THR A 100 -4.24 2.12 11.97
CA THR A 100 -2.98 1.42 11.80
C THR A 100 -2.55 1.40 10.34
N VAL A 101 -3.42 0.88 9.48
CA VAL A 101 -3.13 0.79 8.05
C VAL A 101 -2.66 2.14 7.51
N MET A 102 -3.51 3.16 7.62
CA MET A 102 -3.17 4.49 7.14
C MET A 102 -1.76 4.88 7.58
N THR A 103 -1.46 4.68 8.85
CA THR A 103 -0.15 5.01 9.39
C THR A 103 0.96 4.24 8.67
N TYR A 104 0.70 2.98 8.37
CA TYR A 104 1.66 2.14 7.68
C TYR A 104 1.91 2.65 6.26
N LEU A 105 0.82 2.87 5.53
CA LEU A 105 0.92 3.37 4.15
C LEU A 105 1.84 4.57 4.07
N TYR A 106 1.51 5.63 4.81
CA TYR A 106 2.31 6.84 4.81
C TYR A 106 3.80 6.52 4.75
N GLN A 107 4.20 5.51 5.51
CA GLN A 107 5.61 5.10 5.54
C GLN A 107 6.10 4.73 4.14
N ILE A 108 5.36 3.85 3.47
CA ILE A 108 5.72 3.42 2.13
C ILE A 108 5.71 4.59 1.16
N ARG A 109 4.57 5.25 1.05
CA ARG A 109 4.43 6.39 0.15
C ARG A 109 5.52 7.43 0.41
N ALA A 110 5.83 7.64 1.68
CA ALA A 110 6.85 8.60 2.07
C ALA A 110 8.23 8.14 1.61
N HIS A 111 8.53 6.86 1.84
CA HIS A 111 9.82 6.29 1.45
C HIS A 111 10.12 6.59 0.00
N PHE A 112 9.22 6.20 -0.89
CA PHE A 112 9.39 6.42 -2.32
C PHE A 112 9.32 7.92 -2.66
N SER A 113 8.36 8.60 -2.06
CA SER A 113 8.19 10.03 -2.30
C SER A 113 9.32 10.82 -1.67
N SER A 114 9.42 12.10 -2.02
CA SER A 114 10.46 12.97 -1.51
C SER A 114 9.89 13.97 -0.50
N GLY A 115 8.63 14.36 -0.71
CA GLY A 115 7.99 15.30 0.19
C GLY A 115 8.27 16.73 -0.17
N PRO A 116 8.31 17.61 0.83
CA PRO A 116 8.57 19.04 0.63
C PRO A 116 10.01 19.31 0.22
N SER A 117 10.38 20.59 0.16
CA SER A 117 11.73 20.98 -0.23
C SER A 117 12.74 20.61 0.85
N SER A 118 13.77 19.87 0.46
CA SER A 118 14.80 19.44 1.40
C SER A 118 14.21 18.57 2.51
N GLY A 119 13.29 17.67 2.12
CA GLY A 119 12.67 16.79 3.09
C GLY A 119 13.34 15.44 3.17
N GLY A 1 -8.56 19.44 -11.44
CA GLY A 1 -7.86 19.87 -10.23
C GLY A 1 -6.57 20.61 -10.56
N SER A 2 -5.44 19.95 -10.34
CA SER A 2 -4.14 20.56 -10.59
C SER A 2 -3.37 19.76 -11.64
N SER A 3 -2.24 20.30 -12.07
CA SER A 3 -1.41 19.63 -13.07
C SER A 3 -0.70 18.42 -12.47
N GLY A 4 -0.40 18.50 -11.18
CA GLY A 4 0.27 17.41 -10.51
C GLY A 4 0.29 17.57 -9.01
N SER A 5 0.39 16.45 -8.29
CA SER A 5 0.41 16.48 -6.83
C SER A 5 1.76 16.95 -6.32
N SER A 6 1.74 17.75 -5.25
CA SER A 6 2.96 18.28 -4.66
C SER A 6 2.76 18.58 -3.18
N GLY A 7 3.78 18.26 -2.38
CA GLY A 7 3.69 18.50 -0.94
C GLY A 7 2.60 17.69 -0.28
N PRO A 8 2.68 17.56 1.06
CA PRO A 8 1.71 16.79 1.84
C PRO A 8 0.34 17.48 1.89
N ASN A 9 -0.71 16.71 1.65
CA ASN A 9 -2.07 17.25 1.67
C ASN A 9 -3.02 16.28 2.37
N ALA A 10 -4.29 16.69 2.47
CA ALA A 10 -5.30 15.86 3.13
C ALA A 10 -5.21 14.41 2.65
N SER A 11 -5.86 13.51 3.38
CA SER A 11 -5.86 12.10 3.03
C SER A 11 -5.91 11.91 1.52
N GLN A 12 -6.76 12.69 0.86
CA GLN A 12 -6.90 12.60 -0.59
C GLN A 12 -5.56 12.28 -1.25
N SER A 13 -4.54 13.06 -0.93
CA SER A 13 -3.21 12.86 -1.49
C SER A 13 -2.82 11.39 -1.44
N LEU A 14 -2.80 10.83 -0.23
CA LEU A 14 -2.44 9.43 -0.05
C LEU A 14 -3.32 8.52 -0.91
N LEU A 15 -4.63 8.62 -0.73
CA LEU A 15 -5.57 7.81 -1.49
C LEU A 15 -5.21 7.81 -2.97
N VAL A 16 -4.71 8.95 -3.46
CA VAL A 16 -4.33 9.09 -4.85
C VAL A 16 -2.99 8.43 -5.12
N TRP A 17 -2.02 8.68 -4.25
CA TRP A 17 -0.68 8.11 -4.39
C TRP A 17 -0.76 6.68 -4.90
N CYS A 18 -1.57 5.86 -4.24
CA CYS A 18 -1.74 4.46 -4.64
C CYS A 18 -2.44 4.36 -5.99
N LYS A 19 -3.50 5.13 -6.15
CA LYS A 19 -4.27 5.12 -7.39
C LYS A 19 -3.39 5.48 -8.58
N GLU A 20 -2.26 6.13 -8.31
CA GLU A 20 -1.33 6.52 -9.36
C GLU A 20 -0.40 5.36 -9.71
N VAL A 21 0.40 4.94 -8.75
CA VAL A 21 1.34 3.84 -8.97
C VAL A 21 0.62 2.60 -9.49
N THR A 22 -0.64 2.45 -9.10
CA THR A 22 -1.44 1.31 -9.53
C THR A 22 -2.19 1.61 -10.83
N LYS A 23 -1.62 2.51 -11.64
CA LYS A 23 -2.23 2.88 -12.91
C LYS A 23 -2.15 1.74 -13.91
N ASN A 24 -3.29 1.36 -14.47
CA ASN A 24 -3.35 0.28 -15.44
C ASN A 24 -3.00 -1.06 -14.79
N TYR A 25 -3.57 -1.31 -13.61
CA TYR A 25 -3.31 -2.55 -12.89
C TYR A 25 -4.50 -3.50 -13.00
N ARG A 26 -4.21 -4.78 -13.15
CA ARG A 26 -5.26 -5.80 -13.27
C ARG A 26 -6.42 -5.49 -12.33
N GLY A 27 -6.20 -5.73 -11.04
CA GLY A 27 -7.24 -5.47 -10.05
C GLY A 27 -6.75 -4.61 -8.90
N VAL A 28 -7.00 -3.31 -9.01
CA VAL A 28 -6.58 -2.37 -7.98
C VAL A 28 -7.60 -1.25 -7.79
N LYS A 29 -8.37 -1.33 -6.72
CA LYS A 29 -9.39 -0.32 -6.43
C LYS A 29 -9.34 0.11 -4.96
N ILE A 30 -8.62 1.18 -4.69
CA ILE A 30 -8.49 1.69 -3.33
C ILE A 30 -9.69 2.56 -2.96
N THR A 31 -10.82 1.92 -2.68
CA THR A 31 -12.04 2.62 -2.32
C THR A 31 -12.05 2.96 -0.83
N ASN A 32 -11.28 2.21 -0.06
CA ASN A 32 -11.20 2.42 1.38
C ASN A 32 -9.82 2.04 1.91
N PHE A 33 -9.62 2.21 3.22
CA PHE A 33 -8.35 1.89 3.85
C PHE A 33 -8.53 0.82 4.93
N THR A 34 -9.50 -0.06 4.72
CA THR A 34 -9.77 -1.13 5.68
C THR A 34 -9.78 -2.49 4.99
N THR A 35 -10.79 -2.72 4.15
CA THR A 35 -10.92 -3.98 3.44
C THR A 35 -10.14 -3.95 2.13
N SER A 36 -10.04 -2.76 1.54
CA SER A 36 -9.32 -2.59 0.27
C SER A 36 -7.89 -3.13 0.39
N TRP A 37 -7.32 -3.03 1.60
CA TRP A 37 -5.96 -3.50 1.83
C TRP A 37 -5.97 -4.81 2.62
N ARG A 38 -7.11 -5.11 3.24
CA ARG A 38 -7.24 -6.33 4.01
C ARG A 38 -6.59 -7.51 3.29
N ASN A 39 -6.95 -7.71 2.03
CA ASN A 39 -6.41 -8.80 1.23
C ASN A 39 -4.90 -8.65 1.07
N GLY A 40 -4.48 -7.51 0.53
CA GLY A 40 -3.07 -7.25 0.33
C GLY A 40 -2.72 -7.09 -1.13
N LEU A 41 -3.67 -6.59 -1.92
CA LEU A 41 -3.46 -6.38 -3.34
C LEU A 41 -2.68 -5.09 -3.59
N SER A 42 -3.29 -3.96 -3.22
CA SER A 42 -2.66 -2.67 -3.40
C SER A 42 -1.22 -2.67 -2.91
N PHE A 43 -1.01 -3.31 -1.76
CA PHE A 43 0.33 -3.40 -1.17
C PHE A 43 1.32 -3.99 -2.17
N CYS A 44 0.92 -5.08 -2.81
CA CYS A 44 1.79 -5.74 -3.78
C CYS A 44 1.83 -4.96 -5.09
N ALA A 45 0.71 -4.36 -5.46
CA ALA A 45 0.62 -3.58 -6.68
C ALA A 45 1.60 -2.42 -6.66
N ILE A 46 1.59 -1.66 -5.58
CA ILE A 46 2.48 -0.51 -5.43
C ILE A 46 3.95 -0.93 -5.62
N LEU A 47 4.42 -1.81 -4.75
CA LEU A 47 5.79 -2.29 -4.82
C LEU A 47 6.13 -2.78 -6.22
N HIS A 48 5.18 -3.47 -6.84
CA HIS A 48 5.37 -4.00 -8.19
C HIS A 48 5.58 -2.86 -9.19
N HIS A 49 4.92 -1.74 -8.96
CA HIS A 49 5.03 -0.58 -9.83
C HIS A 49 6.49 -0.18 -10.02
N PHE A 50 7.19 0.01 -8.90
CA PHE A 50 8.60 0.39 -8.95
C PHE A 50 9.45 -0.71 -9.57
N ARG A 51 9.22 -1.95 -9.13
CA ARG A 51 9.97 -3.09 -9.65
C ARG A 51 9.07 -4.32 -9.75
N PRO A 52 8.66 -4.67 -10.99
CA PRO A 52 7.81 -5.82 -11.25
C PRO A 52 8.52 -7.14 -11.00
N ASP A 53 9.79 -7.06 -10.61
CA ASP A 53 10.58 -8.26 -10.35
C ASP A 53 10.82 -8.42 -8.85
N LEU A 54 9.89 -7.93 -8.05
CA LEU A 54 10.00 -8.03 -6.59
C LEU A 54 8.89 -8.91 -6.02
N ILE A 55 7.70 -8.79 -6.58
CA ILE A 55 6.56 -9.58 -6.13
C ILE A 55 6.01 -10.44 -7.26
N ASP A 56 5.03 -11.27 -6.92
CA ASP A 56 4.41 -12.16 -7.91
C ASP A 56 3.01 -11.67 -8.27
N TYR A 57 2.76 -10.38 -8.08
CA TYR A 57 1.46 -9.80 -8.37
C TYR A 57 1.00 -10.18 -9.78
N LYS A 58 1.95 -10.52 -10.63
CA LYS A 58 1.65 -10.91 -12.01
C LYS A 58 0.69 -12.10 -12.03
N SER A 59 0.79 -12.95 -11.02
CA SER A 59 -0.06 -14.13 -10.93
C SER A 59 -0.72 -14.22 -9.57
N LEU A 60 -1.04 -13.06 -8.99
CA LEU A 60 -1.68 -13.01 -7.67
C LEU A 60 -3.19 -12.93 -7.80
N ASN A 61 -3.88 -12.95 -6.67
CA ASN A 61 -5.34 -12.87 -6.66
C ASN A 61 -5.85 -12.46 -5.28
N PRO A 62 -7.10 -11.99 -5.23
CA PRO A 62 -7.74 -11.55 -3.98
C PRO A 62 -8.05 -12.72 -3.06
N GLN A 63 -7.63 -13.92 -3.46
CA GLN A 63 -7.87 -15.12 -2.67
C GLN A 63 -6.85 -15.23 -1.53
N ASP A 64 -5.71 -14.57 -1.70
CA ASP A 64 -4.65 -14.60 -0.70
C ASP A 64 -4.70 -13.34 0.16
N ILE A 65 -4.98 -13.51 1.45
CA ILE A 65 -5.05 -12.39 2.37
C ILE A 65 -3.80 -12.31 3.24
N LYS A 66 -3.43 -13.44 3.82
CA LYS A 66 -2.24 -13.51 4.68
C LYS A 66 -0.97 -13.42 3.85
N GLU A 67 -0.95 -14.13 2.72
CA GLU A 67 0.21 -14.13 1.84
C GLU A 67 0.42 -12.76 1.22
N ASN A 68 -0.53 -12.34 0.39
CA ASN A 68 -0.45 -11.05 -0.28
C ASN A 68 0.23 -10.02 0.63
N ASN A 69 -0.16 -10.00 1.89
CA ASN A 69 0.41 -9.06 2.85
C ASN A 69 1.85 -9.43 3.18
N LYS A 70 2.08 -10.71 3.40
CA LYS A 70 3.43 -11.20 3.73
C LYS A 70 4.44 -10.75 2.68
N LYS A 71 4.16 -11.06 1.42
CA LYS A 71 5.04 -10.68 0.32
C LYS A 71 5.50 -9.23 0.47
N ALA A 72 4.54 -8.31 0.48
CA ALA A 72 4.84 -6.89 0.62
C ALA A 72 5.85 -6.65 1.74
N TYR A 73 5.39 -6.80 2.98
CA TYR A 73 6.26 -6.60 4.13
C TYR A 73 7.70 -7.03 3.83
N ASP A 74 7.85 -8.26 3.35
CA ASP A 74 9.16 -8.79 3.02
C ASP A 74 9.94 -7.81 2.14
N GLY A 75 9.26 -7.26 1.14
CA GLY A 75 9.90 -6.31 0.25
C GLY A 75 10.00 -4.92 0.85
N PHE A 76 8.87 -4.39 1.28
CA PHE A 76 8.84 -3.05 1.87
C PHE A 76 9.91 -2.91 2.95
N ALA A 77 9.92 -3.85 3.89
CA ALA A 77 10.89 -3.83 4.97
C ALA A 77 12.30 -4.09 4.45
N SER A 78 12.39 -4.72 3.29
CA SER A 78 13.68 -5.03 2.68
C SER A 78 14.54 -3.78 2.55
N ILE A 79 13.92 -2.70 2.10
CA ILE A 79 14.63 -1.43 1.93
C ILE A 79 14.86 -0.75 3.26
N GLY A 80 13.86 -0.85 4.15
CA GLY A 80 13.97 -0.22 5.46
C GLY A 80 12.65 0.32 5.96
N ILE A 81 11.57 -0.37 5.61
CA ILE A 81 10.23 0.05 6.03
C ILE A 81 9.69 -0.86 7.12
N SER A 82 9.83 -0.42 8.37
CA SER A 82 9.36 -1.19 9.51
C SER A 82 7.96 -1.75 9.25
N ARG A 83 7.70 -2.95 9.78
CA ARG A 83 6.41 -3.59 9.59
C ARG A 83 5.49 -3.30 10.78
N LEU A 84 4.52 -2.43 10.57
CA LEU A 84 3.57 -2.06 11.62
C LEU A 84 2.41 -3.05 11.66
N LEU A 85 1.77 -3.25 10.52
CA LEU A 85 0.64 -4.17 10.42
C LEU A 85 1.11 -5.59 10.15
N GLU A 86 0.30 -6.57 10.56
CA GLU A 86 0.63 -7.97 10.35
C GLU A 86 -0.27 -8.60 9.30
N PRO A 87 0.27 -9.58 8.56
CA PRO A 87 -0.48 -10.28 7.50
C PRO A 87 -1.56 -11.19 8.08
N SER A 88 -1.21 -11.97 9.09
CA SER A 88 -2.15 -12.88 9.72
C SER A 88 -3.30 -12.12 10.36
N ASP A 89 -2.97 -11.06 11.08
CA ASP A 89 -3.98 -10.24 11.75
C ASP A 89 -5.17 -9.99 10.83
N MET A 90 -4.88 -9.52 9.62
CA MET A 90 -5.93 -9.24 8.65
C MET A 90 -6.88 -10.42 8.51
N VAL A 91 -6.34 -11.63 8.66
CA VAL A 91 -7.15 -12.85 8.56
C VAL A 91 -7.81 -13.18 9.89
N LEU A 92 -7.07 -13.00 10.99
CA LEU A 92 -7.59 -13.27 12.32
C LEU A 92 -8.92 -12.55 12.54
N LEU A 93 -8.94 -11.25 12.25
CA LEU A 93 -10.15 -10.44 12.42
C LEU A 93 -10.86 -10.25 11.08
N ALA A 94 -11.97 -9.52 11.12
CA ALA A 94 -12.73 -9.25 9.91
C ALA A 94 -12.28 -7.95 9.25
N ILE A 95 -12.42 -6.84 9.97
CA ILE A 95 -12.02 -5.54 9.45
C ILE A 95 -10.88 -4.95 10.27
N PRO A 96 -9.80 -4.55 9.58
CA PRO A 96 -8.62 -3.96 10.21
C PRO A 96 -8.90 -2.57 10.78
N ASP A 97 -7.88 -1.95 11.36
CA ASP A 97 -8.01 -0.62 11.94
C ASP A 97 -7.48 0.44 10.99
N LYS A 98 -8.40 1.10 10.28
CA LYS A 98 -8.02 2.15 9.34
C LYS A 98 -6.80 2.91 9.83
N LEU A 99 -6.91 3.50 11.02
CA LEU A 99 -5.82 4.26 11.59
C LEU A 99 -4.52 3.47 11.57
N THR A 100 -4.60 2.19 11.94
CA THR A 100 -3.43 1.32 11.95
C THR A 100 -2.85 1.17 10.55
N VAL A 101 -3.70 0.81 9.60
CA VAL A 101 -3.27 0.62 8.22
C VAL A 101 -2.75 1.94 7.63
N MET A 102 -3.63 2.92 7.52
CA MET A 102 -3.26 4.22 6.97
C MET A 102 -1.88 4.64 7.47
N THR A 103 -1.66 4.55 8.77
CA THR A 103 -0.38 4.93 9.36
C THR A 103 0.78 4.20 8.67
N TYR A 104 0.64 2.88 8.52
CA TYR A 104 1.67 2.08 7.89
C TYR A 104 1.95 2.57 6.47
N LEU A 105 0.88 2.83 5.72
CA LEU A 105 1.00 3.31 4.34
C LEU A 105 1.88 4.54 4.28
N TYR A 106 1.47 5.60 4.98
CA TYR A 106 2.23 6.84 4.99
C TYR A 106 3.73 6.58 4.97
N GLN A 107 4.16 5.54 5.69
CA GLN A 107 5.56 5.18 5.75
C GLN A 107 6.09 4.83 4.36
N ILE A 108 5.32 4.06 3.62
CA ILE A 108 5.71 3.65 2.27
C ILE A 108 5.61 4.82 1.29
N ARG A 109 4.42 5.40 1.21
CA ARG A 109 4.19 6.53 0.32
C ARG A 109 5.19 7.65 0.58
N ALA A 110 5.59 7.80 1.84
CA ALA A 110 6.55 8.82 2.23
C ALA A 110 7.95 8.48 1.74
N HIS A 111 8.34 7.22 1.91
CA HIS A 111 9.66 6.77 1.48
C HIS A 111 9.91 7.15 0.02
N PHE A 112 9.04 6.71 -0.86
CA PHE A 112 9.17 7.00 -2.29
C PHE A 112 8.90 8.48 -2.56
N SER A 113 7.69 8.92 -2.25
CA SER A 113 7.30 10.31 -2.47
C SER A 113 7.51 11.14 -1.20
N SER A 114 8.36 12.16 -1.30
CA SER A 114 8.65 13.03 -0.16
C SER A 114 7.72 14.24 -0.16
N GLY A 115 7.19 14.54 1.02
CA GLY A 115 6.29 15.67 1.16
C GLY A 115 6.88 16.96 0.61
N PRO A 116 7.49 17.75 1.50
CA PRO A 116 8.11 19.03 1.12
C PRO A 116 9.36 18.84 0.29
N SER A 117 9.57 19.72 -0.69
CA SER A 117 10.73 19.65 -1.56
C SER A 117 11.56 20.93 -1.48
N SER A 118 10.91 22.01 -1.06
CA SER A 118 11.59 23.30 -0.94
C SER A 118 11.81 23.67 0.52
N GLY A 119 13.04 23.48 0.99
CA GLY A 119 13.36 23.79 2.37
C GLY A 119 12.94 22.70 3.33
N GLY A 1 -3.11 21.41 -9.50
CA GLY A 1 -1.83 22.07 -9.66
C GLY A 1 -1.07 22.21 -8.36
N SER A 2 0.22 21.90 -8.38
CA SER A 2 1.05 21.99 -7.18
C SER A 2 1.67 23.38 -7.06
N SER A 3 0.91 24.32 -6.51
CA SER A 3 1.37 25.69 -6.34
C SER A 3 2.81 25.71 -5.85
N GLY A 4 3.04 25.14 -4.66
CA GLY A 4 4.37 25.10 -4.10
C GLY A 4 4.36 25.00 -2.59
N SER A 5 3.76 23.93 -2.08
CA SER A 5 3.68 23.73 -0.63
C SER A 5 4.31 22.40 -0.23
N SER A 6 5.09 22.42 0.84
CA SER A 6 5.76 21.22 1.31
C SER A 6 4.84 20.41 2.24
N GLY A 7 5.18 19.14 2.44
CA GLY A 7 4.37 18.28 3.28
C GLY A 7 2.98 18.04 2.72
N PRO A 8 2.89 17.10 1.77
CA PRO A 8 1.62 16.76 1.12
C PRO A 8 0.67 16.03 2.06
N ASN A 9 1.12 15.82 3.30
CA ASN A 9 0.31 15.14 4.30
C ASN A 9 -1.17 15.46 4.12
N ALA A 10 -1.89 14.60 3.42
CA ALA A 10 -3.32 14.80 3.18
C ALA A 10 -3.99 13.49 2.76
N SER A 11 -5.09 13.16 3.43
CA SER A 11 -5.83 11.94 3.13
C SER A 11 -5.96 11.74 1.62
N GLN A 12 -6.56 12.71 0.95
CA GLN A 12 -6.76 12.65 -0.49
C GLN A 12 -5.45 12.32 -1.20
N SER A 13 -4.42 13.11 -0.92
CA SER A 13 -3.11 12.91 -1.54
C SER A 13 -2.68 11.45 -1.43
N LEU A 14 -2.77 10.89 -0.22
CA LEU A 14 -2.40 9.51 0.01
C LEU A 14 -3.22 8.56 -0.86
N LEU A 15 -4.54 8.60 -0.69
CA LEU A 15 -5.44 7.75 -1.46
C LEU A 15 -5.08 7.80 -2.95
N VAL A 16 -4.88 9.00 -3.47
CA VAL A 16 -4.54 9.19 -4.87
C VAL A 16 -3.20 8.53 -5.20
N TRP A 17 -2.22 8.73 -4.32
CA TRP A 17 -0.90 8.16 -4.52
C TRP A 17 -0.99 6.65 -4.76
N CYS A 18 -1.77 5.97 -3.94
CA CYS A 18 -1.94 4.52 -4.07
C CYS A 18 -2.61 4.17 -5.39
N LYS A 19 -3.76 4.80 -5.66
CA LYS A 19 -4.50 4.55 -6.89
C LYS A 19 -3.65 4.88 -8.10
N GLU A 20 -2.78 5.88 -7.97
CA GLU A 20 -1.92 6.28 -9.07
C GLU A 20 -0.97 5.15 -9.47
N VAL A 21 -0.03 4.83 -8.58
CA VAL A 21 0.94 3.77 -8.84
C VAL A 21 0.24 2.49 -9.26
N THR A 22 -1.02 2.35 -8.87
CA THR A 22 -1.80 1.17 -9.21
C THR A 22 -2.81 1.47 -10.30
N LYS A 23 -2.47 2.43 -11.16
CA LYS A 23 -3.35 2.82 -12.27
C LYS A 23 -3.37 1.73 -13.34
N ASN A 24 -4.56 1.25 -13.67
CA ASN A 24 -4.72 0.21 -14.69
C ASN A 24 -4.13 -1.11 -14.20
N TYR A 25 -4.42 -1.47 -12.97
CA TYR A 25 -3.92 -2.72 -12.39
C TYR A 25 -5.01 -3.78 -12.37
N ARG A 26 -4.63 -4.99 -11.96
CA ARG A 26 -5.58 -6.11 -11.90
C ARG A 26 -6.51 -5.96 -10.70
N GLY A 27 -7.63 -5.30 -10.90
CA GLY A 27 -8.59 -5.11 -9.83
C GLY A 27 -7.98 -4.39 -8.64
N VAL A 28 -7.63 -3.13 -8.82
CA VAL A 28 -7.04 -2.32 -7.76
C VAL A 28 -7.81 -1.03 -7.55
N LYS A 29 -8.89 -1.11 -6.78
CA LYS A 29 -9.71 0.06 -6.49
C LYS A 29 -9.65 0.43 -5.02
N ILE A 30 -8.66 1.26 -4.66
CA ILE A 30 -8.49 1.69 -3.28
C ILE A 30 -9.61 2.62 -2.85
N THR A 31 -10.76 2.04 -2.51
CA THR A 31 -11.91 2.82 -2.08
C THR A 31 -11.81 3.19 -0.60
N ASN A 32 -11.21 2.29 0.19
CA ASN A 32 -11.05 2.52 1.62
C ASN A 32 -9.63 2.16 2.07
N PHE A 33 -9.39 2.24 3.37
CA PHE A 33 -8.09 1.92 3.94
C PHE A 33 -8.20 0.83 4.99
N THR A 34 -9.23 -0.01 4.86
CA THR A 34 -9.45 -1.10 5.80
C THR A 34 -9.58 -2.44 5.07
N THR A 35 -10.52 -2.51 4.14
CA THR A 35 -10.75 -3.73 3.37
C THR A 35 -9.91 -3.74 2.10
N SER A 36 -10.02 -2.68 1.31
CA SER A 36 -9.27 -2.58 0.07
C SER A 36 -7.86 -3.17 0.22
N TRP A 37 -7.31 -3.05 1.42
CA TRP A 37 -5.98 -3.57 1.70
C TRP A 37 -6.06 -4.88 2.48
N ARG A 38 -7.15 -5.06 3.22
CA ARG A 38 -7.36 -6.27 4.01
C ARG A 38 -6.75 -7.48 3.30
N ASN A 39 -7.06 -7.63 2.02
CA ASN A 39 -6.56 -8.76 1.24
C ASN A 39 -5.05 -8.64 1.04
N GLY A 40 -4.62 -7.50 0.51
CA GLY A 40 -3.21 -7.28 0.28
C GLY A 40 -2.87 -7.14 -1.20
N LEU A 41 -3.78 -6.52 -1.94
CA LEU A 41 -3.58 -6.31 -3.37
C LEU A 41 -2.78 -5.04 -3.63
N SER A 42 -3.29 -3.91 -3.15
CA SER A 42 -2.63 -2.63 -3.33
C SER A 42 -1.20 -2.67 -2.77
N PHE A 43 -1.04 -3.31 -1.62
CA PHE A 43 0.27 -3.42 -0.99
C PHE A 43 1.28 -4.04 -1.94
N CYS A 44 0.89 -5.14 -2.59
CA CYS A 44 1.78 -5.83 -3.52
C CYS A 44 1.89 -5.06 -4.83
N ALA A 45 0.77 -4.49 -5.27
CA ALA A 45 0.74 -3.72 -6.51
C ALA A 45 1.74 -2.56 -6.46
N ILE A 46 1.62 -1.74 -5.42
CA ILE A 46 2.51 -0.60 -5.25
C ILE A 46 3.97 -1.01 -5.39
N LEU A 47 4.42 -1.89 -4.51
CA LEU A 47 5.79 -2.37 -4.53
C LEU A 47 6.17 -2.88 -5.92
N HIS A 48 5.19 -3.47 -6.60
CA HIS A 48 5.41 -4.01 -7.94
C HIS A 48 5.54 -2.88 -8.97
N HIS A 49 4.77 -1.82 -8.76
CA HIS A 49 4.79 -0.68 -9.67
C HIS A 49 6.23 -0.19 -9.89
N PHE A 50 6.92 0.10 -8.80
CA PHE A 50 8.30 0.58 -8.87
C PHE A 50 9.22 -0.51 -9.42
N ARG A 51 9.06 -1.72 -8.92
CA ARG A 51 9.87 -2.85 -9.36
C ARG A 51 9.05 -4.12 -9.44
N PRO A 52 8.71 -4.54 -10.68
CA PRO A 52 7.93 -5.74 -10.92
C PRO A 52 8.69 -7.02 -10.59
N ASP A 53 9.98 -6.86 -10.27
CA ASP A 53 10.82 -8.00 -9.95
C ASP A 53 11.02 -8.12 -8.44
N LEU A 54 9.99 -7.74 -7.69
CA LEU A 54 10.04 -7.80 -6.23
C LEU A 54 8.95 -8.71 -5.67
N ILE A 55 7.78 -8.67 -6.31
CA ILE A 55 6.65 -9.49 -5.89
C ILE A 55 6.13 -10.35 -7.04
N ASP A 56 5.25 -11.28 -6.72
CA ASP A 56 4.66 -12.16 -7.73
C ASP A 56 3.25 -11.71 -8.10
N TYR A 57 3.00 -10.41 -7.96
CA TYR A 57 1.69 -9.85 -8.28
C TYR A 57 1.25 -10.26 -9.68
N LYS A 58 2.22 -10.52 -10.55
CA LYS A 58 1.94 -10.93 -11.92
C LYS A 58 1.06 -12.19 -11.94
N SER A 59 1.13 -12.97 -10.87
CA SER A 59 0.35 -14.19 -10.78
C SER A 59 -0.35 -14.28 -9.42
N LEU A 60 -0.75 -13.14 -8.89
CA LEU A 60 -1.43 -13.08 -7.61
C LEU A 60 -2.94 -13.02 -7.78
N ASN A 61 -3.66 -12.97 -6.67
CA ASN A 61 -5.12 -12.90 -6.71
C ASN A 61 -5.68 -12.49 -5.35
N PRO A 62 -6.94 -12.00 -5.34
CA PRO A 62 -7.61 -11.58 -4.11
C PRO A 62 -7.97 -12.75 -3.21
N GLN A 63 -7.54 -13.95 -3.60
CA GLN A 63 -7.80 -15.15 -2.82
C GLN A 63 -6.83 -15.26 -1.65
N ASP A 64 -5.69 -14.60 -1.77
CA ASP A 64 -4.68 -14.64 -0.72
C ASP A 64 -4.73 -13.37 0.13
N ILE A 65 -5.08 -13.53 1.40
CA ILE A 65 -5.16 -12.40 2.31
C ILE A 65 -3.91 -12.29 3.18
N LYS A 66 -3.48 -13.41 3.74
CA LYS A 66 -2.30 -13.45 4.58
C LYS A 66 -1.02 -13.38 3.74
N GLU A 67 -0.98 -14.18 2.68
CA GLU A 67 0.19 -14.20 1.80
C GLU A 67 0.38 -12.84 1.13
N ASN A 68 -0.55 -12.46 0.28
CA ASN A 68 -0.49 -11.18 -0.43
C ASN A 68 0.17 -10.12 0.44
N ASN A 69 -0.43 -9.85 1.60
CA ASN A 69 0.08 -8.85 2.52
C ASN A 69 1.51 -9.20 2.95
N LYS A 70 1.68 -10.40 3.51
CA LYS A 70 2.99 -10.85 3.96
C LYS A 70 4.06 -10.52 2.93
N LYS A 71 3.79 -10.83 1.67
CA LYS A 71 4.73 -10.58 0.60
C LYS A 71 5.23 -9.13 0.65
N ALA A 72 4.29 -8.19 0.68
CA ALA A 72 4.63 -6.78 0.75
C ALA A 72 5.55 -6.48 1.92
N TYR A 73 5.01 -6.57 3.13
CA TYR A 73 5.78 -6.31 4.34
C TYR A 73 7.22 -6.78 4.17
N ASP A 74 7.40 -7.91 3.52
CA ASP A 74 8.73 -8.47 3.29
C ASP A 74 9.53 -7.59 2.33
N GLY A 75 8.89 -7.19 1.23
CA GLY A 75 9.56 -6.35 0.26
C GLY A 75 9.80 -4.94 0.77
N PHE A 76 8.71 -4.26 1.12
CA PHE A 76 8.81 -2.88 1.62
C PHE A 76 9.84 -2.79 2.75
N ALA A 77 9.77 -3.73 3.68
CA ALA A 77 10.70 -3.75 4.80
C ALA A 77 12.11 -4.10 4.35
N SER A 78 12.20 -4.81 3.23
CA SER A 78 13.50 -5.21 2.68
C SER A 78 14.41 -4.00 2.49
N ILE A 79 13.87 -2.96 1.87
CA ILE A 79 14.63 -1.74 1.62
C ILE A 79 14.91 -0.99 2.92
N GLY A 80 13.93 -1.01 3.83
CA GLY A 80 14.09 -0.33 5.10
C GLY A 80 12.81 0.30 5.58
N ILE A 81 11.68 -0.32 5.27
CA ILE A 81 10.38 0.20 5.67
C ILE A 81 9.84 -0.56 6.88
N SER A 82 10.07 0.00 8.06
CA SER A 82 9.60 -0.62 9.30
C SER A 82 8.17 -1.12 9.15
N ARG A 83 8.01 -2.44 9.13
CA ARG A 83 6.70 -3.06 8.98
C ARG A 83 5.88 -2.87 10.26
N LEU A 84 4.59 -2.59 10.09
CA LEU A 84 3.70 -2.39 11.22
C LEU A 84 2.52 -3.36 11.18
N LEU A 85 1.83 -3.41 10.04
CA LEU A 85 0.70 -4.30 9.86
C LEU A 85 1.16 -5.72 9.56
N GLU A 86 0.42 -6.70 10.07
CA GLU A 86 0.75 -8.10 9.86
C GLU A 86 -0.25 -8.77 8.91
N PRO A 87 0.23 -9.78 8.17
CA PRO A 87 -0.61 -10.51 7.21
C PRO A 87 -1.66 -11.38 7.90
N SER A 88 -1.21 -12.19 8.86
CA SER A 88 -2.12 -13.07 9.59
C SER A 88 -3.24 -12.27 10.23
N ASP A 89 -2.89 -11.35 11.12
CA ASP A 89 -3.87 -10.52 11.80
C ASP A 89 -5.02 -10.15 10.86
N MET A 90 -4.66 -9.71 9.66
CA MET A 90 -5.66 -9.32 8.66
C MET A 90 -6.72 -10.40 8.50
N VAL A 91 -6.27 -11.65 8.45
CA VAL A 91 -7.17 -12.79 8.29
C VAL A 91 -7.96 -13.05 9.57
N LEU A 92 -7.25 -13.10 10.70
CA LEU A 92 -7.89 -13.33 11.99
C LEU A 92 -9.16 -12.49 12.13
N LEU A 93 -9.00 -11.17 12.09
CA LEU A 93 -10.12 -10.26 12.21
C LEU A 93 -10.77 -10.00 10.86
N ALA A 94 -11.98 -9.46 10.88
CA ALA A 94 -12.71 -9.16 9.65
C ALA A 94 -12.24 -7.84 9.04
N ILE A 95 -12.32 -6.77 9.83
CA ILE A 95 -11.90 -5.45 9.37
C ILE A 95 -10.77 -4.91 10.23
N PRO A 96 -9.67 -4.51 9.57
CA PRO A 96 -8.49 -3.96 10.25
C PRO A 96 -8.76 -2.58 10.84
N ASP A 97 -7.71 -1.94 11.34
CA ASP A 97 -7.83 -0.62 11.94
C ASP A 97 -7.39 0.47 10.96
N LYS A 98 -8.35 1.11 10.32
CA LYS A 98 -8.07 2.16 9.35
C LYS A 98 -6.89 3.01 9.82
N LEU A 99 -6.94 3.44 11.07
CA LEU A 99 -5.86 4.26 11.64
C LEU A 99 -4.51 3.57 11.49
N THR A 100 -4.49 2.27 11.74
CA THR A 100 -3.26 1.50 11.64
C THR A 100 -2.75 1.46 10.20
N VAL A 101 -3.53 0.83 9.33
CA VAL A 101 -3.16 0.72 7.91
C VAL A 101 -2.64 2.05 7.38
N MET A 102 -3.49 3.08 7.43
CA MET A 102 -3.13 4.40 6.95
C MET A 102 -1.73 4.78 7.43
N THR A 103 -1.48 4.58 8.71
CA THR A 103 -0.17 4.90 9.29
C THR A 103 0.95 4.23 8.52
N TYR A 104 0.86 2.92 8.36
CA TYR A 104 1.87 2.16 7.63
C TYR A 104 2.12 2.76 6.25
N LEU A 105 1.07 2.82 5.45
CA LEU A 105 1.15 3.37 4.10
C LEU A 105 2.08 4.58 4.06
N TYR A 106 1.70 5.63 4.79
CA TYR A 106 2.51 6.85 4.85
C TYR A 106 4.00 6.53 4.78
N GLN A 107 4.39 5.45 5.46
CA GLN A 107 5.80 5.04 5.47
C GLN A 107 6.29 4.72 4.07
N ILE A 108 5.48 3.95 3.33
CA ILE A 108 5.84 3.58 1.96
C ILE A 108 5.78 4.78 1.03
N ARG A 109 4.61 5.40 0.94
CA ARG A 109 4.43 6.56 0.09
C ARG A 109 5.47 7.63 0.39
N ALA A 110 5.81 7.77 1.66
CA ALA A 110 6.80 8.75 2.08
C ALA A 110 8.20 8.38 1.58
N HIS A 111 8.57 7.12 1.77
CA HIS A 111 9.88 6.63 1.33
C HIS A 111 10.13 7.00 -0.13
N PHE A 112 9.29 6.48 -1.01
CA PHE A 112 9.42 6.74 -2.44
C PHE A 112 9.30 8.23 -2.74
N SER A 113 8.25 8.86 -2.20
CA SER A 113 8.02 10.28 -2.41
C SER A 113 8.10 11.04 -1.09
N SER A 114 9.26 11.64 -0.83
CA SER A 114 9.48 12.40 0.39
C SER A 114 9.03 13.84 0.23
N GLY A 115 7.80 14.13 0.65
CA GLY A 115 7.27 15.47 0.54
C GLY A 115 8.05 16.47 1.39
N PRO A 116 8.02 16.27 2.72
CA PRO A 116 8.72 17.14 3.66
C PRO A 116 10.24 17.03 3.56
N SER A 117 10.70 16.21 2.62
CA SER A 117 12.12 16.00 2.42
C SER A 117 12.91 17.28 2.70
N SER A 118 13.54 17.35 3.87
CA SER A 118 14.31 18.52 4.26
C SER A 118 15.71 18.47 3.66
N GLY A 119 16.08 19.54 2.97
CA GLY A 119 17.40 19.61 2.36
C GLY A 119 17.33 19.75 0.85
N GLY A 1 -10.07 15.51 -9.41
CA GLY A 1 -9.39 16.28 -8.37
C GLY A 1 -9.08 17.70 -8.82
N SER A 2 -8.48 18.47 -7.93
CA SER A 2 -8.13 19.86 -8.23
C SER A 2 -6.80 20.25 -7.59
N SER A 3 -6.04 21.09 -8.28
CA SER A 3 -4.74 21.53 -7.78
C SER A 3 -4.91 22.26 -6.44
N GLY A 4 -4.53 21.59 -5.36
CA GLY A 4 -4.63 22.18 -4.04
C GLY A 4 -4.11 21.27 -2.95
N SER A 5 -3.01 20.59 -3.22
CA SER A 5 -2.41 19.68 -2.25
C SER A 5 -0.89 19.64 -2.41
N SER A 6 -0.19 19.41 -1.30
CA SER A 6 1.26 19.35 -1.31
C SER A 6 1.75 17.95 -0.97
N GLY A 7 1.44 17.50 0.25
CA GLY A 7 1.85 16.18 0.68
C GLY A 7 1.08 15.69 1.89
N PRO A 8 1.64 15.90 3.09
CA PRO A 8 1.00 15.49 4.34
C PRO A 8 -0.24 16.31 4.67
N ASN A 9 -0.75 16.14 5.88
CA ASN A 9 -1.94 16.86 6.31
C ASN A 9 -3.05 16.78 5.27
N ALA A 10 -3.29 15.58 4.76
CA ALA A 10 -4.32 15.37 3.76
C ALA A 10 -4.54 13.88 3.51
N SER A 11 -5.78 13.42 3.70
CA SER A 11 -6.12 12.03 3.50
C SER A 11 -6.11 11.67 2.02
N GLN A 12 -7.00 12.30 1.26
CA GLN A 12 -7.09 12.06 -0.18
C GLN A 12 -5.71 11.96 -0.80
N SER A 13 -4.82 12.87 -0.41
CA SER A 13 -3.47 12.89 -0.94
C SER A 13 -2.89 11.48 -1.02
N LEU A 14 -2.86 10.80 0.12
CA LEU A 14 -2.34 9.43 0.17
C LEU A 14 -3.08 8.52 -0.79
N LEU A 15 -4.36 8.34 -0.54
CA LEU A 15 -5.19 7.48 -1.39
C LEU A 15 -4.72 7.53 -2.85
N VAL A 16 -4.85 8.70 -3.46
CA VAL A 16 -4.43 8.89 -4.84
C VAL A 16 -3.08 8.24 -5.10
N TRP A 17 -2.07 8.70 -4.37
CA TRP A 17 -0.71 8.18 -4.51
C TRP A 17 -0.75 6.70 -4.90
N CYS A 18 -1.65 5.95 -4.27
CA CYS A 18 -1.78 4.52 -4.54
C CYS A 18 -2.52 4.29 -5.85
N LYS A 19 -3.65 4.97 -6.03
CA LYS A 19 -4.45 4.84 -7.23
C LYS A 19 -3.61 5.15 -8.47
N GLU A 20 -2.81 6.20 -8.39
CA GLU A 20 -1.95 6.60 -9.50
C GLU A 20 -1.07 5.43 -9.96
N VAL A 21 -0.09 5.08 -9.13
CA VAL A 21 0.82 3.99 -9.44
C VAL A 21 0.06 2.75 -9.86
N THR A 22 -1.18 2.63 -9.41
CA THR A 22 -2.02 1.49 -9.75
C THR A 22 -3.09 1.86 -10.76
N LYS A 23 -2.78 2.84 -11.60
CA LYS A 23 -3.72 3.30 -12.62
C LYS A 23 -3.75 2.33 -13.80
N ASN A 24 -2.69 1.55 -13.95
CA ASN A 24 -2.59 0.58 -15.03
C ASN A 24 -2.49 -0.84 -14.49
N TYR A 25 -3.40 -1.18 -13.58
CA TYR A 25 -3.41 -2.52 -12.98
C TYR A 25 -4.75 -3.21 -13.22
N ARG A 26 -4.88 -4.42 -12.68
CA ARG A 26 -6.12 -5.18 -12.84
C ARG A 26 -6.67 -5.60 -11.48
N GLY A 27 -7.73 -4.93 -11.04
CA GLY A 27 -8.34 -5.24 -9.77
C GLY A 27 -7.73 -4.44 -8.63
N VAL A 28 -7.49 -3.15 -8.87
CA VAL A 28 -6.91 -2.29 -7.86
C VAL A 28 -7.77 -1.05 -7.64
N LYS A 29 -8.76 -1.16 -6.76
CA LYS A 29 -9.65 -0.05 -6.46
C LYS A 29 -9.51 0.38 -5.00
N ILE A 30 -8.71 1.42 -4.77
CA ILE A 30 -8.50 1.94 -3.43
C ILE A 30 -9.71 2.72 -2.94
N THR A 31 -10.71 2.00 -2.46
CA THR A 31 -11.93 2.63 -1.95
C THR A 31 -11.87 2.84 -0.45
N ASN A 32 -11.10 1.99 0.23
CA ASN A 32 -10.94 2.08 1.67
C ASN A 32 -9.56 1.61 2.11
N PHE A 33 -9.08 2.14 3.23
CA PHE A 33 -7.77 1.78 3.75
C PHE A 33 -7.88 0.61 4.73
N THR A 34 -9.03 -0.05 4.74
CA THR A 34 -9.26 -1.18 5.62
C THR A 34 -9.37 -2.48 4.83
N THR A 35 -10.38 -2.59 3.99
CA THR A 35 -10.59 -3.78 3.18
C THR A 35 -9.69 -3.76 1.94
N SER A 36 -9.76 -2.68 1.18
CA SER A 36 -8.95 -2.54 -0.03
C SER A 36 -7.57 -3.13 0.17
N TRP A 37 -7.10 -3.13 1.42
CA TRP A 37 -5.79 -3.68 1.74
C TRP A 37 -5.91 -4.96 2.56
N ARG A 38 -7.08 -5.15 3.18
CA ARG A 38 -7.32 -6.34 3.99
C ARG A 38 -6.64 -7.56 3.39
N ASN A 39 -6.84 -7.77 2.08
CA ASN A 39 -6.26 -8.90 1.40
C ASN A 39 -4.75 -8.69 1.17
N GLY A 40 -4.40 -7.46 0.77
CA GLY A 40 -3.00 -7.15 0.52
C GLY A 40 -2.71 -6.92 -0.95
N LEU A 41 -3.68 -6.37 -1.66
CA LEU A 41 -3.52 -6.11 -3.09
C LEU A 41 -2.80 -4.78 -3.32
N SER A 42 -3.47 -3.68 -2.99
CA SER A 42 -2.90 -2.35 -3.16
C SER A 42 -1.47 -2.31 -2.61
N PHE A 43 -1.15 -3.24 -1.71
CA PHE A 43 0.17 -3.30 -1.11
C PHE A 43 1.18 -3.93 -2.08
N CYS A 44 0.76 -4.98 -2.77
CA CYS A 44 1.62 -5.66 -3.73
C CYS A 44 1.66 -4.92 -5.06
N ALA A 45 0.57 -4.24 -5.39
CA ALA A 45 0.48 -3.49 -6.64
C ALA A 45 1.44 -2.30 -6.62
N ILE A 46 1.47 -1.59 -5.51
CA ILE A 46 2.35 -0.43 -5.36
C ILE A 46 3.81 -0.82 -5.56
N LEU A 47 4.30 -1.72 -4.72
CA LEU A 47 5.67 -2.17 -4.80
C LEU A 47 5.98 -2.73 -6.19
N HIS A 48 4.97 -3.30 -6.82
CA HIS A 48 5.13 -3.87 -8.16
C HIS A 48 5.35 -2.77 -9.19
N HIS A 49 4.59 -1.68 -9.08
CA HIS A 49 4.71 -0.57 -10.00
C HIS A 49 6.17 -0.18 -10.21
N PHE A 50 6.94 -0.22 -9.13
CA PHE A 50 8.36 0.13 -9.19
C PHE A 50 9.19 -1.07 -9.67
N ARG A 51 8.98 -2.21 -9.04
CA ARG A 51 9.71 -3.43 -9.40
C ARG A 51 8.78 -4.62 -9.50
N PRO A 52 8.44 -5.02 -10.73
CA PRO A 52 7.54 -6.15 -10.99
C PRO A 52 8.18 -7.48 -10.63
N ASP A 53 9.40 -7.43 -10.11
CA ASP A 53 10.12 -8.64 -9.73
C ASP A 53 10.13 -8.81 -8.21
N LEU A 54 10.19 -7.68 -7.49
CA LEU A 54 10.20 -7.71 -6.04
C LEU A 54 9.09 -8.60 -5.49
N ILE A 55 7.95 -8.60 -6.19
CA ILE A 55 6.81 -9.41 -5.78
C ILE A 55 6.30 -10.27 -6.93
N ASP A 56 5.29 -11.08 -6.66
CA ASP A 56 4.70 -11.95 -7.67
C ASP A 56 3.30 -11.48 -8.05
N TYR A 57 3.05 -10.18 -7.90
CA TYR A 57 1.75 -9.62 -8.23
C TYR A 57 1.31 -10.02 -9.63
N LYS A 58 2.28 -10.37 -10.47
CA LYS A 58 2.00 -10.78 -11.84
C LYS A 58 1.11 -12.03 -11.86
N SER A 59 1.23 -12.85 -10.82
CA SER A 59 0.44 -14.08 -10.72
C SER A 59 -0.27 -14.16 -9.38
N LEU A 60 -0.62 -13.00 -8.82
CA LEU A 60 -1.30 -12.94 -7.54
C LEU A 60 -2.82 -12.93 -7.73
N ASN A 61 -3.53 -12.77 -6.63
CA ASN A 61 -5.00 -12.73 -6.67
C ASN A 61 -5.58 -12.38 -5.31
N PRO A 62 -6.83 -11.91 -5.29
CA PRO A 62 -7.53 -11.53 -4.06
C PRO A 62 -7.87 -12.74 -3.19
N GLN A 63 -7.44 -13.92 -3.63
CA GLN A 63 -7.69 -15.15 -2.89
C GLN A 63 -6.71 -15.30 -1.73
N ASP A 64 -5.67 -14.49 -1.74
CA ASP A 64 -4.66 -14.54 -0.69
C ASP A 64 -4.73 -13.28 0.18
N ILE A 65 -5.09 -13.47 1.45
CA ILE A 65 -5.20 -12.35 2.38
C ILE A 65 -3.94 -12.24 3.25
N LYS A 66 -3.51 -13.37 3.79
CA LYS A 66 -2.32 -13.40 4.64
C LYS A 66 -1.05 -13.27 3.80
N GLU A 67 -0.93 -14.12 2.79
CA GLU A 67 0.23 -14.10 1.91
C GLU A 67 0.43 -12.72 1.29
N ASN A 68 -0.51 -12.33 0.43
CA ASN A 68 -0.44 -11.03 -0.24
C ASN A 68 0.17 -9.98 0.69
N ASN A 69 -0.30 -9.96 1.93
CA ASN A 69 0.21 -8.99 2.91
C ASN A 69 1.65 -9.30 3.28
N LYS A 70 1.94 -10.57 3.51
CA LYS A 70 3.29 -11.00 3.87
C LYS A 70 4.28 -10.67 2.76
N LYS A 71 3.83 -10.78 1.52
CA LYS A 71 4.67 -10.48 0.36
C LYS A 71 5.18 -9.04 0.42
N ALA A 72 4.27 -8.10 0.59
CA ALA A 72 4.62 -6.70 0.66
C ALA A 72 5.65 -6.44 1.75
N TYR A 73 5.20 -6.49 3.00
CA TYR A 73 6.09 -6.26 4.14
C TYR A 73 7.49 -6.81 3.85
N ASP A 74 7.55 -8.07 3.44
CA ASP A 74 8.83 -8.71 3.13
C ASP A 74 9.68 -7.82 2.22
N GLY A 75 9.06 -7.28 1.19
CA GLY A 75 9.77 -6.42 0.26
C GLY A 75 9.94 -5.01 0.78
N PHE A 76 8.84 -4.39 1.18
CA PHE A 76 8.87 -3.04 1.71
C PHE A 76 9.93 -2.90 2.79
N ALA A 77 9.82 -3.72 3.82
CA ALA A 77 10.77 -3.70 4.93
C ALA A 77 12.17 -4.06 4.45
N SER A 78 12.26 -4.57 3.23
CA SER A 78 13.55 -4.97 2.66
C SER A 78 14.42 -3.75 2.38
N ILE A 79 13.78 -2.67 1.92
CA ILE A 79 14.50 -1.44 1.62
C ILE A 79 14.73 -0.61 2.87
N GLY A 80 13.88 -0.82 3.88
CA GLY A 80 14.01 -0.09 5.12
C GLY A 80 12.70 0.45 5.62
N ILE A 81 11.61 -0.26 5.31
CA ILE A 81 10.27 0.16 5.73
C ILE A 81 9.77 -0.70 6.87
N SER A 82 9.92 -0.20 8.10
CA SER A 82 9.47 -0.92 9.29
C SER A 82 8.03 -1.38 9.14
N ARG A 83 7.83 -2.70 9.21
CA ARG A 83 6.50 -3.27 9.08
C ARG A 83 5.71 -3.12 10.38
N LEU A 84 4.52 -2.53 10.28
CA LEU A 84 3.67 -2.32 11.45
C LEU A 84 2.50 -3.29 11.45
N LEU A 85 1.75 -3.31 10.35
CA LEU A 85 0.59 -4.20 10.21
C LEU A 85 1.05 -5.63 10.00
N GLU A 86 0.18 -6.58 10.34
CA GLU A 86 0.48 -8.00 10.18
C GLU A 86 -0.44 -8.63 9.15
N PRO A 87 0.11 -9.57 8.36
CA PRO A 87 -0.65 -10.27 7.32
C PRO A 87 -1.67 -11.24 7.90
N SER A 88 -1.26 -12.00 8.91
CA SER A 88 -2.14 -12.96 9.55
C SER A 88 -3.29 -12.25 10.26
N ASP A 89 -2.97 -11.15 10.94
CA ASP A 89 -3.99 -10.39 11.67
C ASP A 89 -5.20 -10.11 10.79
N MET A 90 -4.93 -9.72 9.53
CA MET A 90 -6.01 -9.43 8.59
C MET A 90 -7.00 -10.59 8.51
N VAL A 91 -6.47 -11.81 8.49
CA VAL A 91 -7.30 -13.00 8.42
C VAL A 91 -8.04 -13.24 9.73
N LEU A 92 -7.30 -13.21 10.84
CA LEU A 92 -7.88 -13.43 12.16
C LEU A 92 -9.20 -12.68 12.30
N LEU A 93 -9.13 -11.36 12.30
CA LEU A 93 -10.32 -10.53 12.42
C LEU A 93 -10.99 -10.32 11.06
N ALA A 94 -12.04 -9.51 11.04
CA ALA A 94 -12.76 -9.23 9.81
C ALA A 94 -12.22 -7.97 9.12
N ILE A 95 -12.43 -6.82 9.76
CA ILE A 95 -11.97 -5.56 9.21
C ILE A 95 -10.84 -4.98 10.06
N PRO A 96 -9.74 -4.59 9.40
CA PRO A 96 -8.58 -4.01 10.07
C PRO A 96 -8.86 -2.61 10.62
N ASP A 97 -7.86 -2.02 11.26
CA ASP A 97 -8.00 -0.69 11.83
C ASP A 97 -7.49 0.38 10.86
N LYS A 98 -8.42 1.06 10.21
CA LYS A 98 -8.07 2.11 9.25
C LYS A 98 -6.93 2.96 9.77
N LEU A 99 -7.01 3.35 11.04
CA LEU A 99 -5.99 4.18 11.66
C LEU A 99 -4.60 3.54 11.50
N THR A 100 -4.49 2.27 11.90
CA THR A 100 -3.23 1.55 11.79
C THR A 100 -2.74 1.50 10.35
N VAL A 101 -3.47 0.77 9.51
CA VAL A 101 -3.11 0.64 8.10
C VAL A 101 -2.60 1.97 7.54
N MET A 102 -3.46 2.97 7.56
CA MET A 102 -3.11 4.29 7.05
C MET A 102 -1.72 4.71 7.55
N THR A 103 -1.48 4.50 8.84
CA THR A 103 -0.20 4.85 9.44
C THR A 103 0.96 4.15 8.73
N TYR A 104 0.77 2.88 8.41
CA TYR A 104 1.80 2.10 7.73
C TYR A 104 2.00 2.61 6.30
N LEU A 105 0.89 2.75 5.56
CA LEU A 105 0.95 3.22 4.19
C LEU A 105 1.80 4.48 4.08
N TYR A 106 1.44 5.50 4.85
CA TYR A 106 2.17 6.76 4.83
C TYR A 106 3.68 6.52 4.76
N GLN A 107 4.15 5.56 5.53
CA GLN A 107 5.57 5.23 5.56
C GLN A 107 6.08 4.91 4.15
N ILE A 108 5.45 3.94 3.50
CA ILE A 108 5.84 3.55 2.15
C ILE A 108 5.89 4.75 1.21
N ARG A 109 4.75 5.45 1.10
CA ARG A 109 4.66 6.62 0.24
C ARG A 109 5.81 7.58 0.51
N ALA A 110 6.16 7.74 1.79
CA ALA A 110 7.24 8.63 2.19
C ALA A 110 8.58 8.11 1.70
N HIS A 111 8.81 6.81 1.89
CA HIS A 111 10.06 6.18 1.48
C HIS A 111 10.43 6.59 0.05
N PHE A 112 9.46 6.49 -0.85
CA PHE A 112 9.68 6.86 -2.25
C PHE A 112 9.45 8.34 -2.47
N SER A 113 8.23 8.80 -2.19
CA SER A 113 7.87 10.20 -2.36
C SER A 113 8.65 11.09 -1.40
N SER A 114 8.49 12.40 -1.52
CA SER A 114 9.18 13.35 -0.66
C SER A 114 8.20 14.04 0.27
N GLY A 115 8.56 14.13 1.55
CA GLY A 115 7.70 14.78 2.53
C GLY A 115 8.42 15.89 3.28
N PRO A 116 7.82 16.32 4.40
CA PRO A 116 8.39 17.38 5.24
C PRO A 116 9.64 16.93 5.97
N SER A 117 10.61 17.83 6.09
CA SER A 117 11.87 17.52 6.77
C SER A 117 12.22 18.61 7.77
N SER A 118 12.71 18.19 8.93
CA SER A 118 13.09 19.13 9.99
C SER A 118 14.03 20.21 9.44
N GLY A 119 13.56 21.46 9.46
CA GLY A 119 14.36 22.55 8.97
C GLY A 119 14.77 23.52 10.06
N GLY A 1 3.90 22.81 -16.17
CA GLY A 1 2.78 22.95 -15.27
C GLY A 1 1.64 22.01 -15.61
N SER A 2 1.67 20.82 -15.02
CA SER A 2 0.63 19.82 -15.27
C SER A 2 -0.25 19.63 -14.03
N SER A 3 -1.54 19.48 -14.26
CA SER A 3 -2.50 19.29 -13.17
C SER A 3 -2.11 18.08 -12.31
N GLY A 4 -2.72 17.99 -11.14
CA GLY A 4 -2.42 16.88 -10.24
C GLY A 4 -2.40 17.30 -8.79
N SER A 5 -1.34 16.93 -8.08
CA SER A 5 -1.21 17.27 -6.67
C SER A 5 0.26 17.36 -6.26
N SER A 6 0.67 18.54 -5.80
CA SER A 6 2.05 18.76 -5.39
C SER A 6 2.15 18.92 -3.87
N GLY A 7 3.27 18.50 -3.31
CA GLY A 7 3.48 18.60 -1.88
C GLY A 7 2.46 17.78 -1.10
N PRO A 8 2.64 17.73 0.23
CA PRO A 8 1.74 16.98 1.12
C PRO A 8 0.36 17.62 1.23
N ASN A 9 -0.66 16.78 1.36
CA ASN A 9 -2.03 17.26 1.48
C ASN A 9 -2.88 16.29 2.27
N ALA A 10 -4.16 16.63 2.45
CA ALA A 10 -5.09 15.79 3.19
C ALA A 10 -4.97 14.33 2.74
N SER A 11 -5.73 13.46 3.41
CA SER A 11 -5.71 12.03 3.08
C SER A 11 -5.73 11.82 1.57
N GLN A 12 -6.47 12.67 0.87
CA GLN A 12 -6.57 12.58 -0.59
C GLN A 12 -5.20 12.29 -1.21
N SER A 13 -4.19 13.04 -0.77
CA SER A 13 -2.83 12.87 -1.28
C SER A 13 -2.42 11.40 -1.25
N LEU A 14 -2.80 10.72 -0.18
CA LEU A 14 -2.48 9.30 -0.02
C LEU A 14 -3.37 8.43 -0.90
N LEU A 15 -4.67 8.48 -0.65
CA LEU A 15 -5.63 7.70 -1.42
C LEU A 15 -5.31 7.75 -2.91
N VAL A 16 -4.80 8.90 -3.35
CA VAL A 16 -4.45 9.10 -4.75
C VAL A 16 -3.09 8.48 -5.07
N TRP A 17 -2.12 8.72 -4.20
CA TRP A 17 -0.78 8.18 -4.39
C TRP A 17 -0.83 6.74 -4.87
N CYS A 18 -1.61 5.91 -4.19
CA CYS A 18 -1.75 4.51 -4.55
C CYS A 18 -2.49 4.36 -5.88
N LYS A 19 -3.69 4.92 -5.94
CA LYS A 19 -4.52 4.86 -7.14
C LYS A 19 -3.72 5.29 -8.37
N GLU A 20 -2.64 6.03 -8.13
CA GLU A 20 -1.79 6.51 -9.21
C GLU A 20 -0.83 5.42 -9.68
N VAL A 21 -0.04 4.89 -8.75
CA VAL A 21 0.92 3.84 -9.06
C VAL A 21 0.21 2.54 -9.42
N THR A 22 -1.09 2.47 -9.13
CA THR A 22 -1.88 1.29 -9.42
C THR A 22 -2.85 1.53 -10.57
N LYS A 23 -2.52 2.51 -11.41
CA LYS A 23 -3.35 2.84 -12.56
C LYS A 23 -3.39 1.70 -13.56
N ASN A 24 -4.61 1.25 -13.89
CA ASN A 24 -4.78 0.16 -14.84
C ASN A 24 -4.15 -1.12 -14.32
N TYR A 25 -4.47 -1.48 -13.08
CA TYR A 25 -3.93 -2.68 -12.46
C TYR A 25 -4.98 -3.79 -12.42
N ARG A 26 -4.61 -4.92 -11.82
CA ARG A 26 -5.51 -6.05 -11.71
C ARG A 26 -6.47 -5.88 -10.53
N GLY A 27 -7.67 -5.38 -10.81
CA GLY A 27 -8.65 -5.17 -9.76
C GLY A 27 -8.10 -4.35 -8.61
N VAL A 28 -7.67 -3.12 -8.91
CA VAL A 28 -7.12 -2.24 -7.90
C VAL A 28 -7.99 -0.99 -7.73
N LYS A 29 -8.97 -1.07 -6.84
CA LYS A 29 -9.86 0.05 -6.59
C LYS A 29 -9.75 0.51 -5.14
N ILE A 30 -8.77 1.36 -4.87
CA ILE A 30 -8.55 1.89 -3.52
C ILE A 30 -9.78 2.67 -3.04
N THR A 31 -10.82 1.94 -2.66
CA THR A 31 -12.05 2.56 -2.18
C THR A 31 -11.96 2.85 -0.68
N ASN A 32 -11.16 2.08 0.02
CA ASN A 32 -10.98 2.26 1.46
C ASN A 32 -9.55 1.95 1.88
N PHE A 33 -9.27 2.14 3.17
CA PHE A 33 -7.93 1.87 3.70
C PHE A 33 -7.96 0.68 4.65
N THR A 34 -9.09 -0.02 4.70
CA THR A 34 -9.25 -1.18 5.56
C THR A 34 -9.36 -2.46 4.75
N THR A 35 -10.40 -2.54 3.92
CA THR A 35 -10.62 -3.71 3.09
C THR A 35 -9.70 -3.71 1.87
N SER A 36 -9.77 -2.64 1.09
CA SER A 36 -8.93 -2.52 -0.11
C SER A 36 -7.54 -3.09 0.13
N TRP A 37 -7.08 -2.99 1.38
CA TRP A 37 -5.76 -3.49 1.74
C TRP A 37 -5.88 -4.75 2.59
N ARG A 38 -7.05 -4.96 3.18
CA ARG A 38 -7.29 -6.14 4.01
C ARG A 38 -6.65 -7.38 3.41
N ASN A 39 -6.85 -7.57 2.11
CA ASN A 39 -6.29 -8.73 1.41
C ASN A 39 -4.79 -8.55 1.18
N GLY A 40 -4.42 -7.43 0.57
CA GLY A 40 -3.02 -7.15 0.30
C GLY A 40 -2.73 -6.93 -1.17
N LEU A 41 -3.75 -6.52 -1.91
CA LEU A 41 -3.62 -6.27 -3.34
C LEU A 41 -2.88 -4.96 -3.60
N SER A 42 -3.50 -3.86 -3.19
CA SER A 42 -2.91 -2.54 -3.38
C SER A 42 -1.47 -2.52 -2.90
N PHE A 43 -1.21 -3.20 -1.79
CA PHE A 43 0.14 -3.25 -1.21
C PHE A 43 1.12 -3.84 -2.22
N CYS A 44 0.83 -5.04 -2.69
CA CYS A 44 1.69 -5.71 -3.66
C CYS A 44 1.74 -4.94 -4.98
N ALA A 45 0.61 -4.34 -5.35
CA ALA A 45 0.53 -3.58 -6.59
C ALA A 45 1.55 -2.44 -6.60
N ILE A 46 1.61 -1.70 -5.50
CA ILE A 46 2.55 -0.59 -5.38
C ILE A 46 3.99 -1.05 -5.59
N LEU A 47 4.47 -1.88 -4.67
CA LEU A 47 5.83 -2.39 -4.75
C LEU A 47 6.11 -2.98 -6.13
N HIS A 48 5.05 -3.45 -6.78
CA HIS A 48 5.17 -4.04 -8.12
C HIS A 48 5.29 -2.95 -9.18
N HIS A 49 4.72 -1.78 -8.90
CA HIS A 49 4.76 -0.67 -9.83
C HIS A 49 6.20 -0.32 -10.21
N PHE A 50 7.07 -0.31 -9.21
CA PHE A 50 8.48 0.01 -9.44
C PHE A 50 9.27 -1.23 -9.83
N ARG A 51 9.14 -2.29 -9.04
CA ARG A 51 9.83 -3.54 -9.30
C ARG A 51 8.84 -4.68 -9.49
N PRO A 52 8.43 -4.91 -10.74
CA PRO A 52 7.48 -5.97 -11.08
C PRO A 52 8.08 -7.37 -10.92
N ASP A 53 9.32 -7.42 -10.43
CA ASP A 53 10.00 -8.69 -10.23
C ASP A 53 10.16 -8.99 -8.73
N LEU A 54 10.10 -7.94 -7.91
CA LEU A 54 10.23 -8.10 -6.47
C LEU A 54 9.13 -9.00 -5.92
N ILE A 55 7.91 -8.79 -6.40
CA ILE A 55 6.76 -9.59 -5.96
C ILE A 55 6.18 -10.41 -7.11
N ASP A 56 5.12 -11.15 -6.82
CA ASP A 56 4.47 -11.98 -7.83
C ASP A 56 3.07 -11.46 -8.12
N TYR A 57 2.88 -10.15 -8.00
CA TYR A 57 1.59 -9.54 -8.24
C TYR A 57 1.09 -9.87 -9.64
N LYS A 58 2.01 -10.28 -10.52
CA LYS A 58 1.66 -10.64 -11.89
C LYS A 58 0.84 -11.92 -11.93
N SER A 59 0.95 -12.71 -10.87
CA SER A 59 0.22 -13.98 -10.79
C SER A 59 -0.49 -14.11 -9.44
N LEU A 60 -0.71 -12.97 -8.79
CA LEU A 60 -1.38 -12.95 -7.49
C LEU A 60 -2.90 -12.99 -7.65
N ASN A 61 -3.61 -12.87 -6.54
CA ASN A 61 -5.07 -12.89 -6.57
C ASN A 61 -5.64 -12.53 -5.19
N PRO A 62 -6.91 -12.10 -5.17
CA PRO A 62 -7.61 -11.72 -3.94
C PRO A 62 -7.89 -12.93 -3.05
N GLN A 63 -7.42 -14.10 -3.46
CA GLN A 63 -7.63 -15.32 -2.70
C GLN A 63 -6.61 -15.43 -1.56
N ASP A 64 -5.63 -14.53 -1.57
CA ASP A 64 -4.59 -14.53 -0.54
C ASP A 64 -4.67 -13.25 0.30
N ILE A 65 -5.01 -13.40 1.57
CA ILE A 65 -5.12 -12.26 2.48
C ILE A 65 -3.87 -12.13 3.35
N LYS A 66 -3.40 -13.26 3.86
CA LYS A 66 -2.22 -13.28 4.71
C LYS A 66 -0.95 -13.23 3.87
N GLU A 67 -0.93 -13.99 2.78
CA GLU A 67 0.23 -14.04 1.89
C GLU A 67 0.43 -12.69 1.20
N ASN A 68 -0.54 -12.31 0.37
CA ASN A 68 -0.47 -11.05 -0.36
C ASN A 68 0.21 -9.97 0.48
N ASN A 69 -0.29 -9.78 1.70
CA ASN A 69 0.27 -8.78 2.61
C ASN A 69 1.72 -9.12 2.96
N LYS A 70 1.92 -10.32 3.50
CA LYS A 70 3.25 -10.76 3.88
C LYS A 70 4.27 -10.46 2.78
N LYS A 71 3.87 -10.72 1.53
CA LYS A 71 4.74 -10.48 0.40
C LYS A 71 5.26 -9.04 0.39
N ALA A 72 4.36 -8.10 0.69
CA ALA A 72 4.72 -6.69 0.72
C ALA A 72 5.70 -6.40 1.86
N TYR A 73 5.29 -6.69 3.08
CA TYR A 73 6.13 -6.46 4.25
C TYR A 73 7.55 -6.98 4.01
N ASP A 74 7.67 -7.93 3.10
CA ASP A 74 8.97 -8.52 2.77
C ASP A 74 9.78 -7.57 1.88
N GLY A 75 9.10 -6.92 0.95
CA GLY A 75 9.77 -6.01 0.05
C GLY A 75 9.97 -4.64 0.66
N PHE A 76 8.91 -4.12 1.28
CA PHE A 76 8.98 -2.80 1.92
C PHE A 76 9.95 -2.80 3.08
N ALA A 77 9.88 -3.84 3.91
CA ALA A 77 10.75 -3.96 5.07
C ALA A 77 12.18 -4.27 4.64
N SER A 78 12.35 -4.72 3.40
CA SER A 78 13.66 -5.05 2.88
C SER A 78 14.51 -3.80 2.70
N ILE A 79 13.92 -2.77 2.09
CA ILE A 79 14.62 -1.51 1.86
C ILE A 79 14.88 -0.78 3.18
N GLY A 80 13.94 -0.90 4.12
CA GLY A 80 14.08 -0.25 5.40
C GLY A 80 12.79 0.34 5.91
N ILE A 81 11.69 -0.37 5.65
CA ILE A 81 10.37 0.09 6.09
C ILE A 81 9.86 -0.74 7.26
N SER A 82 10.12 -0.25 8.48
CA SER A 82 9.69 -0.96 9.68
C SER A 82 8.30 -1.56 9.49
N ARG A 83 8.12 -2.78 10.00
CA ARG A 83 6.84 -3.47 9.88
C ARG A 83 5.90 -3.06 11.02
N LEU A 84 4.71 -2.61 10.65
CA LEU A 84 3.72 -2.19 11.63
C LEU A 84 2.51 -3.13 11.63
N LEU A 85 1.96 -3.38 10.45
CA LEU A 85 0.80 -4.26 10.31
C LEU A 85 1.25 -5.70 10.09
N GLU A 86 0.40 -6.65 10.46
CA GLU A 86 0.71 -8.06 10.30
C GLU A 86 -0.20 -8.69 9.24
N PRO A 87 0.35 -9.68 8.51
CA PRO A 87 -0.38 -10.38 7.46
C PRO A 87 -1.47 -11.28 8.01
N SER A 88 -1.11 -12.12 8.98
CA SER A 88 -2.06 -13.04 9.59
C SER A 88 -3.19 -12.27 10.27
N ASP A 89 -2.83 -11.24 11.03
CA ASP A 89 -3.82 -10.43 11.73
C ASP A 89 -5.02 -10.13 10.83
N MET A 90 -4.74 -9.61 9.63
CA MET A 90 -5.79 -9.29 8.69
C MET A 90 -6.76 -10.45 8.52
N VAL A 91 -6.22 -11.67 8.51
CA VAL A 91 -7.04 -12.87 8.36
C VAL A 91 -7.87 -13.13 9.61
N LEU A 92 -7.22 -13.04 10.78
CA LEU A 92 -7.90 -13.27 12.05
C LEU A 92 -9.14 -12.39 12.17
N LEU A 93 -8.94 -11.07 12.08
CA LEU A 93 -10.03 -10.12 12.18
C LEU A 93 -10.67 -9.88 10.81
N ALA A 94 -11.94 -9.48 10.82
CA ALA A 94 -12.65 -9.20 9.58
C ALA A 94 -12.18 -7.91 8.93
N ILE A 95 -12.47 -6.79 9.57
CA ILE A 95 -12.07 -5.49 9.04
C ILE A 95 -10.92 -4.91 9.86
N PRO A 96 -9.81 -4.59 9.16
CA PRO A 96 -8.62 -4.02 9.80
C PRO A 96 -8.85 -2.59 10.29
N ASP A 97 -8.05 -2.17 11.26
CA ASP A 97 -8.16 -0.83 11.81
C ASP A 97 -7.65 0.22 10.82
N LYS A 98 -8.57 0.98 10.25
CA LYS A 98 -8.21 2.02 9.28
C LYS A 98 -7.02 2.83 9.78
N LEU A 99 -7.12 3.33 11.00
CA LEU A 99 -6.05 4.13 11.59
C LEU A 99 -4.69 3.45 11.39
N THR A 100 -4.58 2.22 11.88
CA THR A 100 -3.34 1.45 11.76
C THR A 100 -2.84 1.43 10.32
N VAL A 101 -3.55 0.71 9.46
CA VAL A 101 -3.19 0.60 8.06
C VAL A 101 -2.68 1.93 7.52
N MET A 102 -3.52 2.96 7.63
CA MET A 102 -3.15 4.30 7.17
C MET A 102 -1.77 4.70 7.68
N THR A 103 -1.53 4.42 8.96
CA THR A 103 -0.25 4.76 9.59
C THR A 103 0.91 4.10 8.85
N TYR A 104 0.70 2.87 8.42
CA TYR A 104 1.74 2.12 7.71
C TYR A 104 1.90 2.66 6.28
N LEU A 105 0.78 2.90 5.62
CA LEU A 105 0.80 3.42 4.26
C LEU A 105 1.63 4.69 4.17
N TYR A 106 1.34 5.65 5.04
CA TYR A 106 2.06 6.91 5.06
C TYR A 106 3.57 6.68 4.99
N GLN A 107 4.01 5.55 5.53
CA GLN A 107 5.43 5.21 5.53
C GLN A 107 5.91 4.90 4.12
N ILE A 108 5.30 3.89 3.50
CA ILE A 108 5.68 3.49 2.15
C ILE A 108 5.67 4.69 1.21
N ARG A 109 4.60 5.48 1.26
CA ARG A 109 4.47 6.65 0.41
C ARG A 109 5.58 7.66 0.70
N ALA A 110 5.97 7.74 1.97
CA ALA A 110 7.03 8.67 2.38
C ALA A 110 8.38 8.21 1.87
N HIS A 111 8.73 6.95 2.14
CA HIS A 111 9.99 6.39 1.71
C HIS A 111 10.29 6.75 0.25
N PHE A 112 9.29 6.56 -0.61
CA PHE A 112 9.43 6.86 -2.03
C PHE A 112 9.36 8.37 -2.27
N SER A 113 8.26 8.97 -1.86
CA SER A 113 8.07 10.41 -2.04
C SER A 113 8.02 11.13 -0.69
N SER A 114 8.96 12.04 -0.48
CA SER A 114 9.03 12.79 0.77
C SER A 114 8.38 14.16 0.62
N GLY A 115 8.27 14.89 1.72
CA GLY A 115 7.67 16.21 1.68
C GLY A 115 8.53 17.22 0.94
N PRO A 116 8.33 18.51 1.25
CA PRO A 116 9.07 19.59 0.61
C PRO A 116 10.54 19.62 1.02
N SER A 117 11.42 19.90 0.07
CA SER A 117 12.86 19.95 0.33
C SER A 117 13.21 21.18 1.17
N SER A 118 14.41 21.16 1.73
CA SER A 118 14.87 22.27 2.56
C SER A 118 16.35 22.57 2.29
N GLY A 119 16.71 23.84 2.35
CA GLY A 119 18.09 24.24 2.11
C GLY A 119 18.97 24.01 3.32
N GLY A 1 -7.15 28.68 -1.94
CA GLY A 1 -6.51 27.95 -3.01
C GLY A 1 -7.44 27.69 -4.17
N SER A 2 -6.87 27.43 -5.34
CA SER A 2 -7.66 27.16 -6.54
C SER A 2 -7.03 26.05 -7.38
N SER A 3 -7.81 25.01 -7.67
CA SER A 3 -7.32 23.89 -8.47
C SER A 3 -5.96 23.42 -7.95
N GLY A 4 -5.82 23.33 -6.64
CA GLY A 4 -4.57 22.90 -6.05
C GLY A 4 -4.51 23.16 -4.56
N SER A 5 -3.53 22.56 -3.89
CA SER A 5 -3.36 22.73 -2.45
C SER A 5 -1.89 22.69 -2.07
N SER A 6 -1.42 23.77 -1.43
CA SER A 6 -0.03 23.86 -1.02
C SER A 6 0.28 22.85 0.07
N GLY A 7 0.82 21.70 -0.33
CA GLY A 7 1.15 20.65 0.63
C GLY A 7 0.18 19.50 0.59
N PRO A 8 0.69 18.30 0.28
CA PRO A 8 -0.12 17.08 0.20
C PRO A 8 -0.63 16.63 1.57
N ASN A 9 -0.32 17.41 2.60
CA ASN A 9 -0.73 17.10 3.96
C ASN A 9 -2.25 16.91 4.03
N ALA A 10 -2.71 15.71 3.68
CA ALA A 10 -4.13 15.42 3.71
C ALA A 10 -4.39 13.93 3.46
N SER A 11 -5.62 13.49 3.71
CA SER A 11 -5.99 12.09 3.51
C SER A 11 -6.07 11.74 2.03
N GLN A 12 -6.86 12.54 1.30
CA GLN A 12 -7.02 12.31 -0.13
C GLN A 12 -5.68 12.11 -0.82
N SER A 13 -4.73 13.01 -0.52
CA SER A 13 -3.40 12.93 -1.12
C SER A 13 -2.92 11.49 -1.18
N LEU A 14 -2.81 10.84 -0.02
CA LEU A 14 -2.36 9.46 0.06
C LEU A 14 -3.24 8.56 -0.81
N LEU A 15 -4.55 8.70 -0.68
CA LEU A 15 -5.49 7.90 -1.46
C LEU A 15 -5.16 7.95 -2.93
N VAL A 16 -4.75 9.13 -3.40
CA VAL A 16 -4.40 9.31 -4.81
C VAL A 16 -3.04 8.69 -5.12
N TRP A 17 -2.04 9.03 -4.31
CA TRP A 17 -0.70 8.51 -4.49
C TRP A 17 -0.73 7.05 -4.92
N CYS A 18 -1.53 6.25 -4.21
CA CYS A 18 -1.65 4.83 -4.52
C CYS A 18 -2.28 4.62 -5.89
N LYS A 19 -3.57 4.91 -6.00
CA LYS A 19 -4.28 4.75 -7.26
C LYS A 19 -3.41 5.18 -8.44
N GLU A 20 -2.54 6.15 -8.20
CA GLU A 20 -1.64 6.65 -9.24
C GLU A 20 -0.66 5.57 -9.69
N VAL A 21 0.06 5.00 -8.72
CA VAL A 21 1.03 3.95 -9.01
C VAL A 21 0.34 2.68 -9.50
N THR A 22 -0.93 2.54 -9.15
CA THR A 22 -1.71 1.37 -9.55
C THR A 22 -2.81 1.75 -10.54
N LYS A 23 -2.61 2.87 -11.23
CA LYS A 23 -3.59 3.34 -12.21
C LYS A 23 -3.64 2.41 -13.42
N ASN A 24 -2.51 1.76 -13.71
CA ASN A 24 -2.44 0.85 -14.84
C ASN A 24 -2.38 -0.60 -14.37
N TYR A 25 -3.21 -0.92 -13.39
CA TYR A 25 -3.25 -2.28 -12.83
C TYR A 25 -4.63 -2.91 -13.05
N ARG A 26 -4.75 -4.18 -12.69
CA ARG A 26 -6.00 -4.90 -12.84
C ARG A 26 -6.53 -5.36 -11.49
N GLY A 27 -7.71 -4.86 -11.12
CA GLY A 27 -8.32 -5.23 -9.85
C GLY A 27 -7.85 -4.34 -8.71
N VAL A 28 -7.46 -3.11 -9.04
CA VAL A 28 -7.00 -2.17 -8.04
C VAL A 28 -7.97 -1.00 -7.88
N LYS A 29 -8.75 -1.03 -6.81
CA LYS A 29 -9.73 0.02 -6.54
C LYS A 29 -9.68 0.44 -5.08
N ILE A 30 -8.62 1.16 -4.72
CA ILE A 30 -8.45 1.64 -3.34
C ILE A 30 -9.60 2.54 -2.93
N THR A 31 -10.75 1.94 -2.64
CA THR A 31 -11.93 2.69 -2.22
C THR A 31 -11.94 2.93 -0.73
N ASN A 32 -11.18 2.12 0.00
CA ASN A 32 -11.09 2.25 1.46
C ASN A 32 -9.66 2.01 1.95
N PHE A 33 -9.47 2.06 3.25
CA PHE A 33 -8.16 1.84 3.85
C PHE A 33 -8.21 0.73 4.90
N THR A 34 -9.24 -0.10 4.82
CA THR A 34 -9.42 -1.20 5.76
C THR A 34 -9.60 -2.53 5.02
N THR A 35 -10.68 -2.62 4.26
CA THR A 35 -10.98 -3.83 3.51
C THR A 35 -10.31 -3.81 2.14
N SER A 36 -9.81 -2.64 1.74
CA SER A 36 -9.15 -2.48 0.45
C SER A 36 -7.76 -3.11 0.48
N TRP A 37 -7.19 -3.23 1.67
CA TRP A 37 -5.87 -3.81 1.83
C TRP A 37 -5.93 -5.09 2.65
N ARG A 38 -7.10 -5.37 3.22
CA ARG A 38 -7.29 -6.57 4.03
C ARG A 38 -6.67 -7.78 3.37
N ASN A 39 -6.80 -7.86 2.04
CA ASN A 39 -6.25 -8.98 1.29
C ASN A 39 -4.74 -8.80 1.08
N GLY A 40 -4.35 -7.60 0.67
CA GLY A 40 -2.95 -7.32 0.44
C GLY A 40 -2.63 -7.11 -1.02
N LEU A 41 -3.64 -6.71 -1.79
CA LEU A 41 -3.47 -6.47 -3.22
C LEU A 41 -2.69 -5.17 -3.47
N SER A 42 -3.34 -4.04 -3.20
CA SER A 42 -2.72 -2.74 -3.39
C SER A 42 -1.29 -2.73 -2.89
N PHE A 43 -1.09 -3.28 -1.69
CA PHE A 43 0.24 -3.34 -1.09
C PHE A 43 1.24 -3.99 -2.04
N CYS A 44 0.84 -5.11 -2.64
CA CYS A 44 1.71 -5.81 -3.58
C CYS A 44 1.78 -5.09 -4.92
N ALA A 45 0.71 -4.38 -5.26
CA ALA A 45 0.65 -3.64 -6.51
C ALA A 45 1.62 -2.45 -6.48
N ILE A 46 1.64 -1.73 -5.37
CA ILE A 46 2.52 -0.58 -5.22
C ILE A 46 3.98 -0.97 -5.42
N LEU A 47 4.43 -1.93 -4.62
CA LEU A 47 5.82 -2.40 -4.70
C LEU A 47 6.12 -2.93 -6.10
N HIS A 48 5.09 -3.42 -6.78
CA HIS A 48 5.26 -3.96 -8.13
C HIS A 48 5.35 -2.84 -9.15
N HIS A 49 4.91 -1.64 -8.77
CA HIS A 49 4.95 -0.48 -9.65
C HIS A 49 6.39 -0.04 -9.91
N PHE A 50 7.16 0.12 -8.83
CA PHE A 50 8.54 0.54 -8.94
C PHE A 50 9.40 -0.57 -9.56
N ARG A 51 9.30 -1.77 -9.00
CA ARG A 51 10.08 -2.90 -9.49
C ARG A 51 9.18 -4.14 -9.63
N PRO A 52 8.81 -4.46 -10.88
CA PRO A 52 7.95 -5.61 -11.18
C PRO A 52 8.67 -6.94 -10.95
N ASP A 53 9.90 -6.86 -10.46
CA ASP A 53 10.69 -8.05 -10.19
C ASP A 53 10.92 -8.23 -8.69
N LEU A 54 10.00 -7.71 -7.89
CA LEU A 54 10.09 -7.81 -6.44
C LEU A 54 9.04 -8.74 -5.87
N ILE A 55 7.82 -8.65 -6.41
CA ILE A 55 6.72 -9.48 -5.97
C ILE A 55 6.17 -10.32 -7.11
N ASP A 56 5.11 -11.09 -6.83
CA ASP A 56 4.50 -11.94 -7.85
C ASP A 56 3.07 -11.48 -8.13
N TYR A 57 2.81 -10.20 -7.91
CA TYR A 57 1.48 -9.63 -8.15
C TYR A 57 0.97 -10.02 -9.55
N LYS A 58 1.89 -10.39 -10.42
CA LYS A 58 1.54 -10.79 -11.78
C LYS A 58 0.65 -12.02 -11.78
N SER A 59 0.90 -12.92 -10.82
CA SER A 59 0.13 -14.15 -10.71
C SER A 59 -0.55 -14.25 -9.34
N LEU A 60 -0.84 -13.09 -8.76
CA LEU A 60 -1.50 -13.05 -7.45
C LEU A 60 -3.01 -13.01 -7.59
N ASN A 61 -3.70 -12.86 -6.46
CA ASN A 61 -5.16 -12.81 -6.47
C ASN A 61 -5.70 -12.47 -5.08
N PRO A 62 -6.95 -11.99 -5.03
CA PRO A 62 -7.60 -11.62 -3.78
C PRO A 62 -7.93 -12.83 -2.91
N GLN A 63 -7.52 -14.01 -3.37
CA GLN A 63 -7.77 -15.24 -2.64
C GLN A 63 -6.76 -15.42 -1.50
N ASP A 64 -5.69 -14.63 -1.55
CA ASP A 64 -4.65 -14.70 -0.53
C ASP A 64 -4.66 -13.44 0.34
N ILE A 65 -5.00 -13.61 1.62
CA ILE A 65 -5.05 -12.49 2.55
C ILE A 65 -3.79 -12.43 3.40
N LYS A 66 -3.30 -13.60 3.81
CA LYS A 66 -2.10 -13.68 4.63
C LYS A 66 -0.85 -13.51 3.77
N GLU A 67 -0.79 -14.28 2.68
CA GLU A 67 0.36 -14.22 1.78
C GLU A 67 0.52 -12.82 1.19
N ASN A 68 -0.41 -12.44 0.33
CA ASN A 68 -0.38 -11.12 -0.31
C ASN A 68 0.24 -10.08 0.62
N ASN A 69 -0.32 -9.97 1.82
CA ASN A 69 0.18 -9.02 2.81
C ASN A 69 1.64 -9.32 3.18
N LYS A 70 1.89 -10.56 3.54
CA LYS A 70 3.24 -10.99 3.92
C LYS A 70 4.26 -10.59 2.85
N LYS A 71 3.97 -10.96 1.60
CA LYS A 71 4.85 -10.62 0.49
C LYS A 71 5.33 -9.18 0.59
N ALA A 72 4.39 -8.25 0.73
CA ALA A 72 4.72 -6.84 0.84
C ALA A 72 5.67 -6.58 1.99
N TYR A 73 5.18 -6.73 3.21
CA TYR A 73 5.99 -6.51 4.41
C TYR A 73 7.44 -6.95 4.17
N ASP A 74 7.60 -8.07 3.48
CA ASP A 74 8.93 -8.60 3.19
C ASP A 74 9.65 -7.71 2.17
N GLY A 75 8.95 -7.36 1.10
CA GLY A 75 9.54 -6.52 0.07
C GLY A 75 9.84 -5.12 0.57
N PHE A 76 8.82 -4.45 1.10
CA PHE A 76 8.98 -3.09 1.62
C PHE A 76 10.06 -3.04 2.68
N ALA A 77 9.97 -3.94 3.66
CA ALA A 77 10.95 -3.99 4.74
C ALA A 77 12.32 -4.39 4.22
N SER A 78 12.39 -4.73 2.94
CA SER A 78 13.65 -5.13 2.32
C SER A 78 14.56 -3.92 2.11
N ILE A 79 13.97 -2.73 2.11
CA ILE A 79 14.73 -1.51 1.93
C ILE A 79 14.88 -0.75 3.25
N GLY A 80 13.96 -1.00 4.17
CA GLY A 80 14.01 -0.34 5.46
C GLY A 80 12.62 0.00 5.99
N ILE A 81 11.61 -0.24 5.17
CA ILE A 81 10.23 0.04 5.56
C ILE A 81 9.75 -0.95 6.62
N SER A 82 9.92 -0.58 7.89
CA SER A 82 9.50 -1.42 9.00
C SER A 82 8.03 -1.80 8.87
N ARG A 83 7.74 -3.10 8.94
CA ARG A 83 6.38 -3.59 8.84
C ARG A 83 5.60 -3.31 10.12
N LEU A 84 4.48 -2.60 10.00
CA LEU A 84 3.65 -2.27 11.14
C LEU A 84 2.48 -3.24 11.27
N LEU A 85 1.79 -3.46 10.15
CA LEU A 85 0.65 -4.37 10.13
C LEU A 85 1.10 -5.81 9.92
N GLU A 86 0.24 -6.76 10.27
CA GLU A 86 0.54 -8.17 10.12
C GLU A 86 -0.37 -8.83 9.08
N PRO A 87 0.16 -9.83 8.37
CA PRO A 87 -0.58 -10.54 7.34
C PRO A 87 -1.69 -11.42 7.92
N SER A 88 -1.35 -12.19 8.96
CA SER A 88 -2.30 -13.07 9.61
C SER A 88 -3.40 -12.27 10.29
N ASP A 89 -3.02 -11.24 11.03
CA ASP A 89 -3.96 -10.38 11.73
C ASP A 89 -5.18 -10.08 10.84
N MET A 90 -4.91 -9.67 9.60
CA MET A 90 -5.98 -9.35 8.67
C MET A 90 -6.92 -10.53 8.49
N VAL A 91 -6.36 -11.73 8.50
CA VAL A 91 -7.15 -12.95 8.35
C VAL A 91 -7.99 -13.23 9.60
N LEU A 92 -7.38 -13.02 10.77
CA LEU A 92 -8.06 -13.25 12.03
C LEU A 92 -9.31 -12.38 12.15
N LEU A 93 -9.11 -11.06 12.19
CA LEU A 93 -10.22 -10.13 12.30
C LEU A 93 -10.84 -9.87 10.93
N ALA A 94 -12.10 -9.44 10.93
CA ALA A 94 -12.81 -9.16 9.70
C ALA A 94 -12.38 -7.82 9.11
N ILE A 95 -12.54 -6.75 9.89
CA ILE A 95 -12.17 -5.42 9.45
C ILE A 95 -11.03 -4.85 10.30
N PRO A 96 -9.94 -4.46 9.64
CA PRO A 96 -8.77 -3.90 10.31
C PRO A 96 -9.04 -2.51 10.88
N ASP A 97 -7.97 -1.79 11.22
CA ASP A 97 -8.10 -0.45 11.78
C ASP A 97 -7.58 0.60 10.79
N LYS A 98 -8.51 1.26 10.10
CA LYS A 98 -8.15 2.28 9.12
C LYS A 98 -6.95 3.09 9.60
N LEU A 99 -7.04 3.62 10.81
CA LEU A 99 -5.96 4.41 11.39
C LEU A 99 -4.63 3.68 11.27
N THR A 100 -4.61 2.43 11.70
CA THR A 100 -3.40 1.62 11.65
C THR A 100 -2.87 1.51 10.21
N VAL A 101 -3.59 0.77 9.38
CA VAL A 101 -3.19 0.59 7.99
C VAL A 101 -2.70 1.91 7.39
N MET A 102 -3.56 2.91 7.37
CA MET A 102 -3.20 4.22 6.83
C MET A 102 -1.80 4.63 7.27
N THR A 103 -1.55 4.52 8.57
CA THR A 103 -0.24 4.88 9.13
C THR A 103 0.88 4.17 8.39
N TYR A 104 0.82 2.85 8.35
CA TYR A 104 1.84 2.06 7.67
C TYR A 104 2.08 2.58 6.26
N LEU A 105 1.01 2.82 5.53
CA LEU A 105 1.11 3.31 4.16
C LEU A 105 1.96 4.58 4.10
N TYR A 106 1.54 5.60 4.83
CA TYR A 106 2.26 6.87 4.86
C TYR A 106 3.77 6.62 4.84
N GLN A 107 4.20 5.52 5.44
CA GLN A 107 5.62 5.19 5.50
C GLN A 107 6.14 4.81 4.11
N ILE A 108 5.36 4.00 3.40
CA ILE A 108 5.75 3.57 2.06
C ILE A 108 5.72 4.73 1.07
N ARG A 109 4.58 5.43 1.00
CA ARG A 109 4.43 6.55 0.10
C ARG A 109 5.52 7.60 0.36
N ALA A 110 5.83 7.83 1.63
CA ALA A 110 6.86 8.80 2.00
C ALA A 110 8.23 8.33 1.58
N HIS A 111 8.51 7.05 1.79
CA HIS A 111 9.80 6.47 1.44
C HIS A 111 10.16 6.79 -0.01
N PHE A 112 9.18 6.70 -0.90
CA PHE A 112 9.39 6.98 -2.31
C PHE A 112 9.23 8.48 -2.60
N SER A 113 8.02 8.98 -2.39
CA SER A 113 7.74 10.40 -2.63
C SER A 113 7.48 11.12 -1.31
N SER A 114 8.33 12.09 -1.00
CA SER A 114 8.20 12.86 0.23
C SER A 114 7.82 14.31 -0.07
N GLY A 115 6.52 14.61 0.05
CA GLY A 115 6.05 15.95 -0.22
C GLY A 115 6.72 16.57 -1.43
N PRO A 116 6.69 17.92 -1.48
CA PRO A 116 7.29 18.67 -2.59
C PRO A 116 8.83 18.60 -2.57
N SER A 117 9.38 17.61 -3.27
CA SER A 117 10.82 17.43 -3.33
C SER A 117 11.22 16.66 -4.59
N SER A 118 12.48 16.83 -5.00
CA SER A 118 12.99 16.15 -6.19
C SER A 118 12.41 14.74 -6.30
N GLY A 119 12.28 14.27 -7.53
CA GLY A 119 11.74 12.93 -7.76
C GLY A 119 10.24 12.95 -8.03
N GLY A 1 -8.15 18.07 -6.75
CA GLY A 1 -9.43 18.74 -6.91
C GLY A 1 -9.31 20.06 -7.63
N SER A 2 -9.80 21.13 -7.01
CA SER A 2 -9.74 22.46 -7.61
C SER A 2 -9.92 23.53 -6.54
N SER A 3 -9.46 24.74 -6.85
CA SER A 3 -9.57 25.86 -5.91
C SER A 3 -9.24 25.42 -4.49
N GLY A 4 -8.19 24.59 -4.36
CA GLY A 4 -7.79 24.11 -3.05
C GLY A 4 -6.30 24.26 -2.80
N SER A 5 -5.87 23.90 -1.61
CA SER A 5 -4.46 24.00 -1.25
C SER A 5 -3.74 22.67 -1.44
N SER A 6 -2.43 22.72 -1.60
CA SER A 6 -1.63 21.51 -1.81
C SER A 6 -0.80 21.20 -0.57
N GLY A 7 -0.47 19.93 -0.40
CA GLY A 7 0.32 19.51 0.74
C GLY A 7 -0.06 18.13 1.25
N PRO A 8 0.82 17.53 2.06
CA PRO A 8 0.59 16.20 2.63
C PRO A 8 -0.52 16.19 3.67
N ASN A 9 -0.66 17.31 4.37
CA ASN A 9 -1.69 17.43 5.39
C ASN A 9 -2.95 16.65 5.02
N ALA A 10 -3.55 17.02 3.89
CA ALA A 10 -4.76 16.35 3.42
C ALA A 10 -4.56 14.84 3.36
N SER A 11 -5.66 14.10 3.46
CA SER A 11 -5.61 12.65 3.43
C SER A 11 -5.73 12.12 2.01
N GLN A 12 -6.70 12.66 1.26
CA GLN A 12 -6.91 12.25 -0.12
C GLN A 12 -5.59 11.99 -0.83
N SER A 13 -4.60 12.82 -0.55
CA SER A 13 -3.29 12.67 -1.17
C SER A 13 -2.86 11.21 -1.19
N LEU A 14 -2.82 10.59 -0.02
CA LEU A 14 -2.43 9.18 0.09
C LEU A 14 -3.33 8.30 -0.75
N LEU A 15 -4.62 8.26 -0.40
CA LEU A 15 -5.58 7.46 -1.13
C LEU A 15 -5.33 7.53 -2.64
N VAL A 16 -4.82 8.67 -3.09
CA VAL A 16 -4.54 8.88 -4.51
C VAL A 16 -3.21 8.22 -4.90
N TRP A 17 -2.17 8.53 -4.13
CA TRP A 17 -0.85 7.98 -4.39
C TRP A 17 -0.95 6.54 -4.91
N CYS A 18 -1.70 5.71 -4.20
CA CYS A 18 -1.88 4.31 -4.59
C CYS A 18 -2.67 4.21 -5.88
N LYS A 19 -3.94 4.58 -5.83
CA LYS A 19 -4.81 4.53 -7.00
C LYS A 19 -4.08 5.02 -8.24
N GLU A 20 -3.10 5.91 -8.03
CA GLU A 20 -2.33 6.47 -9.14
C GLU A 20 -1.37 5.42 -9.70
N VAL A 21 -0.52 4.88 -8.83
CA VAL A 21 0.45 3.88 -9.24
C VAL A 21 -0.24 2.58 -9.65
N THR A 22 -1.49 2.44 -9.27
CA THR A 22 -2.27 1.25 -9.60
C THR A 22 -3.31 1.56 -10.68
N LYS A 23 -3.04 2.58 -11.48
CA LYS A 23 -3.96 2.96 -12.55
C LYS A 23 -3.99 1.90 -13.65
N ASN A 24 -2.82 1.44 -14.06
CA ASN A 24 -2.72 0.42 -15.10
C ASN A 24 -2.61 -0.97 -14.49
N TYR A 25 -3.44 -1.23 -13.48
CA TYR A 25 -3.44 -2.53 -12.81
C TYR A 25 -4.78 -3.22 -12.98
N ARG A 26 -4.82 -4.50 -12.61
CA ARG A 26 -6.05 -5.29 -12.72
C ARG A 26 -6.56 -5.69 -11.33
N GLY A 27 -7.83 -5.42 -11.08
CA GLY A 27 -8.42 -5.76 -9.79
C GLY A 27 -7.80 -4.98 -8.64
N VAL A 28 -7.69 -3.67 -8.82
CA VAL A 28 -7.10 -2.80 -7.79
C VAL A 28 -7.99 -1.59 -7.55
N LYS A 29 -8.66 -1.58 -6.40
CA LYS A 29 -9.54 -0.47 -6.03
C LYS A 29 -9.32 -0.06 -4.58
N ILE A 30 -9.08 1.22 -4.36
CA ILE A 30 -8.86 1.75 -3.02
C ILE A 30 -9.99 2.67 -2.59
N THR A 31 -11.05 2.08 -2.04
CA THR A 31 -12.20 2.85 -1.58
C THR A 31 -12.07 3.21 -0.10
N ASN A 32 -11.42 2.34 0.65
CA ASN A 32 -11.24 2.56 2.09
C ASN A 32 -9.91 1.96 2.56
N PHE A 33 -9.29 2.60 3.54
CA PHE A 33 -8.02 2.13 4.07
C PHE A 33 -8.25 1.02 5.09
N THR A 34 -9.19 0.13 4.78
CA THR A 34 -9.51 -0.98 5.67
C THR A 34 -9.50 -2.31 4.90
N THR A 35 -10.48 -2.47 4.02
CA THR A 35 -10.58 -3.70 3.23
C THR A 35 -9.74 -3.61 1.96
N SER A 36 -9.71 -2.42 1.36
CA SER A 36 -8.94 -2.20 0.14
C SER A 36 -7.54 -2.79 0.26
N TRP A 37 -7.05 -2.85 1.49
CA TRP A 37 -5.71 -3.38 1.75
C TRP A 37 -5.80 -4.71 2.50
N ARG A 38 -6.92 -4.92 3.18
CA ARG A 38 -7.12 -6.15 3.94
C ARG A 38 -6.47 -7.34 3.24
N ASN A 39 -6.88 -7.58 2.00
CA ASN A 39 -6.35 -8.69 1.21
C ASN A 39 -4.85 -8.55 1.03
N GLY A 40 -4.42 -7.41 0.50
CA GLY A 40 -3.00 -7.17 0.28
C GLY A 40 -2.67 -6.88 -1.16
N LEU A 41 -3.67 -7.04 -2.04
CA LEU A 41 -3.48 -6.78 -3.46
C LEU A 41 -2.84 -5.42 -3.69
N SER A 42 -3.47 -4.38 -3.16
CA SER A 42 -2.96 -3.02 -3.31
C SER A 42 -1.51 -2.92 -2.84
N PHE A 43 -1.24 -3.49 -1.67
CA PHE A 43 0.10 -3.47 -1.11
C PHE A 43 1.12 -4.00 -2.11
N CYS A 44 0.83 -5.16 -2.70
CA CYS A 44 1.72 -5.77 -3.67
C CYS A 44 1.78 -4.95 -4.95
N ALA A 45 0.62 -4.49 -5.42
CA ALA A 45 0.54 -3.69 -6.63
C ALA A 45 1.55 -2.54 -6.59
N ILE A 46 1.49 -1.74 -5.53
CA ILE A 46 2.39 -0.61 -5.37
C ILE A 46 3.84 -1.04 -5.55
N LEU A 47 4.30 -1.95 -4.70
CA LEU A 47 5.66 -2.46 -4.75
C LEU A 47 5.95 -3.06 -6.12
N HIS A 48 4.91 -3.51 -6.81
CA HIS A 48 5.06 -4.11 -8.12
C HIS A 48 5.28 -3.04 -9.19
N HIS A 49 4.66 -1.88 -8.99
CA HIS A 49 4.79 -0.77 -9.94
C HIS A 49 6.26 -0.35 -10.08
N PHE A 50 6.94 -0.18 -8.94
CA PHE A 50 8.33 0.22 -8.94
C PHE A 50 9.22 -0.92 -9.44
N ARG A 51 8.89 -2.14 -9.04
CA ARG A 51 9.67 -3.31 -9.45
C ARG A 51 8.76 -4.51 -9.66
N PRO A 52 8.52 -4.87 -10.93
CA PRO A 52 7.67 -6.01 -11.29
C PRO A 52 8.31 -7.34 -10.93
N ASP A 53 9.49 -7.28 -10.35
CA ASP A 53 10.21 -8.50 -9.96
C ASP A 53 10.22 -8.65 -8.45
N LEU A 54 10.22 -7.53 -7.73
CA LEU A 54 10.23 -7.54 -6.27
C LEU A 54 9.18 -8.50 -5.74
N ILE A 55 8.02 -8.51 -6.36
CA ILE A 55 6.93 -9.40 -5.94
C ILE A 55 6.43 -10.24 -7.10
N ASP A 56 5.48 -11.13 -6.81
CA ASP A 56 4.92 -12.00 -7.84
C ASP A 56 3.49 -11.58 -8.19
N TYR A 57 3.22 -10.28 -8.07
CA TYR A 57 1.90 -9.75 -8.37
C TYR A 57 1.45 -10.16 -9.78
N LYS A 58 2.42 -10.48 -10.62
CA LYS A 58 2.13 -10.89 -11.99
C LYS A 58 1.31 -12.17 -12.01
N SER A 59 1.40 -12.95 -10.95
CA SER A 59 0.66 -14.20 -10.85
C SER A 59 -0.07 -14.31 -9.51
N LEU A 60 -0.43 -13.15 -8.96
CA LEU A 60 -1.13 -13.11 -7.68
C LEU A 60 -2.65 -13.08 -7.89
N ASN A 61 -3.38 -12.93 -6.80
CA ASN A 61 -4.84 -12.89 -6.86
C ASN A 61 -5.44 -12.51 -5.51
N PRO A 62 -6.69 -12.03 -5.52
CA PRO A 62 -7.39 -11.63 -4.31
C PRO A 62 -7.76 -12.83 -3.42
N GLN A 63 -7.33 -14.02 -3.85
CA GLN A 63 -7.63 -15.24 -3.10
C GLN A 63 -6.67 -15.39 -1.93
N ASP A 64 -5.63 -14.55 -1.90
CA ASP A 64 -4.64 -14.60 -0.83
C ASP A 64 -4.67 -13.32 -0.01
N ILE A 65 -5.07 -13.45 1.25
CA ILE A 65 -5.15 -12.30 2.15
C ILE A 65 -3.88 -12.17 2.98
N LYS A 66 -3.50 -13.26 3.66
CA LYS A 66 -2.31 -13.27 4.49
C LYS A 66 -1.05 -13.16 3.64
N GLU A 67 -0.90 -14.07 2.68
CA GLU A 67 0.26 -14.07 1.81
C GLU A 67 0.46 -12.70 1.15
N ASN A 68 -0.48 -12.32 0.29
CA ASN A 68 -0.41 -11.03 -0.40
C ASN A 68 0.19 -9.97 0.52
N ASN A 69 -0.19 -10.00 1.79
CA ASN A 69 0.30 -9.03 2.77
C ASN A 69 1.73 -9.36 3.17
N LYS A 70 1.98 -10.62 3.50
CA LYS A 70 3.31 -11.07 3.89
C LYS A 70 4.34 -10.74 2.83
N LYS A 71 3.97 -10.92 1.56
CA LYS A 71 4.86 -10.64 0.45
C LYS A 71 5.39 -9.21 0.53
N ALA A 72 4.48 -8.26 0.73
CA ALA A 72 4.86 -6.86 0.83
C ALA A 72 5.76 -6.61 2.04
N TYR A 73 5.23 -6.85 3.23
CA TYR A 73 5.99 -6.65 4.46
C TYR A 73 7.44 -7.10 4.29
N ASP A 74 7.62 -8.18 3.52
CA ASP A 74 8.96 -8.71 3.27
C ASP A 74 9.72 -7.84 2.28
N GLY A 75 9.01 -7.34 1.27
CA GLY A 75 9.64 -6.50 0.26
C GLY A 75 9.96 -5.12 0.79
N PHE A 76 8.93 -4.39 1.21
CA PHE A 76 9.12 -3.03 1.75
C PHE A 76 10.21 -3.02 2.83
N ALA A 77 10.09 -3.93 3.78
CA ALA A 77 11.06 -4.03 4.87
C ALA A 77 12.44 -4.40 4.34
N SER A 78 12.47 -5.09 3.21
CA SER A 78 13.73 -5.52 2.61
C SER A 78 14.70 -4.35 2.52
N ILE A 79 14.17 -3.15 2.31
CA ILE A 79 14.99 -1.95 2.21
C ILE A 79 15.13 -1.26 3.56
N GLY A 80 14.10 -1.38 4.39
CA GLY A 80 14.12 -0.76 5.70
C GLY A 80 12.73 -0.48 6.24
N ILE A 81 11.76 -0.36 5.33
CA ILE A 81 10.38 -0.09 5.72
C ILE A 81 9.86 -1.15 6.67
N SER A 82 10.03 -0.92 7.97
CA SER A 82 9.58 -1.86 8.98
C SER A 82 8.15 -2.32 8.70
N ARG A 83 7.70 -3.32 9.45
CA ARG A 83 6.36 -3.85 9.28
C ARG A 83 5.46 -3.47 10.46
N LEU A 84 4.55 -2.54 10.24
CA LEU A 84 3.64 -2.08 11.29
C LEU A 84 2.38 -2.94 11.32
N LEU A 85 1.93 -3.35 10.14
CA LEU A 85 0.74 -4.19 10.03
C LEU A 85 1.10 -5.63 9.72
N GLU A 86 0.39 -6.56 10.35
CA GLU A 86 0.64 -7.98 10.14
C GLU A 86 -0.36 -8.57 9.14
N PRO A 87 0.09 -9.57 8.38
CA PRO A 87 -0.75 -10.25 7.37
C PRO A 87 -1.85 -11.08 8.01
N SER A 88 -1.46 -11.94 8.96
CA SER A 88 -2.42 -12.80 9.65
C SER A 88 -3.57 -11.99 10.23
N ASP A 89 -3.23 -11.00 11.05
CA ASP A 89 -4.24 -10.15 11.67
C ASP A 89 -5.37 -9.84 10.70
N MET A 90 -5.01 -9.44 9.49
CA MET A 90 -5.99 -9.12 8.46
C MET A 90 -7.02 -10.24 8.31
N VAL A 91 -6.54 -11.48 8.27
CA VAL A 91 -7.40 -12.64 8.13
C VAL A 91 -8.24 -12.85 9.40
N LEU A 92 -7.58 -12.79 10.55
CA LEU A 92 -8.25 -12.98 11.83
C LEU A 92 -9.42 -12.00 11.97
N LEU A 93 -9.09 -10.71 12.12
CA LEU A 93 -10.11 -9.67 12.27
C LEU A 93 -10.84 -9.45 10.95
N ALA A 94 -12.13 -9.11 11.05
CA ALA A 94 -12.94 -8.86 9.87
C ALA A 94 -12.51 -7.58 9.16
N ILE A 95 -12.35 -6.51 9.93
CA ILE A 95 -11.93 -5.22 9.38
C ILE A 95 -10.74 -4.66 10.14
N PRO A 96 -9.65 -4.38 9.40
CA PRO A 96 -8.42 -3.84 9.97
C PRO A 96 -8.59 -2.39 10.44
N ASP A 97 -7.83 -2.00 11.45
CA ASP A 97 -7.90 -0.65 11.99
C ASP A 97 -7.41 0.37 10.96
N LYS A 98 -8.34 1.16 10.44
CA LYS A 98 -8.01 2.18 9.45
C LYS A 98 -6.82 3.01 9.90
N LEU A 99 -6.83 3.42 11.17
CA LEU A 99 -5.76 4.23 11.73
C LEU A 99 -4.40 3.52 11.56
N THR A 100 -4.34 2.27 12.00
CA THR A 100 -3.12 1.49 11.91
C THR A 100 -2.65 1.39 10.46
N VAL A 101 -3.51 0.91 9.59
CA VAL A 101 -3.18 0.77 8.18
C VAL A 101 -2.67 2.08 7.60
N MET A 102 -3.52 3.10 7.62
CA MET A 102 -3.14 4.41 7.10
C MET A 102 -1.76 4.82 7.60
N THR A 103 -1.51 4.57 8.88
CA THR A 103 -0.22 4.91 9.48
C THR A 103 0.93 4.27 8.72
N TYR A 104 0.87 2.96 8.56
CA TYR A 104 1.92 2.21 7.85
C TYR A 104 2.15 2.81 6.47
N LEU A 105 1.11 2.84 5.65
CA LEU A 105 1.20 3.38 4.30
C LEU A 105 2.01 4.67 4.28
N TYR A 106 1.56 5.65 5.07
CA TYR A 106 2.25 6.93 5.15
C TYR A 106 3.76 6.75 5.07
N GLN A 107 4.25 5.65 5.62
CA GLN A 107 5.68 5.36 5.61
C GLN A 107 6.17 5.12 4.19
N ILE A 108 5.56 4.16 3.51
CA ILE A 108 5.94 3.83 2.14
C ILE A 108 5.82 5.04 1.23
N ARG A 109 4.60 5.56 1.09
CA ARG A 109 4.37 6.72 0.25
C ARG A 109 5.37 7.83 0.54
N ALA A 110 5.75 7.96 1.80
CA ALA A 110 6.72 8.97 2.21
C ALA A 110 8.13 8.61 1.76
N HIS A 111 8.40 7.31 1.71
CA HIS A 111 9.71 6.83 1.30
C HIS A 111 9.96 7.13 -0.18
N PHE A 112 8.99 6.79 -1.02
CA PHE A 112 9.10 7.02 -2.46
C PHE A 112 8.80 8.47 -2.80
N SER A 113 7.76 9.01 -2.16
CA SER A 113 7.36 10.39 -2.41
C SER A 113 7.17 11.14 -1.09
N SER A 114 8.15 11.98 -0.74
CA SER A 114 8.09 12.74 0.49
C SER A 114 7.66 14.19 0.22
N GLY A 115 6.83 14.72 1.11
CA GLY A 115 6.36 16.09 0.94
C GLY A 115 6.97 17.04 1.95
N PRO A 116 6.58 18.32 1.88
CA PRO A 116 7.08 19.36 2.78
C PRO A 116 6.57 19.18 4.21
N SER A 117 7.44 18.63 5.07
CA SER A 117 7.08 18.40 6.46
C SER A 117 8.16 18.96 7.39
N SER A 118 7.89 18.87 8.69
CA SER A 118 8.84 19.37 9.69
C SER A 118 8.62 18.68 11.04
N GLY A 119 9.68 18.58 11.82
CA GLY A 119 9.59 17.94 13.12
C GLY A 119 8.74 16.68 13.09
#